data_8HMY
#
_entry.id   8HMY
#
_cell.length_a   1.00
_cell.length_b   1.00
_cell.length_c   1.00
_cell.angle_alpha   90.00
_cell.angle_beta   90.00
_cell.angle_gamma   90.00
#
_symmetry.space_group_name_H-M   'P 1'
#
loop_
_entity.id
_entity.type
_entity.pdbx_description
1 polymer 'tRNA-splicing endonuclease subunit Sen2'
2 polymer 'tRNA-splicing endonuclease subunit Sen34'
3 polymer Pre-tRNA
4 polymer 'tRNA-splicing endonuclease subunit Sen54'
5 polymer 'Chromosome 1 open reading frame 19, isoform CRA_a'
6 polymer "Polyribonucleotide 5'-hydroxyl-kinase Clp1"
7 non-polymer 'MAGNESIUM ION'
#
loop_
_entity_poly.entity_id
_entity_poly.type
_entity_poly.pdbx_seq_one_letter_code
_entity_poly.pdbx_strand_id
1 'polypeptide(L)'
;MASDYKDDDDKASDEVDAGTMAEAVFHAPKRKRRVYETYESPLPIPFGQDHGPLKEFKIFRAEMINNNVIVRNAEDIEQL
YGKGYFGKGILSRSRPSFTISDPKLVAKWKDMKTNMPIITSKRYQHSVEWAAELMRRQGQDESTVRRILKDYTKPLEHPP
VKRNEEAQVHDKLNSGMVSNMEGTAGGERPSVVNGDSGKSGGVGDPREPLGCLQEGSGCHPTTESFEKSVREDASPLPHV
CCCKQDALILQRGLHHEDGSQHIGLLHPGDRGPDHEYVLVEEAECAMSEREAAPNEELVQRNRLICRRNPYRIFEYLQLS
LEEAFFLVYALGCLSIYYEKEPLTIVKLWKAFTVVQPTFRTTYMAYHYFRSKGWVPKVGLKYGTDLLLYRKGPPFYAASY
SVIIELVDDHFEGSLRRPLSWKSLAALSRVSVNVSKELMLCYLIKPSTMTDKEMESPECMKRIKVQEVILSRWVSSRERS
DQDDL
;
A
2 'polypeptide(L)'
;MASDYKDDDDKASDEVDAGTMLVVEVANGRSLVWGAEAVQALRERLGVGGRTVGALPRGPRQNSRLGLPLLLMPEEARLL
AEIGAVTLVSAPRPDSRHHSLALTSFKRQQEESFQEQSALAAEARETRRQELLEKITEGQAAKKQKLEQASGASSSQEAG
SSQAAKEDETSDGQASGEQEEAGPSSSQAGPSNGVAPLPRSALLVQLATARPRPVKARPLDWRVQSKDWPHAGRPAHELR
YSIYRDLWERGFFLSAAGKFGGDFLVYPGDPLRFAAHYIAQCWAPEDTIPLQDLVAAGRLGTSVRKTLLLCSPQPDGKVV
YTSLQWASLQ
;
B
3 'polyribonucleotide'
;UAAUACGACUCACUAUAGGGGGCUCUGUGGCGCAAUGGAUAGCGCAUUGGACUUCUAGUGACGAAUAGAGCAAUUCAAAG
GUUGUGGGUUCGAAUCCCACCAGAGUCGGAUAUC
;
T
4 'polypeptide(L)'
;MASDYKDDDDKASDEVDAGTMEPEPEPAAVEVPAGRVLSARELFAARSRSQKLPQRSHGPKDFLPDGSAAQAERLRRCRE
ELWQLLAEQRVERLGSLVAAEWRPEEGFVELKSPAGKFWQTMGFSEQGRQRLHPEEALYLLECGSIHLFHQDLPLSIQEA
YQLLLTDHTVTFLQYQVFSHLKRLGYVVRRFQPSSVLSPYERQLNLDASVQHLEDGDGKRKRSSSSPRSINKKAKALDNS
LQPKSLAASSPPPCSQPSQCPEEKPQESSPMKGPGGPFQLLGSLGPSPGPAREGVGCSWESGRAENGVTGAGKRRWNFEQ
ISFPNMASDSRHTLLRAPAPELLPANVAGRETDAESWCQKLNQRKEKLSRREREHHAEAAQFQEDVNADPEVQRCSSWRE
YKELLQRRQVQRSQRRAPHLWGQPVTPLLSPGQASSPAVVLQHISVLQTTHLPDGGARLLEKSGGLEIIFDVYQADAVAT
FRKNNPGKPYARMCISGFDEPVPDLCSLKRLSYQSGDVPLIFALVDHGDISFYSFRDFTLPQDVGH
;
C
5 'polypeptide(L)'
;MASSAWSHPQFEKGGGSGGGSGGSAWSHPQFEKGSAAAMEERGDSEPTPGCSGLGPGGVRGFGDGGGAPSWAPEDAWMGT
HPKYLEMMELDIGDATQVYVAFLVYLDLMESKSWHEVNCVGLPELQLICLVGTEIEGEGLQTVVPTPITASLSHNRIREI
LKASRKLQGDPDLPMSFTLAIVESDSTIVYYKLTDGFMLPDPQVSFENISLRR
;
D
6 'polypeptide(L)'
;MASDYKDDDDKASDEVDAGTMGEEANDDKKPTTKFELERETELRFEVEASQSVQLELLTGMAEIFGTELTRNKKFTFDAG
AKVAVFTWHGCSVQLSGRTEVAYVSKDTPMLLYLNTHTALEQMRRQAEKEEERGPRVMVVGPTDVGKSTVCRLLLNYAVR
LGRRPTYVELDVGQGSVSIPGTMGALYIERPADVEEGFSIQAPLVYHFGSTTPGTNIKLYNKITSRLADVFNQRCEVNRR
ASVSGCVINTCGWVKGSGYQALVHAASAFEVDVVVVLDQERLYNELKRDLPHFVRTVLLPKSGGVVERSKDFRRECRDER
IREYFYGFRGCFYPHAFNVKFSDVKIYKVGAPTIPDSCLPLGMSQEDNQLKLVPVTPGRDMVHHLLSVSTAEGTEENLSE
TSVAGFIVVTSVDLEHQVFTVLSPAPRPLPKNFLLIMDIRFMDLK
;
E
#
# COMPACT_ATOMS: atom_id res chain seq x y z
N ARG A 34 -22.69 -21.06 8.00
CA ARG A 34 -23.42 -20.90 6.71
C ARG A 34 -22.44 -20.39 5.66
N VAL A 35 -22.78 -19.26 5.01
CA VAL A 35 -22.03 -18.63 3.88
C VAL A 35 -20.89 -17.78 4.45
N TYR A 36 -19.94 -18.37 5.17
CA TYR A 36 -18.86 -17.59 5.82
C TYR A 36 -17.52 -17.94 5.17
N GLU A 37 -17.23 -19.24 5.01
CA GLU A 37 -15.98 -19.83 4.42
C GLU A 37 -16.37 -20.76 3.27
N THR A 38 -15.42 -21.54 2.75
CA THR A 38 -15.70 -22.70 1.85
C THR A 38 -14.95 -23.90 2.40
N TYR A 39 -13.75 -24.22 1.91
CA TYR A 39 -12.92 -25.28 2.48
C TYR A 39 -12.84 -25.17 4.00
N GLU A 40 -13.22 -26.24 4.67
CA GLU A 40 -13.29 -26.31 6.13
C GLU A 40 -14.12 -25.15 6.69
N SER A 41 -15.39 -25.14 6.29
CA SER A 41 -16.35 -24.10 6.68
C SER A 41 -16.76 -24.27 8.14
N PRO A 42 -16.43 -23.33 9.01
CA PRO A 42 -16.92 -23.36 10.39
C PRO A 42 -18.36 -22.89 10.49
N LEU A 43 -18.88 -22.94 11.72
CA LEU A 43 -20.24 -22.51 12.02
C LEU A 43 -20.21 -21.12 12.65
N PRO A 44 -21.36 -20.44 12.78
CA PRO A 44 -21.36 -19.21 13.58
C PRO A 44 -21.16 -19.49 15.07
N ILE A 45 -21.73 -20.57 15.57
CA ILE A 45 -21.39 -21.04 16.91
C ILE A 45 -20.09 -21.83 16.86
N PRO A 46 -19.14 -21.59 17.77
CA PRO A 46 -17.84 -22.27 17.69
C PRO A 46 -17.92 -23.76 17.95
N PHE A 47 -18.85 -24.18 18.81
CA PHE A 47 -18.91 -25.56 19.25
C PHE A 47 -19.33 -26.47 18.09
N GLY A 48 -18.86 -27.71 18.14
CA GLY A 48 -19.27 -28.71 17.17
C GLY A 48 -18.17 -29.01 16.16
N GLN A 49 -18.19 -30.25 15.65
CA GLN A 49 -17.24 -30.64 14.62
C GLN A 49 -17.66 -30.06 13.27
N ASP A 50 -16.70 -30.01 12.34
CA ASP A 50 -16.94 -29.42 11.04
C ASP A 50 -16.52 -30.33 9.89
N HIS A 51 -16.30 -31.62 10.16
CA HIS A 51 -15.99 -32.61 9.13
C HIS A 51 -14.68 -32.25 8.40
N GLY A 52 -13.61 -32.24 9.20
CA GLY A 52 -12.33 -31.76 8.72
C GLY A 52 -11.17 -32.75 8.77
N PRO A 53 -11.36 -34.01 8.32
CA PRO A 53 -10.27 -34.98 8.43
C PRO A 53 -9.12 -34.65 7.49
N LEU A 54 -8.39 -33.59 7.81
CA LEU A 54 -7.36 -33.00 6.95
C LEU A 54 -6.37 -32.28 7.84
N LYS A 55 -5.60 -31.35 7.26
CA LYS A 55 -4.56 -30.62 7.99
C LYS A 55 -5.22 -29.71 9.01
N GLU A 56 -5.21 -30.13 10.27
CA GLU A 56 -5.88 -29.40 11.33
C GLU A 56 -5.11 -28.14 11.69
N PHE A 57 -5.78 -26.99 11.58
CA PHE A 57 -5.24 -25.73 12.05
C PHE A 57 -5.70 -25.43 13.48
N LYS A 58 -5.51 -24.21 13.94
CA LYS A 58 -5.90 -23.82 15.29
C LYS A 58 -6.57 -22.47 15.20
N ILE A 59 -7.85 -22.40 15.58
CA ILE A 59 -8.55 -21.13 15.57
C ILE A 59 -8.11 -20.29 16.76
N PHE A 60 -8.13 -18.97 16.58
CA PHE A 60 -7.58 -18.04 17.56
C PHE A 60 -8.70 -17.35 18.32
N ARG A 61 -8.39 -16.95 19.55
CA ARG A 61 -9.37 -16.42 20.50
C ARG A 61 -9.09 -14.96 20.80
N ALA A 62 -10.15 -14.18 20.97
CA ALA A 62 -10.03 -12.78 21.35
C ALA A 62 -11.23 -12.39 22.18
N GLU A 63 -11.04 -11.39 23.03
CA GLU A 63 -12.07 -10.90 23.93
C GLU A 63 -12.29 -9.41 23.69
N MET A 64 -13.55 -9.00 23.72
CA MET A 64 -13.94 -7.62 23.43
C MET A 64 -14.02 -6.86 24.76
N ILE A 65 -12.98 -6.11 25.07
CA ILE A 65 -12.87 -5.37 26.32
C ILE A 65 -13.21 -3.90 26.05
N ASN A 66 -14.31 -3.44 26.64
CA ASN A 66 -14.85 -2.08 26.51
C ASN A 66 -14.66 -1.50 25.10
N ASN A 67 -15.21 -2.18 24.10
CA ASN A 67 -15.24 -1.73 22.71
C ASN A 67 -13.86 -1.78 22.05
N ASN A 68 -13.03 -2.74 22.46
CA ASN A 68 -11.76 -3.01 21.81
C ASN A 68 -11.51 -4.51 21.83
N VAL A 69 -10.68 -4.97 20.90
CA VAL A 69 -10.40 -6.39 20.72
C VAL A 69 -8.92 -6.64 20.96
N ILE A 70 -8.62 -7.61 21.83
CA ILE A 70 -7.25 -7.95 22.20
C ILE A 70 -7.09 -9.46 22.26
N VAL A 71 -5.89 -9.92 21.93
CA VAL A 71 -5.53 -11.34 22.00
C VAL A 71 -4.24 -11.45 22.81
N ARG A 72 -4.17 -12.48 23.66
CA ARG A 72 -3.11 -12.57 24.66
C ARG A 72 -2.14 -13.73 24.46
N ASN A 73 -2.59 -14.85 23.90
CA ASN A 73 -1.74 -16.03 23.80
C ASN A 73 -0.54 -15.78 22.88
N ALA A 74 0.59 -16.38 23.22
CA ALA A 74 1.88 -16.04 22.63
C ALA A 74 1.96 -16.39 21.14
N GLU A 75 1.85 -17.68 20.82
CA GLU A 75 1.97 -18.07 19.41
C GLU A 75 0.87 -17.44 18.57
N ASP A 76 -0.30 -17.22 19.16
CA ASP A 76 -1.38 -16.54 18.44
C ASP A 76 -0.97 -15.12 18.07
N ILE A 77 -0.41 -14.39 19.03
CA ILE A 77 0.09 -13.04 18.75
C ILE A 77 1.12 -13.08 17.64
N GLU A 78 2.17 -13.88 17.83
CA GLU A 78 3.30 -13.84 16.90
C GLU A 78 2.91 -14.34 15.51
N GLN A 79 1.91 -15.21 15.39
CA GLN A 79 1.49 -15.68 14.08
C GLN A 79 0.48 -14.76 13.42
N LEU A 80 -0.51 -14.26 14.18
CA LEU A 80 -1.40 -13.23 13.65
C LEU A 80 -0.61 -12.05 13.12
N TYR A 81 0.53 -11.74 13.74
CA TYR A 81 1.37 -10.70 13.16
C TYR A 81 2.30 -11.25 12.08
N GLY A 82 2.62 -12.55 12.14
CA GLY A 82 3.47 -13.14 11.12
C GLY A 82 2.70 -13.63 9.91
N LYS A 83 1.41 -13.95 10.11
CA LYS A 83 0.54 -14.39 9.02
C LYS A 83 -0.37 -13.23 8.63
N GLY A 84 -0.22 -12.75 7.40
CA GLY A 84 -1.05 -11.70 6.89
C GLY A 84 -0.78 -10.31 7.44
N TYR A 85 0.12 -10.17 8.42
CA TYR A 85 0.47 -8.89 9.02
C TYR A 85 -0.76 -8.20 9.60
N PHE A 86 -1.37 -8.86 10.59
CA PHE A 86 -2.57 -8.36 11.23
C PHE A 86 -2.23 -7.63 12.53
N GLY A 87 -3.04 -6.63 12.86
CA GLY A 87 -2.98 -5.98 14.14
C GLY A 87 -1.69 -5.20 14.41
N LYS A 88 -1.60 -4.74 15.66
CA LYS A 88 -0.45 -3.98 16.13
C LYS A 88 -0.31 -4.18 17.63
N GLY A 89 0.91 -4.36 18.10
CA GLY A 89 1.14 -4.44 19.53
C GLY A 89 0.77 -3.16 20.25
N ILE A 90 0.52 -3.29 21.55
CA ILE A 90 0.05 -2.16 22.35
C ILE A 90 1.15 -1.09 22.45
N LEU A 91 2.31 -1.49 22.97
CA LEU A 91 3.34 -0.52 23.34
C LEU A 91 4.30 -0.21 22.20
N SER A 92 4.83 -1.26 21.57
CA SER A 92 5.81 -1.13 20.45
C SER A 92 5.13 -0.56 19.20
N ARG A 93 5.91 0.08 18.31
CA ARG A 93 5.37 0.86 17.20
C ARG A 93 4.71 -0.02 16.15
N SER A 94 5.49 -0.90 15.51
CA SER A 94 4.99 -1.70 14.40
C SER A 94 4.63 -3.12 14.82
N ARG A 95 5.59 -3.86 15.36
CA ARG A 95 5.44 -5.25 15.74
C ARG A 95 5.18 -5.35 17.24
N PRO A 96 4.78 -6.52 17.73
CA PRO A 96 4.69 -6.70 19.20
C PRO A 96 6.01 -7.15 19.81
N SER A 97 6.95 -6.21 19.89
CA SER A 97 8.32 -6.50 20.33
C SER A 97 8.77 -5.55 21.44
N PHE A 98 7.88 -5.23 22.39
CA PHE A 98 8.25 -4.40 23.52
C PHE A 98 8.79 -5.29 24.64
N THR A 99 10.00 -5.01 25.11
CA THR A 99 10.60 -5.72 26.22
C THR A 99 10.86 -4.76 27.37
N ILE A 100 10.78 -5.29 28.60
CA ILE A 100 10.98 -4.48 29.79
C ILE A 100 12.40 -3.94 29.87
N SER A 101 13.35 -4.61 29.23
CA SER A 101 14.74 -4.21 29.29
C SER A 101 14.93 -2.82 28.70
N ASP A 102 16.03 -2.17 29.12
CA ASP A 102 16.35 -0.82 28.69
C ASP A 102 17.39 -0.86 27.60
N PRO A 103 17.17 -0.17 26.48
CA PRO A 103 18.19 -0.13 25.42
C PRO A 103 19.49 0.53 25.87
N LYS A 104 19.44 1.39 26.89
CA LYS A 104 20.65 2.03 27.38
C LYS A 104 21.48 1.10 28.24
N LEU A 105 20.84 0.40 29.18
CA LEU A 105 21.56 -0.43 30.13
C LEU A 105 22.08 -1.73 29.53
N VAL A 106 21.76 -2.03 28.27
CA VAL A 106 22.38 -3.18 27.63
C VAL A 106 23.87 -2.92 27.40
N ALA A 107 24.23 -1.69 27.06
CA ALA A 107 25.58 -1.37 26.62
C ALA A 107 26.59 -1.33 27.76
N LYS A 108 26.17 -1.41 29.02
CA LYS A 108 27.11 -1.33 30.13
C LYS A 108 27.78 -2.68 30.40
N TRP A 109 27.00 -3.75 30.47
CA TRP A 109 27.56 -5.07 30.75
C TRP A 109 27.13 -6.09 29.69
N LYS A 110 27.40 -5.78 28.43
CA LYS A 110 27.00 -6.63 27.32
C LYS A 110 27.59 -8.04 27.41
N ASP A 111 28.73 -8.19 28.07
CA ASP A 111 29.58 -9.36 27.85
C ASP A 111 29.10 -10.62 28.58
N MET A 112 28.45 -10.48 29.74
CA MET A 112 28.23 -11.63 30.62
C MET A 112 27.03 -12.45 30.16
N LYS A 113 27.16 -13.77 30.25
CA LYS A 113 26.14 -14.71 29.81
C LYS A 113 24.95 -14.67 30.77
N THR A 114 24.02 -13.75 30.48
CA THR A 114 22.78 -13.69 31.23
C THR A 114 21.60 -13.61 30.27
N ASN A 115 20.40 -13.43 30.80
CA ASN A 115 19.18 -13.34 30.00
C ASN A 115 18.70 -11.90 29.92
N MET A 116 17.47 -11.73 29.42
CA MET A 116 16.87 -10.45 29.04
C MET A 116 16.86 -9.40 30.14
N PRO A 117 16.19 -9.63 31.27
CA PRO A 117 15.80 -8.49 32.13
C PRO A 117 17.00 -7.90 32.86
N ILE A 118 17.35 -6.67 32.49
CA ILE A 118 18.28 -5.83 33.25
C ILE A 118 17.75 -4.41 33.25
N ILE A 119 17.14 -3.99 34.35
CA ILE A 119 16.35 -2.78 34.39
C ILE A 119 16.97 -1.80 35.39
N THR A 120 16.53 -0.55 35.31
CA THR A 120 16.93 0.48 36.26
C THR A 120 16.01 0.45 37.49
N SER A 121 16.52 0.97 38.60
CA SER A 121 15.80 0.95 39.85
C SER A 121 14.65 1.95 39.91
N LYS A 122 14.56 2.88 38.95
CA LYS A 122 13.47 3.85 38.96
C LYS A 122 12.13 3.17 38.67
N ARG A 123 12.05 2.48 37.52
CA ARG A 123 10.82 1.74 37.22
C ARG A 123 10.61 0.60 38.20
N TYR A 124 11.69 0.07 38.76
CA TYR A 124 11.55 -0.93 39.83
C TYR A 124 10.91 -0.32 41.06
N GLN A 125 11.27 0.92 41.40
CA GLN A 125 10.58 1.62 42.48
C GLN A 125 9.11 1.82 42.15
N HIS A 126 8.81 2.11 40.87
CA HIS A 126 7.42 2.09 40.43
C HIS A 126 6.87 0.68 40.41
N SER A 127 7.73 -0.32 40.16
CA SER A 127 7.33 -1.72 40.28
C SER A 127 7.14 -2.13 41.75
N VAL A 128 7.74 -1.39 42.68
CA VAL A 128 7.55 -1.70 44.09
C VAL A 128 6.15 -1.30 44.55
N GLU A 129 5.76 -0.06 44.28
CA GLU A 129 4.55 0.49 44.88
C GLU A 129 3.29 0.17 44.08
N TRP A 130 3.39 0.04 42.75
CA TRP A 130 2.19 -0.21 41.97
C TRP A 130 1.55 -1.55 42.32
N ALA A 131 2.26 -2.41 43.02
CA ALA A 131 1.68 -3.60 43.65
C ALA A 131 1.39 -3.36 45.12
N ALA A 132 2.21 -2.54 45.79
CA ALA A 132 2.05 -2.31 47.22
C ALA A 132 0.75 -1.61 47.55
N GLU A 133 0.24 -0.77 46.64
CA GLU A 133 -1.02 -0.07 46.91
C GLU A 133 -2.18 -1.06 46.94
N LEU A 134 -2.23 -1.99 45.99
CA LEU A 134 -3.22 -3.06 46.04
C LEU A 134 -3.01 -3.99 47.22
N MET A 135 -1.79 -4.07 47.76
CA MET A 135 -1.59 -4.76 49.02
C MET A 135 -2.33 -4.04 50.14
N ARG A 136 -2.26 -2.70 50.15
CA ARG A 136 -3.08 -1.92 51.06
C ARG A 136 -4.55 -2.00 50.70
N ARG A 137 -4.87 -2.14 49.40
CA ARG A 137 -6.25 -2.31 48.98
C ARG A 137 -6.78 -3.70 49.28
N GLN A 138 -5.92 -4.64 49.68
CA GLN A 138 -6.36 -5.98 50.07
C GLN A 138 -6.90 -6.04 51.50
N GLY A 139 -6.98 -4.89 52.18
CA GLY A 139 -7.56 -4.81 53.50
C GLY A 139 -6.59 -4.88 54.65
N GLN A 140 -5.34 -5.26 54.42
CA GLN A 140 -4.37 -5.36 55.51
C GLN A 140 -3.69 -4.01 55.73
N ASP A 141 -3.43 -3.71 56.99
CA ASP A 141 -3.04 -2.37 57.40
C ASP A 141 -1.54 -2.13 57.25
N GLU A 142 -1.09 -0.99 57.77
CA GLU A 142 0.27 -0.50 57.57
C GLU A 142 1.33 -1.38 58.22
N SER A 143 0.93 -2.32 59.08
CA SER A 143 1.91 -3.07 59.86
C SER A 143 2.85 -3.89 58.98
N THR A 144 2.34 -4.45 57.88
CA THR A 144 3.11 -5.38 57.07
C THR A 144 3.38 -4.91 55.64
N VAL A 145 2.68 -3.87 55.18
CA VAL A 145 2.67 -3.52 53.75
C VAL A 145 4.08 -3.44 53.18
N ARG A 146 5.01 -2.85 53.94
CA ARG A 146 6.39 -2.79 53.45
C ARG A 146 7.14 -4.08 53.76
N ARG A 147 6.81 -4.75 54.86
CA ARG A 147 7.53 -5.96 55.25
C ARG A 147 7.25 -7.12 54.30
N ILE A 148 6.06 -7.16 53.70
CA ILE A 148 5.80 -8.18 52.68
C ILE A 148 6.68 -7.94 51.47
N LEU A 149 6.94 -6.67 51.15
CA LEU A 149 7.78 -6.32 50.02
C LEU A 149 9.27 -6.34 50.35
N LYS A 150 9.63 -5.93 51.57
CA LYS A 150 11.03 -6.03 51.99
C LYS A 150 11.47 -7.47 52.15
N ASP A 151 10.53 -8.41 52.26
CA ASP A 151 10.84 -9.82 52.14
C ASP A 151 10.73 -10.29 50.69
N TYR A 152 9.84 -9.67 49.91
CA TYR A 152 9.69 -10.01 48.50
C TYR A 152 10.90 -9.59 47.67
N THR A 153 11.71 -8.66 48.16
CA THR A 153 12.95 -8.29 47.49
C THR A 153 14.12 -9.19 47.86
N LYS A 154 13.85 -10.41 48.33
CA LYS A 154 14.89 -11.38 48.65
C LYS A 154 15.77 -11.66 47.44
N GLU A 276 8.60 -15.02 35.55
CA GLU A 276 8.13 -14.89 36.92
C GLU A 276 9.18 -14.19 37.78
N TYR A 277 10.30 -13.81 37.16
CA TYR A 277 11.40 -13.18 37.86
C TYR A 277 12.06 -12.14 36.96
N VAL A 278 12.69 -11.16 37.59
CA VAL A 278 13.41 -10.10 36.89
C VAL A 278 14.74 -9.87 37.60
N LEU A 279 15.72 -9.35 36.85
CA LEU A 279 17.03 -9.05 37.41
C LEU A 279 17.17 -7.53 37.51
N VAL A 280 16.76 -6.99 38.65
CA VAL A 280 16.88 -5.56 38.90
C VAL A 280 18.28 -5.27 39.43
N GLU A 281 19.05 -4.48 38.67
CA GLU A 281 20.42 -4.17 39.04
C GLU A 281 20.47 -2.84 39.77
N GLU A 282 21.49 -2.69 40.62
CA GLU A 282 21.71 -1.45 41.35
C GLU A 282 22.12 -0.34 40.39
N GLN A 300 31.70 3.28 42.50
CA GLN A 300 30.47 2.61 42.92
C GLN A 300 30.15 1.43 42.00
N ARG A 301 29.67 0.36 42.60
CA ARG A 301 29.37 -0.88 41.90
C ARG A 301 27.87 -1.01 41.64
N ASN A 302 27.52 -1.43 40.43
CA ASN A 302 26.13 -1.69 40.06
C ASN A 302 25.91 -3.21 40.09
N ARG A 303 25.31 -3.69 41.17
CA ARG A 303 25.08 -5.12 41.38
C ARG A 303 23.66 -5.49 40.99
N LEU A 304 23.49 -6.71 40.50
CA LEU A 304 22.17 -7.24 40.16
C LEU A 304 21.78 -8.33 41.16
N ILE A 305 20.58 -8.20 41.74
CA ILE A 305 20.02 -9.22 42.60
C ILE A 305 18.69 -9.63 42.00
N CYS A 306 18.57 -10.91 41.62
CA CYS A 306 17.39 -11.39 40.92
C CYS A 306 16.13 -11.14 41.76
N ARG A 307 15.15 -10.49 41.14
CA ARG A 307 13.93 -10.09 41.81
C ARG A 307 12.75 -10.91 41.31
N ARG A 308 11.78 -11.13 42.19
CA ARG A 308 10.50 -11.72 41.80
C ARG A 308 9.59 -10.63 41.27
N ASN A 309 8.84 -10.95 40.23
CA ASN A 309 7.97 -9.97 39.59
C ASN A 309 6.76 -9.68 40.47
N PRO A 310 6.62 -8.48 41.04
CA PRO A 310 5.48 -8.23 41.93
C PRO A 310 4.16 -8.12 41.20
N TYR A 311 4.11 -7.39 40.08
CA TYR A 311 2.89 -7.15 39.34
C TYR A 311 3.10 -7.53 37.88
N ARG A 312 2.14 -8.24 37.32
CA ARG A 312 2.29 -8.80 35.98
C ARG A 312 2.33 -7.70 34.92
N ILE A 313 3.27 -7.83 33.99
CA ILE A 313 3.46 -6.84 32.93
C ILE A 313 3.35 -7.54 31.58
N PHE A 314 2.47 -8.55 31.50
CA PHE A 314 2.24 -9.30 30.27
C PHE A 314 1.92 -8.40 29.08
N GLU A 315 2.21 -8.89 27.88
CA GLU A 315 1.98 -8.14 26.65
C GLU A 315 0.97 -8.87 25.77
N TYR A 316 0.04 -8.12 25.19
CA TYR A 316 -1.00 -8.70 24.37
C TYR A 316 -1.23 -7.84 23.13
N LEU A 317 -1.58 -8.50 22.03
CA LEU A 317 -1.82 -7.83 20.76
C LEU A 317 -3.26 -7.31 20.72
N GLN A 318 -3.45 -6.21 20.00
CA GLN A 318 -4.75 -5.60 19.82
C GLN A 318 -5.05 -5.50 18.33
N LEU A 319 -6.26 -5.92 17.94
CA LEU A 319 -6.70 -5.90 16.55
C LEU A 319 -7.81 -4.89 16.38
N SER A 320 -7.84 -4.24 15.22
CA SER A 320 -8.92 -3.32 14.93
C SER A 320 -10.22 -4.09 14.69
N LEU A 321 -11.33 -3.34 14.67
CA LEU A 321 -12.63 -3.97 14.49
C LEU A 321 -12.76 -4.59 13.10
N GLU A 322 -12.29 -3.89 12.07
CA GLU A 322 -12.44 -4.38 10.71
C GLU A 322 -11.61 -5.64 10.49
N GLU A 323 -10.37 -5.65 10.98
CA GLU A 323 -9.52 -6.84 10.85
C GLU A 323 -10.13 -8.01 11.62
N ALA A 324 -10.66 -7.74 12.81
CA ALA A 324 -11.30 -8.79 13.59
C ALA A 324 -12.47 -9.41 12.83
N PHE A 325 -13.33 -8.57 12.26
CA PHE A 325 -14.48 -9.11 11.53
C PHE A 325 -14.04 -9.79 10.23
N PHE A 326 -12.94 -9.34 9.63
CA PHE A 326 -12.43 -10.02 8.44
C PHE A 326 -11.93 -11.41 8.77
N LEU A 327 -11.29 -11.58 9.92
CA LEU A 327 -10.87 -12.91 10.34
C LEU A 327 -12.04 -13.77 10.79
N VAL A 328 -13.08 -13.16 11.38
CA VAL A 328 -14.21 -13.92 11.87
C VAL A 328 -15.10 -14.39 10.72
N TYR A 329 -15.57 -13.45 9.91
CA TYR A 329 -16.51 -13.78 8.83
C TYR A 329 -15.80 -14.36 7.62
N ALA A 330 -14.92 -13.57 7.01
CA ALA A 330 -14.29 -13.98 5.75
C ALA A 330 -13.29 -15.11 5.91
N LEU A 331 -12.85 -15.40 7.12
CA LEU A 331 -11.83 -16.43 7.32
C LEU A 331 -12.25 -17.49 8.32
N GLY A 332 -12.96 -17.12 9.39
CA GLY A 332 -13.50 -18.08 10.32
C GLY A 332 -12.52 -18.67 11.32
N CYS A 333 -11.25 -18.28 11.28
CA CYS A 333 -10.28 -18.81 12.21
C CYS A 333 -10.13 -17.96 13.47
N LEU A 334 -10.95 -16.93 13.64
CA LEU A 334 -10.93 -16.10 14.83
C LEU A 334 -12.27 -16.20 15.54
N SER A 335 -12.22 -16.15 16.87
CA SER A 335 -13.42 -16.27 17.71
C SER A 335 -13.39 -15.17 18.76
N ILE A 336 -14.40 -14.30 18.72
CA ILE A 336 -14.52 -13.18 19.65
C ILE A 336 -15.30 -13.66 20.87
N TYR A 337 -14.88 -13.18 22.05
CA TYR A 337 -15.51 -13.54 23.31
C TYR A 337 -16.14 -12.32 23.97
N TYR A 338 -17.03 -12.58 24.91
CA TYR A 338 -17.69 -11.52 25.67
C TYR A 338 -18.22 -12.12 26.95
N GLU A 339 -17.61 -11.76 28.08
CA GLU A 339 -17.94 -12.35 29.38
C GLU A 339 -17.89 -13.87 29.32
N LYS A 340 -16.80 -14.39 28.75
CA LYS A 340 -16.54 -15.81 28.58
C LYS A 340 -17.50 -16.47 27.60
N GLU A 341 -18.23 -15.68 26.81
CA GLU A 341 -19.23 -16.20 25.89
C GLU A 341 -18.88 -15.80 24.46
N PRO A 342 -18.56 -16.75 23.58
CA PRO A 342 -18.34 -16.41 22.17
C PRO A 342 -19.61 -15.87 21.52
N LEU A 343 -19.42 -15.04 20.51
CA LEU A 343 -20.53 -14.37 19.84
C LEU A 343 -20.61 -14.82 18.38
N THR A 344 -21.71 -14.43 17.74
CA THR A 344 -22.05 -14.83 16.39
C THR A 344 -21.50 -13.81 15.38
N ILE A 345 -21.96 -13.89 14.14
CA ILE A 345 -21.49 -12.99 13.09
C ILE A 345 -22.34 -11.72 13.07
N VAL A 346 -23.66 -11.88 12.97
CA VAL A 346 -24.54 -10.72 12.88
C VAL A 346 -24.57 -9.93 14.17
N LYS A 347 -24.38 -10.57 15.32
CA LYS A 347 -24.29 -9.82 16.57
C LYS A 347 -23.02 -8.98 16.61
N LEU A 348 -21.90 -9.53 16.15
CA LEU A 348 -20.69 -8.72 16.01
C LEU A 348 -20.91 -7.58 15.02
N TRP A 349 -21.62 -7.84 13.92
CA TRP A 349 -21.92 -6.79 12.96
C TRP A 349 -22.67 -5.64 13.62
N LYS A 350 -23.75 -5.95 14.34
CA LYS A 350 -24.55 -4.91 14.97
C LYS A 350 -23.80 -4.21 16.10
N ALA A 351 -23.00 -4.95 16.87
CA ALA A 351 -22.25 -4.34 17.96
C ALA A 351 -21.20 -3.37 17.41
N PHE A 352 -20.47 -3.80 16.37
CA PHE A 352 -19.45 -2.94 15.79
C PHE A 352 -20.07 -1.75 15.07
N THR A 353 -21.28 -1.91 14.53
CA THR A 353 -21.97 -0.75 13.96
C THR A 353 -22.44 0.21 15.03
N VAL A 354 -22.79 -0.31 16.22
CA VAL A 354 -23.19 0.54 17.32
C VAL A 354 -22.01 1.35 17.83
N VAL A 355 -20.90 0.67 18.17
CA VAL A 355 -19.74 1.40 18.69
C VAL A 355 -19.12 2.28 17.62
N GLN A 356 -19.15 1.84 16.36
CA GLN A 356 -18.60 2.62 15.26
C GLN A 356 -19.69 2.86 14.22
N PRO A 357 -20.21 4.08 14.10
CA PRO A 357 -21.29 4.33 13.13
C PRO A 357 -20.85 4.25 11.68
N THR A 358 -19.59 3.92 11.41
CA THR A 358 -19.08 3.79 10.05
C THR A 358 -18.28 2.51 9.89
N PHE A 359 -18.80 1.41 10.43
CA PHE A 359 -18.12 0.13 10.34
C PHE A 359 -18.43 -0.60 9.04
N ARG A 360 -19.65 -0.48 8.54
CA ARG A 360 -20.01 -1.16 7.29
C ARG A 360 -19.16 -0.67 6.13
N THR A 361 -19.10 0.65 5.92
CA THR A 361 -18.39 1.21 4.79
C THR A 361 -16.90 0.85 4.84
N THR A 362 -16.25 1.13 5.97
CA THR A 362 -14.81 0.90 6.05
C THR A 362 -14.49 -0.58 5.99
N TYR A 363 -15.35 -1.44 6.55
CA TYR A 363 -15.10 -2.87 6.44
C TYR A 363 -15.26 -3.36 5.01
N MET A 364 -16.21 -2.80 4.27
CA MET A 364 -16.36 -3.18 2.87
C MET A 364 -15.12 -2.79 2.07
N ALA A 365 -14.65 -1.56 2.27
CA ALA A 365 -13.43 -1.12 1.58
C ALA A 365 -12.25 -2.01 1.96
N TYR A 366 -12.10 -2.31 3.26
CA TYR A 366 -11.00 -3.14 3.73
C TYR A 366 -11.05 -4.54 3.14
N HIS A 367 -12.23 -5.16 3.12
CA HIS A 367 -12.38 -6.49 2.54
C HIS A 367 -12.04 -6.49 1.07
N TYR A 368 -12.60 -5.53 0.32
CA TYR A 368 -12.29 -5.43 -1.10
C TYR A 368 -10.78 -5.33 -1.34
N PHE A 369 -10.12 -4.43 -0.63
CA PHE A 369 -8.71 -4.18 -0.89
C PHE A 369 -7.82 -5.33 -0.41
N ARG A 370 -8.23 -6.06 0.61
CA ARG A 370 -7.39 -7.16 1.08
C ARG A 370 -7.62 -8.45 0.30
N SER A 371 -8.82 -8.64 -0.25
CA SER A 371 -9.08 -9.82 -1.07
C SER A 371 -8.22 -9.89 -2.31
N LYS A 372 -7.54 -8.80 -2.67
CA LYS A 372 -6.66 -8.76 -3.83
C LYS A 372 -5.19 -8.88 -3.45
N GLY A 373 -4.90 -9.37 -2.26
CA GLY A 373 -3.53 -9.58 -1.82
C GLY A 373 -2.87 -8.38 -1.16
N TRP A 374 -3.44 -7.20 -1.27
CA TRP A 374 -2.87 -6.03 -0.63
C TRP A 374 -3.02 -6.12 0.89
N VAL A 375 -2.25 -5.30 1.58
CA VAL A 375 -2.29 -5.26 3.04
C VAL A 375 -2.73 -3.87 3.48
N PRO A 376 -3.93 -3.72 4.04
CA PRO A 376 -4.39 -2.40 4.47
C PRO A 376 -4.00 -2.09 5.91
N LYS A 377 -3.64 -0.83 6.13
CA LYS A 377 -3.33 -0.31 7.46
C LYS A 377 -3.92 1.08 7.59
N VAL A 378 -4.32 1.45 8.81
CA VAL A 378 -4.94 2.73 9.03
C VAL A 378 -3.99 3.84 8.61
N GLY A 379 -4.56 4.90 8.03
CA GLY A 379 -3.78 6.02 7.56
C GLY A 379 -3.98 7.25 8.41
N LEU A 380 -3.98 7.05 9.73
CA LEU A 380 -4.25 8.14 10.66
C LEU A 380 -3.23 9.26 10.50
N LYS A 381 -1.94 8.92 10.44
CA LYS A 381 -0.89 9.93 10.43
C LYS A 381 -0.95 10.83 9.21
N TYR A 382 -1.60 10.41 8.14
CA TYR A 382 -1.69 11.22 6.93
C TYR A 382 -3.06 11.83 6.71
N GLY A 383 -4.02 11.52 7.58
CA GLY A 383 -5.36 12.07 7.43
C GLY A 383 -6.25 11.31 6.47
N THR A 384 -5.79 10.20 5.92
CA THR A 384 -6.59 9.39 5.02
C THR A 384 -7.31 8.32 5.84
N ASP A 385 -7.90 7.34 5.15
CA ASP A 385 -8.61 6.26 5.80
C ASP A 385 -7.81 4.96 5.87
N LEU A 386 -7.17 4.57 4.78
CA LEU A 386 -6.40 3.34 4.73
C LEU A 386 -5.08 3.59 4.00
N LEU A 387 -4.12 2.72 4.26
CA LEU A 387 -2.84 2.72 3.56
C LEU A 387 -2.57 1.31 3.09
N LEU A 388 -2.27 1.14 1.81
CA LEU A 388 -2.22 -0.16 1.16
C LEU A 388 -0.76 -0.56 0.93
N TYR A 389 -0.34 -1.65 1.55
CA TYR A 389 1.01 -2.15 1.44
C TYR A 389 1.05 -3.36 0.51
N ARG A 390 2.10 -3.45 -0.30
CA ARG A 390 2.22 -4.52 -1.27
C ARG A 390 2.38 -5.87 -0.58
N LYS A 391 3.39 -5.99 0.28
CA LYS A 391 3.63 -7.22 1.02
C LYS A 391 3.69 -7.03 2.52
N GLY A 392 3.70 -5.79 3.01
CA GLY A 392 3.73 -5.53 4.43
C GLY A 392 4.69 -4.43 4.80
N PRO A 393 4.53 -3.87 6.00
CA PRO A 393 5.37 -2.74 6.43
C PRO A 393 6.86 -3.07 6.40
N PRO A 394 7.29 -4.25 6.88
CA PRO A 394 8.73 -4.55 6.77
C PRO A 394 9.18 -4.83 5.36
N PHE A 395 8.35 -5.51 4.56
CA PHE A 395 8.77 -5.88 3.21
C PHE A 395 8.85 -4.66 2.30
N TYR A 396 7.81 -3.84 2.27
CA TYR A 396 7.75 -2.68 1.40
C TYR A 396 7.07 -1.53 2.12
N ALA A 397 6.89 -0.43 1.41
CA ALA A 397 6.13 0.71 1.90
C ALA A 397 4.76 0.74 1.24
N ALA A 398 3.92 1.65 1.74
CA ALA A 398 2.58 1.80 1.17
C ALA A 398 2.66 2.49 -0.18
N SER A 399 1.78 2.08 -1.09
CA SER A 399 1.69 2.67 -2.41
C SER A 399 0.45 3.53 -2.61
N TYR A 400 -0.59 3.33 -1.80
CA TYR A 400 -1.87 3.98 -2.00
C TYR A 400 -2.45 4.43 -0.67
N SER A 401 -3.06 5.61 -0.67
CA SER A 401 -3.87 6.10 0.43
C SER A 401 -5.30 6.24 -0.05
N VAL A 402 -6.24 5.67 0.72
CA VAL A 402 -7.61 5.45 0.27
C VAL A 402 -8.55 6.34 1.07
N ILE A 403 -9.53 6.94 0.38
CA ILE A 403 -10.58 7.73 1.01
C ILE A 403 -11.92 7.13 0.58
N ILE A 404 -12.72 6.70 1.55
CA ILE A 404 -13.89 5.88 1.29
C ILE A 404 -15.16 6.68 1.53
N GLU A 405 -16.23 6.32 0.82
CA GLU A 405 -17.54 6.90 1.04
C GLU A 405 -18.59 5.98 0.42
N LEU A 406 -19.85 6.22 0.80
CA LEU A 406 -20.98 5.39 0.41
C LEU A 406 -21.97 6.22 -0.40
N VAL A 407 -22.43 5.67 -1.53
CA VAL A 407 -23.42 6.30 -2.38
C VAL A 407 -24.42 5.24 -2.85
N ASP A 408 -25.39 5.68 -3.64
CA ASP A 408 -26.48 4.82 -4.12
C ASP A 408 -26.29 4.56 -5.62
N ASP A 409 -27.15 3.69 -6.17
CA ASP A 409 -27.06 3.43 -7.61
C ASP A 409 -27.53 4.63 -8.43
N HIS A 410 -28.49 5.40 -7.94
CA HIS A 410 -28.75 6.72 -8.47
C HIS A 410 -28.05 7.79 -7.66
N PHE A 411 -27.15 7.38 -6.75
CA PHE A 411 -26.20 8.27 -6.08
C PHE A 411 -26.88 9.24 -5.12
N GLU A 412 -27.65 8.68 -4.21
CA GLU A 412 -28.15 9.37 -3.02
C GLU A 412 -27.32 8.95 -1.81
N GLY A 413 -27.14 9.88 -0.89
CA GLY A 413 -26.38 9.58 0.31
C GLY A 413 -25.44 10.69 0.73
N SER A 414 -25.35 10.95 2.04
CA SER A 414 -24.47 11.98 2.57
C SER A 414 -23.13 11.36 2.94
N LEU A 415 -22.05 11.95 2.43
CA LEU A 415 -20.72 11.47 2.76
C LEU A 415 -20.38 11.79 4.20
N ARG A 416 -19.72 10.84 4.87
CA ARG A 416 -19.41 10.99 6.29
C ARG A 416 -18.51 12.20 6.53
N ARG A 417 -17.38 12.27 5.84
CA ARG A 417 -16.57 13.48 5.88
C ARG A 417 -16.81 14.28 4.60
N PRO A 418 -17.45 15.44 4.67
CA PRO A 418 -17.72 16.20 3.44
C PRO A 418 -16.43 16.69 2.81
N LEU A 419 -16.26 16.40 1.52
CA LEU A 419 -15.03 16.67 0.80
C LEU A 419 -15.14 18.02 0.10
N SER A 420 -14.31 18.97 0.51
CA SER A 420 -14.12 20.20 -0.23
C SER A 420 -12.98 19.97 -1.23
N TRP A 421 -12.47 21.03 -1.84
CA TRP A 421 -11.27 20.87 -2.64
C TRP A 421 -10.03 21.39 -1.94
N LYS A 422 -10.18 22.19 -0.87
CA LYS A 422 -9.04 22.47 -0.01
C LYS A 422 -8.52 21.19 0.62
N SER A 423 -9.43 20.36 1.13
CA SER A 423 -9.05 19.05 1.66
C SER A 423 -8.29 18.24 0.62
N LEU A 424 -8.75 18.25 -0.62
CA LEU A 424 -8.13 17.42 -1.64
C LEU A 424 -6.78 17.96 -2.06
N ALA A 425 -6.63 19.28 -2.13
CA ALA A 425 -5.31 19.85 -2.40
C ALA A 425 -4.33 19.49 -1.29
N ALA A 426 -4.75 19.59 -0.03
CA ALA A 426 -3.86 19.24 1.08
C ALA A 426 -3.48 17.76 1.04
N LEU A 427 -4.46 16.89 0.84
CA LEU A 427 -4.18 15.45 0.81
C LEU A 427 -3.27 15.09 -0.36
N SER A 428 -3.52 15.65 -1.54
CA SER A 428 -2.67 15.38 -2.69
C SER A 428 -1.24 15.83 -2.43
N ARG A 429 -1.05 17.01 -1.84
CA ARG A 429 0.29 17.48 -1.54
C ARG A 429 1.00 16.53 -0.58
N VAL A 430 0.37 16.25 0.57
CA VAL A 430 1.05 15.44 1.59
C VAL A 430 1.10 13.96 1.23
N SER A 431 0.46 13.55 0.14
CA SER A 431 0.66 12.19 -0.36
C SER A 431 1.71 12.10 -1.46
N VAL A 432 1.83 13.12 -2.31
CA VAL A 432 2.94 13.15 -3.24
C VAL A 432 4.26 13.31 -2.48
N ASN A 433 4.22 13.94 -1.30
CA ASN A 433 5.46 14.13 -0.54
C ASN A 433 6.01 12.81 -0.02
N VAL A 434 5.14 11.94 0.51
CA VAL A 434 5.60 10.66 1.04
C VAL A 434 5.60 9.63 -0.09
N SER A 435 5.42 10.10 -1.32
CA SER A 435 5.46 9.24 -2.51
C SER A 435 4.40 8.14 -2.44
N LYS A 436 3.14 8.57 -2.40
CA LYS A 436 2.01 7.65 -2.41
C LYS A 436 0.97 8.17 -3.39
N GLU A 437 -0.03 7.33 -3.66
CA GLU A 437 -1.07 7.63 -4.64
C GLU A 437 -2.40 7.82 -3.91
N LEU A 438 -3.03 8.97 -4.12
CA LEU A 438 -4.28 9.31 -3.46
C LEU A 438 -5.42 8.71 -4.27
N MET A 439 -6.09 7.71 -3.70
CA MET A 439 -7.22 7.07 -4.34
C MET A 439 -8.52 7.46 -3.64
N LEU A 440 -9.62 7.37 -4.37
CA LEU A 440 -10.95 7.58 -3.83
C LEU A 440 -11.81 6.37 -4.17
N CYS A 441 -12.33 5.70 -3.15
CA CYS A 441 -13.06 4.44 -3.33
C CYS A 441 -14.52 4.68 -2.98
N TYR A 442 -15.36 4.84 -4.00
CA TYR A 442 -16.80 4.95 -3.80
C TYR A 442 -17.44 3.57 -3.75
N LEU A 443 -18.37 3.40 -2.83
CA LEU A 443 -19.16 2.17 -2.72
C LEU A 443 -20.59 2.47 -3.17
N ILE A 444 -21.10 1.67 -4.11
CA ILE A 444 -22.38 1.92 -4.75
C ILE A 444 -23.32 0.77 -4.44
N LYS A 445 -24.45 1.08 -3.80
CA LYS A 445 -25.47 0.09 -3.47
C LYS A 445 -26.77 0.42 -4.21
N PRO A 446 -27.60 -0.58 -4.48
CA PRO A 446 -28.81 -0.33 -5.27
C PRO A 446 -29.81 0.55 -4.55
N SER A 447 -30.57 1.32 -5.33
CA SER A 447 -31.66 2.11 -4.76
C SER A 447 -32.72 1.21 -4.14
N THR A 448 -32.89 0.01 -4.68
CA THR A 448 -33.81 -0.98 -4.13
C THR A 448 -33.34 -1.55 -2.80
N MET A 449 -32.24 -1.06 -2.25
CA MET A 449 -31.72 -1.58 -0.99
C MET A 449 -32.61 -1.14 0.17
N THR A 450 -32.63 -1.96 1.22
CA THR A 450 -33.41 -1.70 2.42
C THR A 450 -32.51 -1.49 3.61
N ASP A 451 -33.05 -0.86 4.64
CA ASP A 451 -32.33 -0.64 5.89
C ASP A 451 -32.32 -1.86 6.78
N LYS A 452 -32.89 -2.98 6.34
CA LYS A 452 -32.93 -4.21 7.12
C LYS A 452 -32.32 -5.40 6.41
N GLU A 453 -32.17 -5.37 5.08
CA GLU A 453 -31.35 -6.37 4.41
C GLU A 453 -29.88 -6.02 4.48
N MET A 454 -29.58 -4.72 4.60
CA MET A 454 -28.20 -4.27 4.68
C MET A 454 -27.55 -4.61 6.02
N GLU A 455 -28.35 -4.77 7.08
CA GLU A 455 -27.79 -5.12 8.38
C GLU A 455 -27.17 -6.51 8.41
N SER A 456 -27.32 -7.29 7.34
CA SER A 456 -26.72 -8.61 7.26
C SER A 456 -25.48 -8.56 6.39
N PRO A 457 -24.39 -9.20 6.81
CA PRO A 457 -23.16 -9.19 5.99
C PRO A 457 -23.35 -9.70 4.57
N GLU A 458 -24.40 -10.48 4.30
CA GLU A 458 -24.66 -10.95 2.94
C GLU A 458 -24.94 -9.80 1.98
N CYS A 459 -25.20 -8.59 2.49
CA CYS A 459 -25.47 -7.44 1.64
C CYS A 459 -24.27 -7.06 0.77
N MET A 460 -23.09 -7.62 1.05
CA MET A 460 -21.91 -7.34 0.24
C MET A 460 -22.13 -7.69 -1.23
N LYS A 461 -22.95 -8.71 -1.51
CA LYS A 461 -23.07 -9.23 -2.86
C LYS A 461 -23.83 -8.29 -3.79
N ARG A 462 -24.65 -7.39 -3.24
CA ARG A 462 -25.46 -6.50 -4.06
C ARG A 462 -24.86 -5.10 -4.19
N ILE A 463 -23.75 -4.82 -3.51
CA ILE A 463 -23.11 -3.51 -3.56
C ILE A 463 -21.81 -3.64 -4.34
N LYS A 464 -21.55 -2.67 -5.21
CA LYS A 464 -20.36 -2.64 -6.05
C LYS A 464 -19.29 -1.75 -5.41
N VAL A 465 -18.15 -1.67 -6.09
CA VAL A 465 -17.03 -0.83 -5.67
C VAL A 465 -16.47 -0.13 -6.90
N GLN A 466 -16.05 1.12 -6.73
CA GLN A 466 -15.42 1.86 -7.81
C GLN A 466 -14.31 2.74 -7.25
N GLU A 467 -13.13 2.64 -7.84
CA GLU A 467 -11.96 3.41 -7.44
C GLU A 467 -11.65 4.48 -8.47
N VAL A 468 -11.07 5.59 -7.98
CA VAL A 468 -10.72 6.72 -8.83
C VAL A 468 -9.44 7.34 -8.30
N ILE A 469 -8.39 7.35 -9.11
CA ILE A 469 -7.11 7.92 -8.71
C ILE A 469 -7.14 9.42 -8.98
N LEU A 470 -7.14 10.21 -7.91
CA LEU A 470 -7.01 11.66 -8.03
C LEU A 470 -5.52 12.00 -8.06
N SER A 471 -5.09 12.68 -9.11
CA SER A 471 -3.70 13.07 -9.27
C SER A 471 -3.66 14.54 -9.68
N ARG A 472 -2.44 15.05 -9.83
CA ARG A 472 -2.22 16.45 -10.15
C ARG A 472 -1.58 16.54 -11.53
N TRP A 473 -2.24 17.27 -12.43
CA TRP A 473 -1.71 17.52 -13.76
C TRP A 473 -0.88 18.79 -13.73
N VAL A 474 0.41 18.66 -14.02
CA VAL A 474 1.30 19.81 -14.07
C VAL A 474 1.36 20.29 -15.51
N SER A 475 0.96 21.54 -15.72
CA SER A 475 0.70 22.01 -17.07
C SER A 475 1.97 22.06 -17.91
N SER A 476 3.08 22.46 -17.30
CA SER A 476 4.32 22.70 -18.03
C SER A 476 5.13 21.44 -18.30
N ARG A 477 4.76 20.31 -17.70
CA ARG A 477 5.50 19.08 -17.89
C ARG A 477 4.93 18.22 -19.01
N GLU A 478 3.63 18.24 -19.24
CA GLU A 478 2.98 17.44 -20.28
C GLU A 478 2.71 18.32 -21.49
N ARG A 479 3.76 18.62 -22.26
CA ARG A 479 3.56 19.25 -23.57
C ARG A 479 4.47 18.61 -24.60
N SER A 480 5.34 17.70 -24.16
CA SER A 480 6.07 16.84 -25.07
C SER A 480 5.54 15.42 -24.94
N ASP A 481 6.12 14.45 -25.65
CA ASP A 481 5.61 13.10 -25.52
C ASP A 481 6.61 12.15 -24.86
N GLN A 482 7.80 11.97 -25.44
CA GLN A 482 8.73 11.05 -24.79
C GLN A 482 9.86 11.76 -24.06
N ASP A 483 10.78 12.35 -24.81
CA ASP A 483 12.03 12.88 -24.28
C ASP A 483 12.65 11.96 -23.23
N ASP A 484 12.94 10.72 -23.63
CA ASP A 484 13.62 9.77 -22.76
C ASP A 484 14.98 9.32 -23.28
N LEU A 485 15.50 9.93 -24.34
CA LEU A 485 16.77 9.54 -24.95
C LEU A 485 16.75 8.08 -25.39
N MET B 21 -7.29 58.82 -2.80
CA MET B 21 -8.53 58.14 -3.16
C MET B 21 -8.44 57.48 -4.53
N LEU B 22 -8.00 56.23 -4.55
CA LEU B 22 -7.90 55.47 -5.79
C LEU B 22 -9.29 55.07 -6.25
N VAL B 23 -9.35 54.36 -7.37
CA VAL B 23 -10.62 53.95 -7.98
C VAL B 23 -10.49 52.49 -8.42
N VAL B 24 -11.33 51.64 -7.88
CA VAL B 24 -11.40 50.25 -8.29
C VAL B 24 -12.65 50.06 -9.15
N GLU B 25 -12.55 49.20 -10.16
CA GLU B 25 -13.64 48.92 -11.07
C GLU B 25 -14.23 47.56 -10.76
N VAL B 26 -15.51 47.53 -10.43
CA VAL B 26 -16.20 46.30 -10.07
C VAL B 26 -17.14 45.92 -11.20
N ALA B 27 -17.03 44.69 -11.67
CA ALA B 27 -17.85 44.19 -12.77
C ALA B 27 -18.21 42.74 -12.48
N ASN B 28 -19.48 42.51 -12.15
CA ASN B 28 -20.03 41.20 -11.85
C ASN B 28 -19.45 40.59 -10.58
N GLY B 29 -18.76 41.37 -9.76
CA GLY B 29 -18.20 40.91 -8.51
C GLY B 29 -16.69 40.92 -8.44
N ARG B 30 -16.00 40.91 -9.58
CA ARG B 30 -14.55 40.89 -9.60
C ARG B 30 -14.01 42.33 -9.62
N SER B 31 -12.93 42.55 -8.88
CA SER B 31 -12.32 43.86 -8.74
C SER B 31 -10.91 43.80 -9.33
N LEU B 32 -10.67 44.61 -10.35
CA LEU B 32 -9.37 44.65 -11.01
C LEU B 32 -8.81 46.05 -10.95
N VAL B 33 -7.49 46.14 -10.87
CA VAL B 33 -6.77 47.41 -10.93
C VAL B 33 -5.94 47.41 -12.21
N TRP B 34 -6.05 48.50 -12.97
CA TRP B 34 -5.43 48.58 -14.29
C TRP B 34 -4.29 49.57 -14.36
N GLY B 35 -4.00 50.29 -13.27
CA GLY B 35 -2.89 51.22 -13.22
C GLY B 35 -1.72 50.67 -12.44
N ALA B 36 -0.59 51.34 -12.59
CA ALA B 36 0.65 50.97 -11.90
C ALA B 36 0.88 51.80 -10.64
N GLU B 37 0.59 53.11 -10.70
CA GLU B 37 0.70 53.94 -9.51
C GLU B 37 -0.30 53.50 -8.45
N ALA B 38 -1.44 52.95 -8.87
CA ALA B 38 -2.41 52.46 -7.90
C ALA B 38 -1.90 51.23 -7.18
N VAL B 39 -1.26 50.31 -7.90
CA VAL B 39 -0.72 49.11 -7.25
C VAL B 39 0.43 49.47 -6.34
N GLN B 40 1.29 50.40 -6.77
CA GLN B 40 2.37 50.85 -5.92
C GLN B 40 1.83 51.48 -4.64
N ALA B 41 0.84 52.36 -4.77
CA ALA B 41 0.27 53.01 -3.59
C ALA B 41 -0.36 51.99 -2.65
N LEU B 42 -1.18 51.09 -3.20
CA LEU B 42 -1.77 50.03 -2.38
C LEU B 42 -0.71 49.29 -1.59
N ARG B 43 0.27 48.70 -2.30
CA ARG B 43 1.21 47.81 -1.62
C ARG B 43 2.07 48.57 -0.60
N GLU B 44 2.55 49.76 -0.96
CA GLU B 44 3.48 50.46 -0.11
C GLU B 44 2.82 51.37 0.92
N ARG B 45 1.49 51.47 0.94
CA ARG B 45 0.85 52.29 1.95
C ARG B 45 -0.17 51.53 2.78
N LEU B 46 -0.96 50.66 2.17
CA LEU B 46 -2.06 49.99 2.86
C LEU B 46 -1.78 48.52 3.12
N GLY B 47 -0.69 47.97 2.61
CA GLY B 47 -0.34 46.59 2.89
C GLY B 47 -1.21 45.57 2.21
N VAL B 48 -1.75 45.91 1.04
CA VAL B 48 -2.52 44.97 0.23
C VAL B 48 -1.72 44.64 -1.02
N GLY B 49 -1.73 43.37 -1.40
CA GLY B 49 -0.83 42.91 -2.44
C GLY B 49 -1.48 42.39 -3.71
N GLY B 50 -2.66 41.80 -3.60
CA GLY B 50 -3.34 41.29 -4.78
C GLY B 50 -2.55 40.22 -5.53
N ARG B 51 -3.07 39.92 -6.71
CA ARG B 51 -2.48 38.93 -7.61
C ARG B 51 -2.54 39.48 -9.02
N THR B 52 -1.43 39.41 -9.75
CA THR B 52 -1.39 39.83 -11.15
C THR B 52 -1.79 38.64 -12.02
N VAL B 53 -2.85 38.82 -12.81
CA VAL B 53 -3.38 37.75 -13.64
C VAL B 53 -3.21 38.01 -15.12
N GLY B 54 -2.72 39.18 -15.51
CA GLY B 54 -2.60 39.50 -16.91
C GLY B 54 -1.44 38.81 -17.60
N ALA B 55 -0.98 39.38 -18.71
CA ALA B 55 0.18 38.90 -19.42
C ALA B 55 1.24 39.99 -19.43
N LEU B 56 2.43 39.65 -19.90
CA LEU B 56 3.53 40.59 -19.86
C LEU B 56 3.77 41.17 -21.24
N PRO B 57 3.89 42.49 -21.37
CA PRO B 57 4.24 43.08 -22.67
C PRO B 57 5.67 42.77 -23.11
N ARG B 58 6.38 41.97 -22.33
CA ARG B 58 7.73 41.53 -22.69
C ARG B 58 7.91 40.03 -22.60
N GLY B 59 6.96 39.30 -22.05
CA GLY B 59 7.08 37.88 -21.86
C GLY B 59 5.83 37.10 -22.23
N PRO B 60 5.16 37.47 -23.32
CA PRO B 60 3.79 36.98 -23.53
C PRO B 60 3.70 35.49 -23.82
N ARG B 61 4.82 34.77 -23.74
CA ARG B 61 4.79 33.33 -23.99
C ARG B 61 5.32 32.55 -22.79
N GLN B 62 4.92 32.93 -21.59
CA GLN B 62 5.33 32.21 -20.39
C GLN B 62 4.39 32.55 -19.25
N ASN B 63 4.35 31.67 -18.25
CA ASN B 63 3.52 31.84 -17.08
C ASN B 63 4.34 32.11 -15.82
N SER B 64 5.62 32.39 -15.96
CA SER B 64 6.47 32.63 -14.79
C SER B 64 6.11 33.94 -14.12
N ARG B 65 6.22 35.05 -14.85
CA ARG B 65 5.87 36.36 -14.36
C ARG B 65 4.71 36.90 -15.18
N LEU B 66 3.77 37.58 -14.52
CA LEU B 66 2.58 38.11 -15.17
C LEU B 66 2.45 39.59 -14.86
N GLY B 67 1.53 40.25 -15.56
CA GLY B 67 1.37 41.69 -15.42
C GLY B 67 -0.04 42.12 -15.08
N LEU B 68 -0.37 43.38 -15.36
CA LEU B 68 -1.67 43.92 -15.01
C LEU B 68 -2.76 43.28 -15.87
N PRO B 69 -4.00 43.17 -15.35
CA PRO B 69 -4.56 43.73 -14.12
C PRO B 69 -4.20 42.99 -12.84
N LEU B 70 -4.41 43.65 -11.71
CA LEU B 70 -4.23 43.07 -10.39
C LEU B 70 -5.59 42.71 -9.82
N LEU B 71 -5.79 41.45 -9.48
CA LEU B 71 -7.08 40.96 -9.01
C LEU B 71 -7.12 41.00 -7.49
N LEU B 72 -8.02 41.83 -6.95
CA LEU B 72 -8.21 41.92 -5.50
C LEU B 72 -9.36 41.01 -5.07
N MET B 73 -9.14 40.28 -3.99
CA MET B 73 -10.21 39.49 -3.39
C MET B 73 -11.36 40.40 -2.96
N PRO B 74 -12.57 39.86 -2.82
CA PRO B 74 -13.68 40.69 -2.36
C PRO B 74 -13.45 41.30 -0.99
N GLU B 75 -12.74 40.60 -0.11
CA GLU B 75 -12.45 41.12 1.23
C GLU B 75 -11.47 42.27 1.16
N GLU B 76 -10.43 42.18 0.33
CA GLU B 76 -9.52 43.31 0.16
C GLU B 76 -10.25 44.54 -0.32
N ALA B 77 -11.17 44.37 -1.28
CA ALA B 77 -11.86 45.53 -1.85
C ALA B 77 -12.83 46.14 -0.85
N ARG B 78 -13.61 45.31 -0.16
CA ARG B 78 -14.49 45.84 0.88
C ARG B 78 -13.70 46.52 1.98
N LEU B 79 -12.57 45.93 2.38
CA LEU B 79 -11.75 46.51 3.42
C LEU B 79 -11.22 47.88 3.01
N LEU B 80 -10.72 47.99 1.77
CA LEU B 80 -10.20 49.26 1.30
C LEU B 80 -11.31 50.30 1.16
N ALA B 81 -12.51 49.87 0.80
CA ALA B 81 -13.63 50.81 0.70
C ALA B 81 -14.08 51.30 2.07
N GLU B 82 -14.05 50.42 3.08
CA GLU B 82 -14.52 50.78 4.40
C GLU B 82 -13.63 51.83 5.05
N ILE B 83 -12.31 51.58 5.10
CA ILE B 83 -11.39 52.51 5.74
C ILE B 83 -11.25 53.82 4.97
N GLY B 84 -11.84 53.93 3.79
CA GLY B 84 -11.75 55.15 3.01
C GLY B 84 -10.54 55.23 2.12
N ALA B 85 -10.01 54.09 1.67
CA ALA B 85 -8.80 54.09 0.86
C ALA B 85 -9.12 54.17 -0.63
N VAL B 86 -10.15 53.46 -1.09
CA VAL B 86 -10.54 53.46 -2.50
C VAL B 86 -12.02 53.77 -2.60
N THR B 87 -12.44 54.14 -3.81
CA THR B 87 -13.84 54.40 -4.11
C THR B 87 -14.29 53.40 -5.18
N LEU B 88 -15.00 52.36 -4.75
CA LEU B 88 -15.52 51.38 -5.70
C LEU B 88 -16.54 52.03 -6.62
N VAL B 89 -16.45 51.70 -7.91
CA VAL B 89 -17.41 52.10 -8.91
C VAL B 89 -17.85 50.85 -9.68
N SER B 90 -18.69 51.05 -10.69
CA SER B 90 -19.16 49.97 -11.53
C SER B 90 -18.73 50.25 -12.96
N ALA B 91 -18.33 49.21 -13.68
CA ALA B 91 -17.72 49.37 -14.99
C ALA B 91 -18.63 50.21 -15.90
N PRO B 92 -18.16 51.34 -16.40
CA PRO B 92 -19.00 52.18 -17.27
C PRO B 92 -19.27 51.51 -18.60
N ARG B 93 -20.26 52.04 -19.28
CA ARG B 93 -20.57 51.68 -20.66
C ARG B 93 -20.26 52.84 -21.58
N PRO B 94 -20.03 52.57 -22.87
CA PRO B 94 -19.82 53.66 -23.82
C PRO B 94 -20.97 54.66 -23.78
N ASP B 95 -20.62 55.95 -23.78
CA ASP B 95 -21.62 57.01 -23.66
C ASP B 95 -22.65 56.91 -24.77
N SER B 96 -22.19 56.81 -26.03
CA SER B 96 -22.95 56.80 -27.27
C SER B 96 -23.49 58.19 -27.61
N ARG B 97 -23.34 59.18 -26.74
CA ARG B 97 -23.68 60.55 -27.08
C ARG B 97 -22.46 61.32 -27.57
N HIS B 98 -21.30 61.11 -26.94
CA HIS B 98 -20.05 61.74 -27.33
C HIS B 98 -19.20 60.68 -28.03
N HIS B 99 -19.41 60.54 -29.32
CA HIS B 99 -18.71 59.53 -30.12
C HIS B 99 -18.00 60.10 -31.34
N SER B 100 -18.59 61.11 -31.99
CA SER B 100 -17.99 61.64 -33.21
C SER B 100 -16.77 62.50 -32.91
N LEU B 101 -16.83 63.31 -31.86
CA LEU B 101 -15.65 64.06 -31.45
C LEU B 101 -14.54 63.12 -31.02
N ALA B 102 -14.89 62.00 -30.39
CA ALA B 102 -13.90 60.97 -30.10
C ALA B 102 -13.20 60.51 -31.36
N LEU B 103 -13.96 60.28 -32.44
CA LEU B 103 -13.36 59.84 -33.69
C LEU B 103 -12.46 60.92 -34.29
N THR B 104 -12.89 62.18 -34.27
CA THR B 104 -12.07 63.25 -34.80
C THR B 104 -10.76 63.37 -34.04
N SER B 105 -10.83 63.37 -32.71
CA SER B 105 -9.63 63.45 -31.90
C SER B 105 -8.73 62.24 -32.11
N PHE B 106 -9.34 61.06 -32.29
CA PHE B 106 -8.53 59.87 -32.54
C PHE B 106 -7.80 59.95 -33.86
N LYS B 107 -8.48 60.42 -34.91
CA LYS B 107 -7.82 60.55 -36.21
C LYS B 107 -6.70 61.57 -36.15
N ARG B 108 -6.92 62.70 -35.46
CA ARG B 108 -5.87 63.70 -35.34
C ARG B 108 -4.67 63.15 -34.57
N GLN B 109 -4.94 62.47 -33.44
CA GLN B 109 -3.87 61.89 -32.64
C GLN B 109 -3.09 60.86 -33.44
N GLN B 110 -3.80 60.00 -34.17
CA GLN B 110 -3.14 58.96 -34.96
C GLN B 110 -2.26 59.57 -36.03
N GLU B 111 -2.79 60.55 -36.78
CA GLU B 111 -2.00 61.14 -37.86
C GLU B 111 -0.79 61.87 -37.30
N GLU B 112 -0.92 62.55 -36.16
CA GLU B 112 0.22 63.27 -35.60
C GLU B 112 1.27 62.31 -35.09
N SER B 113 0.86 61.28 -34.35
CA SER B 113 1.81 60.29 -33.87
C SER B 113 2.49 59.56 -35.02
N PHE B 114 1.81 59.42 -36.16
CA PHE B 114 2.44 58.78 -37.30
C PHE B 114 3.39 59.71 -38.03
N GLN B 115 3.08 61.00 -38.09
CA GLN B 115 3.94 61.91 -38.84
C GLN B 115 5.09 62.47 -38.01
N GLU B 116 5.08 62.27 -36.69
CA GLU B 116 6.23 62.68 -35.88
C GLU B 116 7.21 61.55 -35.60
N GLN B 117 6.83 60.30 -35.82
CA GLN B 117 7.80 59.21 -35.76
C GLN B 117 8.70 59.19 -36.98
N SER B 118 8.27 59.79 -38.09
CA SER B 118 9.09 59.84 -39.29
C SER B 118 10.38 60.63 -39.07
N ALA B 119 10.43 61.46 -38.03
CA ALA B 119 11.62 62.24 -37.72
C ALA B 119 12.60 61.46 -36.84
N LEU B 120 12.09 60.81 -35.79
CA LEU B 120 12.96 60.06 -34.87
C LEU B 120 13.76 59.01 -35.62
N ALA B 121 13.08 58.22 -36.46
CA ALA B 121 13.78 57.19 -37.23
C ALA B 121 14.82 57.79 -38.16
N ALA B 122 14.50 58.94 -38.78
CA ALA B 122 15.47 59.56 -39.69
C ALA B 122 16.70 60.05 -38.95
N GLU B 123 16.52 60.67 -37.78
CA GLU B 123 17.68 61.13 -37.02
C GLU B 123 18.49 59.95 -36.50
N ALA B 124 17.82 58.85 -36.10
CA ALA B 124 18.56 57.67 -35.67
C ALA B 124 19.36 57.07 -36.82
N ARG B 125 18.77 57.05 -38.02
CA ARG B 125 19.50 56.59 -39.19
C ARG B 125 20.71 57.47 -39.46
N GLU B 126 20.57 58.79 -39.30
CA GLU B 126 21.69 59.70 -39.46
C GLU B 126 22.80 59.38 -38.46
N THR B 127 22.43 59.19 -37.19
CA THR B 127 23.44 58.89 -36.17
C THR B 127 24.16 57.58 -36.47
N ARG B 128 23.41 56.54 -36.85
CA ARG B 128 24.05 55.26 -37.14
C ARG B 128 24.96 55.35 -38.37
N ARG B 129 24.50 56.03 -39.41
CA ARG B 129 25.31 56.21 -40.61
C ARG B 129 26.61 56.92 -40.30
N GLN B 130 26.53 58.08 -39.62
CA GLN B 130 27.74 58.80 -39.28
C GLN B 130 28.56 58.12 -38.19
N GLU B 131 27.98 57.15 -37.48
CA GLU B 131 28.74 56.39 -36.49
C GLU B 131 29.63 55.35 -37.18
N LEU B 132 29.03 54.46 -37.96
CA LEU B 132 29.79 53.42 -38.64
C LEU B 132 29.98 53.74 -40.12
N LEU B 133 30.20 55.01 -40.46
CA LEU B 133 30.47 55.38 -41.85
C LEU B 133 31.82 54.87 -42.32
N GLU B 134 32.78 54.72 -41.41
CA GLU B 134 34.14 54.34 -41.80
C GLU B 134 34.28 52.86 -42.09
N LYS B 135 33.53 52.00 -41.41
CA LYS B 135 33.50 50.59 -41.80
C LYS B 135 32.75 50.42 -43.11
N ILE B 136 31.68 51.21 -43.33
CA ILE B 136 30.95 51.16 -44.58
C ILE B 136 31.85 51.55 -45.74
N THR B 137 32.52 52.71 -45.63
CA THR B 137 33.41 53.14 -46.69
C THR B 137 34.63 52.25 -46.80
N GLU B 138 35.04 51.61 -45.70
CA GLU B 138 36.11 50.61 -45.76
C GLU B 138 35.71 49.47 -46.69
N GLY B 139 34.56 48.84 -46.40
CA GLY B 139 34.07 47.78 -47.27
C GLY B 139 33.84 48.26 -48.69
N GLN B 140 33.38 49.50 -48.84
CA GLN B 140 33.15 50.07 -50.17
C GLN B 140 34.43 50.16 -50.98
N ALA B 141 35.46 50.79 -50.41
CA ALA B 141 36.74 50.91 -51.11
C ALA B 141 37.39 49.54 -51.31
N ALA B 142 37.18 48.61 -50.39
CA ALA B 142 37.74 47.27 -50.56
C ALA B 142 37.07 46.55 -51.73
N LYS B 143 35.76 46.68 -51.86
CA LYS B 143 35.07 46.10 -53.01
C LYS B 143 35.44 46.82 -54.30
N LYS B 144 35.77 48.12 -54.23
CA LYS B 144 36.26 48.81 -55.41
C LYS B 144 37.62 48.26 -55.85
N GLN B 145 38.51 48.02 -54.88
CA GLN B 145 39.81 47.42 -55.21
C GLN B 145 39.64 46.02 -55.76
N LYS B 146 38.69 45.25 -55.22
CA LYS B 146 38.37 43.94 -55.78
C LYS B 146 37.87 44.07 -57.21
N LEU B 147 37.04 45.10 -57.48
CA LEU B 147 36.58 45.35 -58.83
C LEU B 147 37.74 45.67 -59.76
N GLU B 148 38.72 46.42 -59.27
CA GLU B 148 39.90 46.73 -60.09
C GLU B 148 40.70 45.47 -60.40
N GLN B 149 40.88 44.60 -59.40
CA GLN B 149 41.55 43.33 -59.64
C GLN B 149 40.78 42.49 -60.64
N ALA B 150 39.45 42.49 -60.56
CA ALA B 150 38.65 41.68 -61.47
C ALA B 150 38.71 42.24 -62.90
N SER B 151 38.71 43.57 -63.03
CA SER B 151 38.81 44.18 -64.36
C SER B 151 40.18 43.94 -64.98
N GLY B 152 41.23 43.96 -64.15
CA GLY B 152 42.56 43.63 -64.65
C GLY B 152 42.76 42.16 -64.93
N ALA B 153 41.99 41.28 -64.28
CA ALA B 153 42.08 39.85 -64.52
C ALA B 153 41.22 39.41 -65.70
N SER B 154 40.01 39.96 -65.82
CA SER B 154 39.10 39.60 -66.90
C SER B 154 39.67 39.93 -68.26
N PRO B 199 6.73 53.27 -45.42
CA PRO B 199 6.32 53.94 -44.18
C PRO B 199 5.53 53.02 -43.25
N ARG B 200 4.49 52.40 -43.79
CA ARG B 200 3.68 51.50 -42.98
C ARG B 200 4.43 50.22 -42.68
N SER B 201 4.06 49.58 -41.57
CA SER B 201 4.77 48.47 -40.94
C SER B 201 6.04 48.98 -40.27
N ALA B 202 6.35 50.25 -40.46
CA ALA B 202 7.43 50.93 -39.75
C ALA B 202 6.91 52.05 -38.87
N LEU B 203 5.59 52.20 -38.77
CA LEU B 203 4.97 53.18 -37.89
C LEU B 203 4.42 52.46 -36.67
N LEU B 204 4.89 52.84 -35.50
CA LEU B 204 4.58 52.15 -34.26
C LEU B 204 3.25 52.61 -33.71
N VAL B 205 2.52 51.68 -33.10
CA VAL B 205 1.24 51.96 -32.47
C VAL B 205 1.19 51.21 -31.15
N GLN B 206 0.53 51.80 -30.17
CA GLN B 206 0.46 51.25 -28.82
C GLN B 206 -0.88 50.58 -28.58
N LEU B 207 -0.84 49.39 -27.99
CA LEU B 207 -2.06 48.70 -27.53
C LEU B 207 -2.14 48.94 -26.03
N ALA B 208 -2.86 50.00 -25.65
CA ALA B 208 -2.95 50.39 -24.25
C ALA B 208 -3.61 49.29 -23.43
N THR B 209 -3.36 49.33 -22.12
CA THR B 209 -3.98 48.40 -21.19
C THR B 209 -4.99 49.06 -20.27
N ALA B 210 -4.92 50.37 -20.08
CA ALA B 210 -5.93 51.11 -19.37
C ALA B 210 -6.57 52.12 -20.32
N ARG B 211 -7.89 52.21 -20.26
CA ARG B 211 -8.71 53.07 -21.11
C ARG B 211 -8.11 54.47 -21.19
N PRO B 212 -7.86 54.99 -22.39
CA PRO B 212 -7.19 56.28 -22.50
C PRO B 212 -8.14 57.46 -22.46
N ARG B 213 -9.38 57.22 -22.04
CA ARG B 213 -10.39 58.25 -22.01
C ARG B 213 -11.01 58.35 -20.62
N PRO B 214 -11.27 59.56 -20.14
CA PRO B 214 -11.96 59.71 -18.85
C PRO B 214 -13.45 59.46 -19.02
N VAL B 215 -14.00 58.59 -18.18
CA VAL B 215 -15.40 58.22 -18.23
C VAL B 215 -15.99 58.34 -16.83
N LYS B 216 -17.23 58.85 -16.77
CA LYS B 216 -17.92 58.96 -15.50
C LYS B 216 -18.56 57.63 -15.14
N ALA B 217 -18.24 57.11 -13.97
CA ALA B 217 -18.81 55.87 -13.46
C ALA B 217 -19.65 56.18 -12.23
N ARG B 218 -20.72 55.42 -12.06
CA ARG B 218 -21.50 55.74 -10.88
C ARG B 218 -21.01 54.94 -9.68
N PRO B 219 -20.91 55.58 -8.51
CA PRO B 219 -20.31 54.93 -7.35
C PRO B 219 -21.15 53.75 -6.87
N LEU B 220 -20.48 52.64 -6.59
CA LEU B 220 -21.15 51.42 -6.15
C LEU B 220 -21.33 51.44 -4.65
N ASP B 221 -22.49 50.95 -4.20
CA ASP B 221 -22.79 50.81 -2.78
C ASP B 221 -22.56 49.36 -2.38
N TRP B 222 -21.47 49.12 -1.65
CA TRP B 222 -21.06 47.76 -1.33
C TRP B 222 -21.86 47.15 -0.19
N ARG B 223 -22.52 47.95 0.64
CA ARG B 223 -23.25 47.43 1.78
C ARG B 223 -24.71 47.14 1.43
N VAL B 224 -24.91 46.45 0.30
CA VAL B 224 -26.23 46.02 -0.15
C VAL B 224 -26.02 45.03 -1.28
N GLN B 225 -26.87 44.00 -1.35
CA GLN B 225 -26.74 43.01 -2.42
C GLN B 225 -27.30 43.57 -3.72
N SER B 226 -26.60 43.28 -4.81
CA SER B 226 -26.99 43.78 -6.13
C SER B 226 -26.53 42.78 -7.18
N LYS B 227 -26.45 43.24 -8.42
CA LYS B 227 -25.94 42.43 -9.52
C LYS B 227 -24.42 42.56 -9.66
N ASP B 228 -23.91 43.78 -9.54
CA ASP B 228 -22.49 44.07 -9.64
C ASP B 228 -21.78 44.01 -8.29
N TRP B 229 -22.48 43.59 -7.24
CA TRP B 229 -21.86 43.31 -5.94
C TRP B 229 -22.67 42.22 -5.26
N PRO B 230 -22.48 40.96 -5.66
CA PRO B 230 -23.28 39.87 -5.11
C PRO B 230 -22.84 39.37 -3.76
N HIS B 231 -21.79 39.95 -3.18
CA HIS B 231 -21.17 39.37 -1.99
C HIS B 231 -21.90 39.78 -0.73
N ALA B 232 -22.36 41.03 -0.64
CA ALA B 232 -22.88 41.58 0.59
C ALA B 232 -24.06 40.78 1.13
N GLY B 233 -23.86 40.14 2.27
CA GLY B 233 -24.89 39.35 2.93
C GLY B 233 -24.56 37.88 3.06
N ARG B 234 -23.71 37.33 2.20
CA ARG B 234 -23.39 35.92 2.27
C ARG B 234 -22.58 35.62 3.54
N PRO B 235 -22.80 34.45 4.15
CA PRO B 235 -22.11 34.16 5.41
C PRO B 235 -20.61 33.96 5.25
N ALA B 236 -20.18 33.28 4.18
CA ALA B 236 -18.76 33.04 3.98
C ALA B 236 -17.99 34.34 3.82
N HIS B 237 -18.57 35.29 3.08
CA HIS B 237 -17.91 36.58 2.91
C HIS B 237 -17.80 37.35 4.22
N GLU B 238 -18.82 37.27 5.07
CA GLU B 238 -18.76 37.97 6.35
C GLU B 238 -17.72 37.34 7.26
N LEU B 239 -17.66 36.01 7.29
CA LEU B 239 -16.65 35.31 8.08
C LEU B 239 -15.24 35.68 7.63
N ARG B 240 -14.97 35.50 6.34
CA ARG B 240 -13.65 35.80 5.82
C ARG B 240 -13.31 37.27 5.98
N TYR B 241 -14.30 38.16 5.91
CA TYR B 241 -14.01 39.58 6.09
C TYR B 241 -13.62 39.89 7.52
N SER B 242 -14.33 39.29 8.50
CA SER B 242 -13.96 39.54 9.89
C SER B 242 -12.52 39.08 10.16
N ILE B 243 -12.18 37.87 9.72
CA ILE B 243 -10.83 37.37 9.96
C ILE B 243 -9.78 38.20 9.22
N TYR B 244 -10.04 38.51 7.94
CA TYR B 244 -9.10 39.31 7.16
C TYR B 244 -8.88 40.67 7.81
N ARG B 245 -9.96 41.33 8.24
CA ARG B 245 -9.83 42.65 8.84
C ARG B 245 -9.00 42.59 10.11
N ASP B 246 -9.29 41.62 10.98
CA ASP B 246 -8.53 41.55 12.22
C ASP B 246 -7.06 41.29 11.97
N LEU B 247 -6.75 40.33 11.08
CA LEU B 247 -5.35 40.04 10.80
C LEU B 247 -4.65 41.21 10.14
N TRP B 248 -5.35 41.99 9.32
CA TRP B 248 -4.74 43.13 8.66
C TRP B 248 -4.46 44.26 9.65
N GLU B 249 -5.32 44.44 10.65
CA GLU B 249 -5.05 45.47 11.66
C GLU B 249 -3.80 45.13 12.48
N ARG B 250 -3.50 43.85 12.66
CA ARG B 250 -2.34 43.41 13.43
C ARG B 250 -1.01 43.68 12.74
N GLY B 251 -1.02 44.12 11.49
CA GLY B 251 0.20 44.42 10.77
C GLY B 251 0.72 43.33 9.88
N PHE B 252 -0.09 42.32 9.57
CA PHE B 252 0.35 41.21 8.73
C PHE B 252 0.11 41.52 7.25
N PHE B 253 0.68 40.66 6.41
CA PHE B 253 0.34 40.57 5.00
C PHE B 253 -0.45 39.30 4.79
N LEU B 254 -1.34 39.29 3.81
CA LEU B 254 -2.19 38.14 3.55
C LEU B 254 -2.29 37.86 2.07
N SER B 255 -2.52 36.60 1.74
CA SER B 255 -2.76 36.16 0.37
C SER B 255 -3.71 34.97 0.43
N ALA B 256 -3.85 34.27 -0.69
CA ALA B 256 -4.73 33.11 -0.76
C ALA B 256 -3.90 31.83 -0.72
N ALA B 257 -4.43 30.82 -0.03
CA ALA B 257 -3.76 29.54 0.12
C ALA B 257 -4.72 28.43 -0.26
N GLY B 258 -4.80 28.14 -1.55
CA GLY B 258 -5.56 26.99 -2.01
C GLY B 258 -4.70 25.75 -2.03
N LYS B 259 -3.51 25.87 -2.62
CA LYS B 259 -2.59 24.73 -2.66
C LYS B 259 -2.20 24.26 -1.27
N PHE B 260 -2.14 25.18 -0.31
CA PHE B 260 -1.74 24.87 1.06
C PHE B 260 -2.90 24.45 1.94
N GLY B 261 -4.08 24.23 1.36
CA GLY B 261 -5.19 23.68 2.10
C GLY B 261 -5.72 24.57 3.21
N GLY B 262 -5.84 25.87 2.95
CA GLY B 262 -6.34 26.79 3.96
C GLY B 262 -7.06 27.96 3.34
N ASP B 263 -7.10 29.09 4.03
CA ASP B 263 -7.76 30.29 3.53
C ASP B 263 -6.77 31.40 3.19
N PHE B 264 -5.86 31.72 4.09
CA PHE B 264 -4.90 32.80 3.88
C PHE B 264 -3.49 32.32 4.20
N LEU B 265 -2.51 33.04 3.67
CA LEU B 265 -1.10 32.89 4.03
C LEU B 265 -0.67 34.19 4.70
N VAL B 266 -0.20 34.08 5.94
CA VAL B 266 0.10 35.24 6.77
C VAL B 266 1.60 35.47 6.78
N TYR B 267 2.02 36.64 6.33
CA TYR B 267 3.43 36.96 6.20
C TYR B 267 3.87 37.92 7.29
N PRO B 268 5.06 37.72 7.87
CA PRO B 268 5.61 38.74 8.78
C PRO B 268 5.86 40.07 8.09
N GLY B 269 6.09 40.08 6.79
CA GLY B 269 6.33 41.31 6.06
C GLY B 269 5.91 41.16 4.63
N ASP B 270 6.48 42.00 3.78
CA ASP B 270 6.13 41.98 2.36
C ASP B 270 6.51 40.64 1.74
N PRO B 271 5.60 39.96 1.04
CA PRO B 271 5.88 38.59 0.60
C PRO B 271 6.94 38.47 -0.47
N LEU B 272 7.49 39.58 -0.97
CA LEU B 272 8.57 39.50 -1.93
C LEU B 272 9.85 38.97 -1.29
N ARG B 273 10.10 39.35 -0.05
CA ARG B 273 11.31 38.95 0.65
C ARG B 273 11.07 38.01 1.81
N PHE B 274 9.90 38.04 2.44
CA PHE B 274 9.61 37.20 3.58
C PHE B 274 8.75 36.01 3.19
N ALA B 275 8.83 34.97 4.01
CA ALA B 275 8.06 33.76 3.81
C ALA B 275 6.96 33.66 4.87
N ALA B 276 5.84 33.10 4.47
CA ALA B 276 4.69 32.99 5.37
C ALA B 276 5.04 32.13 6.58
N HIS B 277 4.49 32.50 7.74
CA HIS B 277 4.67 31.70 8.94
C HIS B 277 3.46 30.83 9.27
N TYR B 278 2.26 31.27 8.95
CA TYR B 278 1.06 30.53 9.33
C TYR B 278 0.19 30.29 8.10
N ILE B 279 -0.65 29.26 8.19
CA ILE B 279 -1.75 29.05 7.27
C ILE B 279 -3.04 29.31 8.05
N ALA B 280 -3.84 30.24 7.58
CA ALA B 280 -5.04 30.67 8.29
C ALA B 280 -6.25 29.91 7.77
N GLN B 281 -7.09 29.44 8.68
CA GLN B 281 -8.30 28.70 8.32
C GLN B 281 -9.48 29.30 9.07
N CYS B 282 -10.33 30.03 8.35
CA CYS B 282 -11.49 30.67 8.95
C CYS B 282 -12.55 29.63 9.28
N TRP B 283 -13.02 29.64 10.52
CA TRP B 283 -14.03 28.70 10.98
C TRP B 283 -15.15 29.44 11.69
N ALA B 284 -16.31 28.82 11.72
CA ALA B 284 -17.40 29.34 12.53
C ALA B 284 -17.26 28.84 13.96
N PRO B 285 -17.55 29.68 14.96
CA PRO B 285 -17.32 29.27 16.35
C PRO B 285 -18.06 28.01 16.76
N GLU B 286 -19.06 27.57 16.00
CA GLU B 286 -19.82 26.39 16.34
C GLU B 286 -19.76 25.28 15.30
N ASP B 287 -19.12 25.53 14.15
CA ASP B 287 -19.01 24.49 13.14
C ASP B 287 -18.06 23.39 13.61
N THR B 288 -18.44 22.15 13.32
CA THR B 288 -17.70 20.98 13.78
C THR B 288 -16.53 20.71 12.84
N ILE B 289 -15.33 20.65 13.40
CA ILE B 289 -14.12 20.39 12.64
C ILE B 289 -13.86 18.89 12.63
N PRO B 290 -13.75 18.25 11.47
CA PRO B 290 -13.32 16.85 11.43
C PRO B 290 -11.84 16.75 11.81
N LEU B 291 -11.54 15.81 12.71
CA LEU B 291 -10.16 15.68 13.20
C LEU B 291 -9.19 15.32 12.08
N GLN B 292 -9.67 14.65 11.04
CA GLN B 292 -8.78 14.31 9.92
C GLN B 292 -8.36 15.56 9.15
N ASP B 293 -9.23 16.56 9.07
CA ASP B 293 -8.81 17.84 8.52
C ASP B 293 -7.65 18.43 9.32
N LEU B 294 -7.72 18.32 10.65
CA LEU B 294 -6.64 18.80 11.49
C LEU B 294 -5.35 18.03 11.26
N VAL B 295 -5.44 16.71 11.16
CA VAL B 295 -4.22 15.91 10.97
C VAL B 295 -3.59 16.20 9.62
N ALA B 296 -4.39 16.23 8.56
CA ALA B 296 -3.85 16.51 7.23
C ALA B 296 -3.30 17.92 7.14
N ALA B 297 -3.95 18.89 7.78
CA ALA B 297 -3.45 20.26 7.74
C ALA B 297 -2.19 20.44 8.58
N GLY B 298 -2.09 19.77 9.72
CA GLY B 298 -0.87 19.82 10.51
C GLY B 298 0.30 19.17 9.80
N ARG B 299 0.03 18.07 9.09
CA ARG B 299 1.11 17.44 8.33
C ARG B 299 1.55 18.32 7.17
N LEU B 300 0.60 18.95 6.48
CA LEU B 300 1.00 19.87 5.41
C LEU B 300 1.75 21.08 5.97
N GLY B 301 1.41 21.54 7.17
CA GLY B 301 2.15 22.64 7.76
C GLY B 301 3.56 22.25 8.14
N THR B 302 3.73 21.04 8.67
CA THR B 302 5.07 20.58 9.01
C THR B 302 5.92 20.37 7.76
N SER B 303 5.31 19.86 6.68
CA SER B 303 6.06 19.59 5.46
C SER B 303 6.59 20.88 4.83
N VAL B 304 5.92 22.01 5.04
CA VAL B 304 6.35 23.27 4.44
C VAL B 304 6.83 24.27 5.47
N ARG B 305 6.87 23.90 6.75
CA ARG B 305 7.39 24.74 7.83
C ARG B 305 6.53 25.99 8.04
N LYS B 306 5.24 25.77 8.24
CA LYS B 306 4.30 26.83 8.60
C LYS B 306 3.38 26.31 9.69
N THR B 307 3.07 27.17 10.67
CA THR B 307 2.10 26.82 11.69
C THR B 307 0.69 26.89 11.11
N LEU B 308 -0.19 26.02 11.59
CA LEU B 308 -1.59 26.07 11.22
C LEU B 308 -2.33 26.95 12.22
N LEU B 309 -2.86 28.08 11.75
CA LEU B 309 -3.53 29.05 12.59
C LEU B 309 -5.03 28.98 12.35
N LEU B 310 -5.80 28.82 13.41
CA LEU B 310 -7.26 28.75 13.33
C LEU B 310 -7.86 30.05 13.84
N CYS B 311 -8.89 30.53 13.15
CA CYS B 311 -9.48 31.83 13.44
C CYS B 311 -10.99 31.71 13.44
N SER B 312 -11.63 32.41 14.38
CA SER B 312 -13.10 32.44 14.45
C SER B 312 -13.54 33.67 15.22
N PRO B 313 -14.46 34.47 14.67
CA PRO B 313 -14.87 35.71 15.34
C PRO B 313 -15.94 35.48 16.39
N GLN B 314 -15.83 36.20 17.49
CA GLN B 314 -16.74 36.02 18.61
C GLN B 314 -17.92 36.96 18.52
N PRO B 315 -19.02 36.66 19.22
CA PRO B 315 -20.18 37.57 19.17
C PRO B 315 -19.88 38.95 19.70
N ASP B 316 -18.92 39.10 20.61
CA ASP B 316 -18.58 40.42 21.12
C ASP B 316 -17.74 41.24 20.15
N GLY B 317 -17.26 40.64 19.06
CA GLY B 317 -16.53 41.35 18.01
C GLY B 317 -15.11 40.87 17.83
N LYS B 318 -14.43 40.51 18.91
CA LYS B 318 -13.04 40.11 18.82
C LYS B 318 -12.91 38.71 18.23
N VAL B 319 -11.76 38.45 17.62
CA VAL B 319 -11.43 37.15 17.05
C VAL B 319 -10.51 36.41 17.99
N VAL B 320 -10.64 35.09 18.04
CA VAL B 320 -9.79 34.24 18.85
C VAL B 320 -8.96 33.36 17.91
N TYR B 321 -7.68 33.21 18.22
CA TYR B 321 -6.77 32.43 17.40
C TYR B 321 -6.25 31.23 18.17
N THR B 322 -5.74 30.26 17.43
CA THR B 322 -5.20 29.04 17.99
C THR B 322 -4.13 28.53 17.03
N SER B 323 -3.10 27.89 17.57
CA SER B 323 -2.01 27.35 16.77
C SER B 323 -1.93 25.85 16.98
N LEU B 324 -1.84 25.11 15.88
CA LEU B 324 -1.75 23.66 15.91
C LEU B 324 -0.38 23.24 15.40
N GLN B 325 0.37 22.52 16.23
CA GLN B 325 1.69 22.06 15.87
C GLN B 325 1.81 20.59 16.21
N TRP B 326 2.93 19.99 15.80
CA TRP B 326 3.20 18.59 16.06
C TRP B 326 3.91 18.42 17.40
N ALA B 327 3.95 17.19 17.88
CA ALA B 327 4.57 16.91 19.16
C ALA B 327 5.12 15.49 19.16
N SER B 328 5.76 15.11 20.26
CA SER B 328 6.32 13.78 20.42
C SER B 328 6.48 13.46 21.90
N ALA D 28 -24.32 60.25 -6.84
CA ALA D 28 -23.78 61.12 -7.88
C ALA D 28 -23.10 60.29 -8.97
N ALA D 29 -21.95 60.77 -9.43
CA ALA D 29 -21.19 60.08 -10.48
C ALA D 29 -19.72 60.40 -10.30
N VAL D 30 -18.90 59.36 -10.20
CA VAL D 30 -17.47 59.50 -9.97
C VAL D 30 -16.74 59.60 -11.30
N GLU D 31 -15.72 60.44 -11.36
CA GLU D 31 -14.91 60.62 -12.55
C GLU D 31 -13.68 59.73 -12.47
N VAL D 32 -13.46 58.93 -13.51
CA VAL D 32 -12.41 57.91 -13.51
C VAL D 32 -11.32 58.26 -14.50
N PRO D 33 -10.33 59.08 -14.15
CA PRO D 33 -9.23 59.34 -15.07
C PRO D 33 -8.36 58.10 -15.22
N ALA D 34 -7.85 57.90 -16.44
CA ALA D 34 -7.12 56.69 -16.73
C ALA D 34 -6.17 56.90 -17.90
N GLY D 35 -5.25 55.95 -18.06
CA GLY D 35 -4.42 55.85 -19.24
C GLY D 35 -3.21 56.77 -19.29
N ARG D 36 -2.08 56.23 -19.74
CA ARG D 36 -0.87 57.00 -20.03
C ARG D 36 -0.56 56.85 -21.50
N VAL D 37 -0.52 57.96 -22.22
CA VAL D 37 -0.31 57.96 -23.67
C VAL D 37 1.19 58.03 -23.91
N LEU D 38 1.78 56.90 -24.28
CA LEU D 38 3.19 56.88 -24.65
C LEU D 38 3.46 57.83 -25.80
N SER D 39 4.49 58.65 -25.66
CA SER D 39 4.85 59.61 -26.68
C SER D 39 5.58 58.90 -27.83
N ALA D 40 6.00 59.68 -28.82
CA ALA D 40 6.76 59.11 -29.93
C ALA D 40 8.08 58.55 -29.44
N ARG D 41 8.80 59.30 -28.61
CA ARG D 41 10.09 58.85 -28.10
C ARG D 41 9.96 57.70 -27.13
N GLU D 42 8.77 57.45 -26.59
CA GLU D 42 8.55 56.38 -25.61
C GLU D 42 8.06 55.10 -26.26
N LEU D 43 7.78 55.11 -27.56
CA LEU D 43 7.46 53.89 -28.29
C LEU D 43 8.72 53.25 -28.87
N PHE D 44 9.66 54.07 -29.34
CA PHE D 44 10.93 53.55 -29.85
C PHE D 44 11.72 52.88 -28.73
N ALA D 45 11.76 53.51 -27.55
CA ALA D 45 12.43 52.88 -26.41
C ALA D 45 11.74 51.60 -25.99
N ALA D 46 10.44 51.49 -26.22
CA ALA D 46 9.69 50.29 -25.87
C ALA D 46 9.71 49.25 -26.97
N ARG D 47 10.23 49.58 -28.15
CA ARG D 47 10.44 48.59 -29.21
C ARG D 47 11.83 47.97 -29.15
N SER D 48 12.85 48.75 -28.82
CA SER D 48 14.19 48.21 -28.59
C SER D 48 14.35 47.76 -27.15
N ARG D 49 13.43 46.90 -26.70
CA ARG D 49 13.42 46.42 -25.33
C ARG D 49 14.23 45.13 -25.21
N SER D 50 14.41 44.67 -23.98
CA SER D 50 15.11 43.41 -23.74
C SER D 50 14.12 42.25 -23.73
N GLN D 51 14.57 41.10 -23.23
CA GLN D 51 13.70 39.92 -23.18
C GLN D 51 13.92 39.18 -21.87
N LYS D 52 14.88 39.66 -21.08
CA LYS D 52 15.32 38.95 -19.87
C LYS D 52 14.41 39.30 -18.71
N LEU D 53 13.75 38.30 -18.15
CA LEU D 53 12.87 38.52 -17.02
C LEU D 53 13.68 38.89 -15.78
N PRO D 54 13.27 39.90 -15.02
CA PRO D 54 13.96 40.21 -13.77
C PRO D 54 13.70 39.14 -12.73
N GLN D 55 14.74 38.83 -11.96
CA GLN D 55 14.63 37.80 -10.93
C GLN D 55 13.64 38.21 -9.86
N ARG D 56 12.86 37.24 -9.38
CA ARG D 56 11.73 37.55 -8.52
C ARG D 56 12.18 38.01 -7.14
N SER D 57 12.90 37.15 -6.43
CA SER D 57 13.49 37.49 -5.14
C SER D 57 15.00 37.33 -5.27
N HIS D 58 15.74 38.41 -5.04
CA HIS D 58 17.18 38.41 -5.25
C HIS D 58 17.82 37.59 -4.14
N GLY D 59 17.70 36.26 -4.27
CA GLY D 59 18.24 35.35 -3.30
C GLY D 59 17.15 34.58 -2.57
N PRO D 60 17.50 33.94 -1.47
CA PRO D 60 16.51 33.22 -0.66
C PRO D 60 15.70 34.18 0.19
N LYS D 61 14.64 33.63 0.79
CA LYS D 61 13.70 34.40 1.58
C LYS D 61 14.09 34.44 3.05
N ASP D 62 13.66 35.49 3.73
CA ASP D 62 14.01 35.72 5.12
C ASP D 62 12.98 35.06 6.04
N PHE D 63 13.25 35.10 7.34
CA PHE D 63 12.34 34.50 8.33
C PHE D 63 11.76 35.54 9.28
N LEU D 64 12.59 36.31 9.98
CA LEU D 64 12.03 37.26 10.92
C LEU D 64 12.21 38.69 10.41
N PRO D 65 11.25 39.57 10.67
CA PRO D 65 11.28 40.90 10.04
C PRO D 65 12.10 41.92 10.81
N ASP D 66 12.94 41.47 11.73
CA ASP D 66 13.78 42.37 12.52
C ASP D 66 15.14 42.50 11.83
N GLY D 67 15.40 43.66 11.25
CA GLY D 67 16.66 43.95 10.61
C GLY D 67 16.90 45.44 10.62
N SER D 68 18.08 45.83 10.16
CA SER D 68 18.51 47.23 10.21
C SER D 68 18.57 47.84 8.81
N ALA D 69 19.39 47.30 7.92
CA ALA D 69 19.50 47.84 6.56
C ALA D 69 19.49 46.79 5.48
N ALA D 70 19.85 45.54 5.76
CA ALA D 70 19.80 44.51 4.74
C ALA D 70 18.37 44.24 4.29
N GLN D 71 17.46 44.03 5.25
CA GLN D 71 16.07 43.79 4.94
C GLN D 71 15.47 44.95 4.16
N ALA D 72 15.69 46.18 4.64
CA ALA D 72 15.11 47.34 3.99
C ALA D 72 15.67 47.54 2.58
N GLU D 73 16.98 47.37 2.41
CA GLU D 73 17.57 47.59 1.09
C GLU D 73 17.11 46.53 0.09
N ARG D 74 17.10 45.26 0.51
CA ARG D 74 16.66 44.23 -0.42
C ARG D 74 15.18 44.36 -0.75
N LEU D 75 14.36 44.80 0.20
CA LEU D 75 12.95 45.02 -0.10
C LEU D 75 12.77 46.19 -1.06
N ARG D 76 13.49 47.29 -0.83
CA ARG D 76 13.43 48.43 -1.73
C ARG D 76 13.82 48.04 -3.15
N ARG D 77 14.85 47.21 -3.29
CA ARG D 77 15.24 46.76 -4.63
C ARG D 77 14.17 45.89 -5.27
N CYS D 78 13.68 44.88 -4.53
CA CYS D 78 12.67 43.99 -5.08
C CYS D 78 11.40 44.75 -5.46
N ARG D 79 11.10 45.84 -4.77
CA ARG D 79 9.90 46.62 -5.08
C ARG D 79 10.14 47.58 -6.24
N GLU D 80 11.31 48.21 -6.31
CA GLU D 80 11.57 49.14 -7.39
C GLU D 80 11.74 48.44 -8.72
N GLU D 81 12.12 47.16 -8.72
CA GLU D 81 12.13 46.44 -9.99
C GLU D 81 10.71 46.07 -10.43
N LEU D 82 9.83 45.79 -9.47
CA LEU D 82 8.44 45.47 -9.81
C LEU D 82 7.72 46.68 -10.36
N TRP D 83 7.83 47.82 -9.69
CA TRP D 83 7.10 49.00 -10.14
C TRP D 83 7.58 49.51 -11.48
N GLN D 84 8.71 49.02 -11.99
CA GLN D 84 9.14 49.28 -13.34
C GLN D 84 8.73 48.19 -14.32
N LEU D 85 8.61 46.95 -13.84
CA LEU D 85 8.16 45.87 -14.74
C LEU D 85 6.70 46.04 -15.12
N LEU D 86 5.86 46.57 -14.22
CA LEU D 86 4.43 46.68 -14.48
C LEU D 86 4.06 47.90 -15.30
N ALA D 87 4.86 48.97 -15.26
CA ALA D 87 4.56 50.15 -16.04
C ALA D 87 5.09 49.99 -17.46
N GLU D 88 4.73 48.90 -18.12
CA GLU D 88 5.20 48.60 -19.47
C GLU D 88 4.01 48.40 -20.40
N GLN D 89 4.08 49.02 -21.57
CA GLN D 89 3.03 48.96 -22.56
C GLN D 89 3.47 48.12 -23.76
N ARG D 90 2.49 47.59 -24.48
CA ARG D 90 2.77 46.89 -25.73
C ARG D 90 2.90 47.89 -26.86
N VAL D 91 4.01 47.82 -27.59
CA VAL D 91 4.23 48.61 -28.78
C VAL D 91 4.52 47.66 -29.93
N GLU D 92 3.87 47.89 -31.06
CA GLU D 92 3.95 46.98 -32.19
C GLU D 92 4.07 47.79 -33.48
N ARG D 93 4.36 47.08 -34.57
CA ARG D 93 4.39 47.67 -35.89
C ARG D 93 3.00 47.62 -36.51
N LEU D 94 2.66 48.63 -37.30
CA LEU D 94 1.34 48.68 -37.93
C LEU D 94 1.21 47.74 -39.11
N GLY D 95 2.26 47.02 -39.48
CA GLY D 95 2.17 46.08 -40.59
C GLY D 95 2.15 44.65 -40.13
N SER D 96 2.58 44.41 -38.89
CA SER D 96 2.48 43.10 -38.27
C SER D 96 1.15 42.89 -37.56
N LEU D 97 0.22 43.82 -37.70
CA LEU D 97 -1.05 43.77 -37.00
C LEU D 97 -2.18 43.45 -37.97
N VAL D 98 -2.96 42.43 -37.64
CA VAL D 98 -4.12 42.04 -38.43
C VAL D 98 -5.33 42.77 -37.88
N ALA D 99 -5.79 43.79 -38.60
CA ALA D 99 -6.92 44.58 -38.13
C ALA D 99 -8.18 43.74 -38.06
N ALA D 100 -8.88 43.82 -36.94
CA ALA D 100 -10.09 43.05 -36.69
C ALA D 100 -11.25 44.01 -36.40
N GLU D 101 -12.43 43.43 -36.17
CA GLU D 101 -13.62 44.22 -35.88
C GLU D 101 -14.60 43.36 -35.11
N TRP D 102 -15.04 43.84 -33.96
CA TRP D 102 -15.90 43.06 -33.07
C TRP D 102 -17.36 43.36 -33.41
N ARG D 103 -18.09 42.32 -33.83
CA ARG D 103 -19.51 42.42 -34.12
C ARG D 103 -20.29 41.76 -32.99
N PRO D 104 -20.93 42.52 -32.12
CA PRO D 104 -21.46 41.93 -30.88
C PRO D 104 -22.82 41.27 -31.01
N GLU D 105 -23.54 41.53 -32.10
CA GLU D 105 -24.84 40.89 -32.29
C GLU D 105 -24.70 39.49 -32.87
N GLU D 106 -23.73 39.26 -33.75
CA GLU D 106 -23.45 37.90 -34.21
C GLU D 106 -22.58 37.14 -33.22
N GLY D 107 -21.76 37.85 -32.45
CA GLY D 107 -21.01 37.21 -31.38
C GLY D 107 -19.62 36.74 -31.75
N PHE D 108 -18.93 37.43 -32.66
CA PHE D 108 -17.59 37.03 -33.04
C PHE D 108 -16.79 38.28 -33.42
N VAL D 109 -15.53 38.06 -33.77
CA VAL D 109 -14.65 39.10 -34.27
C VAL D 109 -14.25 38.72 -35.68
N GLU D 110 -14.45 39.63 -36.63
CA GLU D 110 -14.23 39.35 -38.03
C GLU D 110 -12.99 40.11 -38.53
N LEU D 111 -12.02 39.36 -39.05
CA LEU D 111 -10.76 39.94 -39.48
C LEU D 111 -10.95 40.77 -40.74
N LYS D 112 -10.12 41.80 -40.87
CA LYS D 112 -10.11 42.68 -42.03
C LYS D 112 -8.90 42.47 -42.93
N SER D 113 -8.10 41.44 -42.66
CA SER D 113 -6.90 41.16 -43.43
C SER D 113 -6.62 39.67 -43.34
N PRO D 114 -5.78 39.14 -44.23
CA PRO D 114 -5.41 37.72 -44.13
C PRO D 114 -4.68 37.44 -42.83
N ALA D 115 -5.08 36.38 -42.15
CA ALA D 115 -4.48 36.04 -40.88
C ALA D 115 -3.03 35.62 -41.08
N GLY D 116 -2.33 35.44 -39.96
CA GLY D 116 -0.93 35.05 -39.99
C GLY D 116 -0.72 33.61 -39.58
N LYS D 117 0.32 33.34 -38.80
CA LYS D 117 0.63 31.97 -38.42
C LYS D 117 -0.40 31.39 -37.46
N PHE D 118 -1.20 32.23 -36.80
CA PHE D 118 -2.18 31.73 -35.86
C PHE D 118 -3.40 31.13 -36.53
N TRP D 119 -3.51 31.21 -37.85
CA TRP D 119 -4.68 30.70 -38.55
C TRP D 119 -4.64 29.19 -38.72
N GLN D 120 -3.53 28.54 -38.39
CA GLN D 120 -3.42 27.09 -38.51
C GLN D 120 -4.03 26.37 -37.32
N THR D 121 -4.17 27.04 -36.18
CA THR D 121 -4.75 26.44 -34.98
C THR D 121 -5.88 27.25 -34.37
N MET D 122 -6.16 28.45 -34.86
CA MET D 122 -7.17 29.32 -34.31
C MET D 122 -8.01 29.91 -35.44
N GLY D 123 -9.32 29.93 -35.26
CA GLY D 123 -10.22 30.61 -36.16
C GLY D 123 -11.16 29.65 -36.88
N PHE D 124 -12.10 30.26 -37.60
CA PHE D 124 -13.01 29.52 -38.46
C PHE D 124 -13.39 30.43 -39.62
N SER D 125 -13.62 29.84 -40.78
CA SER D 125 -13.96 30.59 -41.98
C SER D 125 -15.37 30.19 -42.41
N GLU D 126 -16.27 31.16 -42.46
CA GLU D 126 -17.64 30.93 -42.88
C GLU D 126 -18.09 32.08 -43.77
N GLN D 127 -18.84 31.77 -44.81
CA GLN D 127 -19.40 32.76 -45.72
C GLN D 127 -18.32 33.60 -46.38
N GLY D 128 -17.14 33.03 -46.57
CA GLY D 128 -16.08 33.71 -47.30
C GLY D 128 -15.32 34.74 -46.51
N ARG D 129 -15.38 34.73 -45.19
CA ARG D 129 -14.64 35.66 -44.35
C ARG D 129 -14.02 34.92 -43.18
N GLN D 130 -12.90 35.43 -42.69
CA GLN D 130 -12.19 34.85 -41.58
C GLN D 130 -12.72 35.39 -40.26
N ARG D 131 -12.96 34.51 -39.30
CA ARG D 131 -13.65 34.90 -38.08
C ARG D 131 -13.03 34.22 -36.87
N LEU D 132 -13.11 34.90 -35.73
CA LEU D 132 -12.56 34.42 -34.47
C LEU D 132 -13.64 34.41 -33.40
N HIS D 133 -13.45 33.57 -32.40
CA HIS D 133 -14.25 33.61 -31.19
C HIS D 133 -13.81 34.80 -30.33
N PRO D 134 -14.61 35.18 -29.34
CA PRO D 134 -14.19 36.32 -28.50
C PRO D 134 -12.96 36.03 -27.64
N GLU D 135 -12.83 34.83 -27.09
CA GLU D 135 -11.67 34.54 -26.26
C GLU D 135 -10.39 34.41 -27.07
N GLU D 136 -10.48 33.85 -28.28
CA GLU D 136 -9.32 33.83 -29.17
C GLU D 136 -8.92 35.25 -29.55
N ALA D 137 -9.90 36.12 -29.79
CA ALA D 137 -9.59 37.51 -30.14
C ALA D 137 -8.91 38.23 -28.98
N LEU D 138 -9.41 38.01 -27.76
CA LEU D 138 -8.77 38.63 -26.60
C LEU D 138 -7.35 38.11 -26.39
N TYR D 139 -7.16 36.79 -26.50
CA TYR D 139 -5.83 36.24 -26.31
C TYR D 139 -4.85 36.74 -27.37
N LEU D 140 -5.31 36.90 -28.61
CA LEU D 140 -4.46 37.46 -29.64
C LEU D 140 -4.25 38.95 -29.48
N LEU D 141 -5.17 39.65 -28.82
CA LEU D 141 -4.97 41.06 -28.54
C LEU D 141 -3.90 41.24 -27.47
N GLU D 142 -3.90 40.39 -26.44
CA GLU D 142 -2.88 40.48 -25.40
C GLU D 142 -1.49 40.15 -25.95
N CYS D 143 -1.37 39.09 -26.75
CA CYS D 143 -0.11 38.76 -27.38
C CYS D 143 0.31 39.74 -28.46
N GLY D 144 -0.51 40.74 -28.78
CA GLY D 144 -0.15 41.72 -29.78
C GLY D 144 -0.31 41.27 -31.21
N SER D 145 -1.20 40.31 -31.48
CA SER D 145 -1.34 39.74 -32.82
C SER D 145 -2.35 40.51 -33.68
N ILE D 146 -3.49 40.88 -33.11
CA ILE D 146 -4.53 41.61 -33.85
C ILE D 146 -4.65 43.01 -33.27
N HIS D 147 -5.30 43.88 -34.04
CA HIS D 147 -5.59 45.26 -33.63
C HIS D 147 -7.10 45.41 -33.62
N LEU D 148 -7.70 45.08 -32.48
CA LEU D 148 -9.16 45.01 -32.37
C LEU D 148 -9.78 46.40 -32.44
N PHE D 149 -10.95 46.48 -33.07
CA PHE D 149 -11.70 47.72 -33.21
C PHE D 149 -13.12 47.49 -32.73
N HIS D 150 -13.83 48.60 -32.52
CA HIS D 150 -15.24 48.56 -32.16
C HIS D 150 -15.81 49.94 -32.40
N GLN D 151 -16.85 50.03 -33.22
CA GLN D 151 -17.43 51.32 -33.61
C GLN D 151 -16.37 52.29 -34.10
N ASP D 152 -15.43 51.78 -34.88
CA ASP D 152 -14.36 52.54 -35.52
C ASP D 152 -13.35 53.11 -34.51
N LEU D 153 -13.27 52.53 -33.32
CA LEU D 153 -12.32 52.96 -32.30
C LEU D 153 -11.65 51.74 -31.70
N PRO D 154 -10.33 51.76 -31.57
CA PRO D 154 -9.63 50.56 -31.09
C PRO D 154 -9.90 50.28 -29.62
N LEU D 155 -10.12 49.01 -29.31
CA LEU D 155 -10.41 48.60 -27.94
C LEU D 155 -9.12 48.46 -27.15
N SER D 156 -9.05 49.16 -26.03
CA SER D 156 -8.01 48.91 -25.05
C SER D 156 -8.16 47.50 -24.48
N ILE D 157 -7.15 47.06 -23.74
CA ILE D 157 -7.26 45.76 -23.11
C ILE D 157 -8.23 45.79 -21.94
N GLN D 158 -8.39 46.95 -21.29
CA GLN D 158 -9.43 47.09 -20.27
C GLN D 158 -10.82 47.00 -20.89
N GLU D 159 -11.07 47.78 -21.94
CA GLU D 159 -12.38 47.75 -22.59
C GLU D 159 -12.62 46.41 -23.29
N ALA D 160 -11.57 45.75 -23.79
CA ALA D 160 -11.76 44.44 -24.37
C ALA D 160 -12.11 43.41 -23.31
N TYR D 161 -11.43 43.45 -22.16
CA TYR D 161 -11.81 42.63 -21.02
C TYR D 161 -13.24 42.86 -20.62
N GLN D 162 -13.71 44.10 -20.74
CA GLN D 162 -15.08 44.44 -20.34
C GLN D 162 -16.10 43.96 -21.36
N LEU D 163 -15.81 44.14 -22.65
CA LEU D 163 -16.76 43.82 -23.71
C LEU D 163 -16.85 42.33 -23.95
N LEU D 164 -15.72 41.67 -24.17
CA LEU D 164 -15.74 40.28 -24.61
C LEU D 164 -16.04 39.31 -23.49
N LEU D 165 -15.70 39.66 -22.24
CA LEU D 165 -15.80 38.71 -21.13
C LEU D 165 -17.11 38.91 -20.37
N THR D 166 -18.21 38.71 -21.07
CA THR D 166 -19.53 38.70 -20.46
C THR D 166 -19.84 37.26 -20.03
N ASP D 167 -21.09 36.96 -19.72
CA ASP D 167 -21.51 35.59 -19.50
C ASP D 167 -22.19 34.98 -20.72
N HIS D 168 -22.60 35.81 -21.69
CA HIS D 168 -23.19 35.29 -22.91
C HIS D 168 -22.14 34.71 -23.86
N THR D 169 -20.88 35.13 -23.75
CA THR D 169 -19.85 34.73 -24.70
C THR D 169 -18.82 33.82 -24.04
N VAL D 170 -18.11 34.30 -23.03
CA VAL D 170 -17.12 33.50 -22.32
C VAL D 170 -16.81 34.20 -21.01
N THR D 171 -16.68 33.43 -19.94
CA THR D 171 -16.52 33.99 -18.61
C THR D 171 -15.07 34.42 -18.40
N PHE D 172 -14.72 34.73 -17.15
CA PHE D 172 -13.38 35.16 -16.79
C PHE D 172 -12.49 34.00 -16.39
N LEU D 173 -13.04 33.03 -15.64
CA LEU D 173 -12.26 31.85 -15.28
C LEU D 173 -11.91 31.03 -16.51
N GLN D 174 -12.86 30.88 -17.44
CA GLN D 174 -12.60 30.13 -18.65
C GLN D 174 -11.52 30.81 -19.49
N TYR D 175 -11.58 32.13 -19.61
CA TYR D 175 -10.53 32.83 -20.34
C TYR D 175 -9.18 32.70 -19.64
N GLN D 176 -9.17 32.68 -18.31
CA GLN D 176 -7.90 32.53 -17.61
C GLN D 176 -7.27 31.18 -17.88
N VAL D 177 -8.07 30.10 -17.86
CA VAL D 177 -7.52 28.79 -18.14
C VAL D 177 -7.10 28.65 -19.60
N PHE D 178 -7.94 29.15 -20.52
CA PHE D 178 -7.60 29.15 -21.94
C PHE D 178 -6.28 29.84 -22.19
N SER D 179 -6.10 31.04 -21.64
CA SER D 179 -4.87 31.79 -21.83
C SER D 179 -3.68 31.08 -21.20
N HIS D 180 -3.85 30.54 -19.99
CA HIS D 180 -2.76 29.84 -19.32
C HIS D 180 -2.25 28.70 -20.17
N LEU D 181 -3.16 27.91 -20.75
CA LEU D 181 -2.74 26.80 -21.58
C LEU D 181 -2.15 27.26 -22.91
N LYS D 182 -2.77 28.25 -23.54
CA LYS D 182 -2.28 28.71 -24.84
C LYS D 182 -0.89 29.33 -24.74
N ARG D 183 -0.56 29.95 -23.62
CA ARG D 183 0.76 30.57 -23.47
C ARG D 183 1.89 29.56 -23.32
N LEU D 184 1.57 28.27 -23.20
CA LEU D 184 2.58 27.22 -23.15
C LEU D 184 2.68 26.45 -24.47
N GLY D 185 1.84 26.76 -25.44
CA GLY D 185 1.94 26.14 -26.74
C GLY D 185 0.94 25.06 -27.05
N TYR D 186 -0.08 24.87 -26.22
CA TYR D 186 -1.11 23.90 -26.52
C TYR D 186 -2.01 24.42 -27.63
N VAL D 187 -2.90 23.56 -28.10
CA VAL D 187 -3.96 23.94 -29.04
C VAL D 187 -5.28 23.75 -28.32
N VAL D 188 -5.93 24.86 -27.98
CA VAL D 188 -7.19 24.85 -27.24
C VAL D 188 -8.30 25.19 -28.22
N ARG D 189 -9.24 24.25 -28.36
CA ARG D 189 -10.35 24.39 -29.31
C ARG D 189 -11.66 24.25 -28.54
N ARG D 190 -12.63 25.11 -28.86
CA ARG D 190 -13.94 25.03 -28.25
C ARG D 190 -14.53 23.65 -28.43
N PHE D 191 -15.07 23.09 -27.37
CA PHE D 191 -15.65 21.75 -27.43
C PHE D 191 -17.05 21.84 -28.00
N GLN D 192 -17.18 21.51 -29.28
CA GLN D 192 -18.50 21.39 -29.88
C GLN D 192 -19.15 20.10 -29.40
N PRO D 193 -20.33 20.16 -28.77
CA PRO D 193 -20.96 18.95 -28.22
C PRO D 193 -21.06 17.80 -29.20
N SER D 194 -21.00 18.10 -30.49
CA SER D 194 -20.98 17.08 -31.54
C SER D 194 -19.59 16.47 -31.72
N SER D 195 -18.60 16.85 -30.90
CA SER D 195 -17.27 16.27 -31.02
C SER D 195 -17.23 14.81 -30.59
N VAL D 196 -18.22 14.36 -29.85
CA VAL D 196 -18.27 13.00 -29.36
C VAL D 196 -19.45 12.26 -29.95
N PRO D 431 6.31 -16.58 2.96
CA PRO D 431 6.00 -16.53 4.39
C PRO D 431 4.83 -15.59 4.65
N GLY D 432 4.21 -15.12 3.57
CA GLY D 432 3.06 -14.23 3.67
C GLY D 432 1.75 -15.01 3.58
N GLN D 433 1.53 -15.93 4.52
CA GLN D 433 0.35 -16.77 4.48
C GLN D 433 -0.88 -16.04 4.99
N ALA D 434 -2.05 -16.62 4.72
CA ALA D 434 -3.33 -16.14 5.23
C ALA D 434 -3.98 -17.11 6.20
N SER D 435 -3.85 -18.42 5.95
CA SER D 435 -4.33 -19.43 6.90
C SER D 435 -3.31 -20.56 6.91
N SER D 436 -3.58 -21.66 7.59
CA SER D 436 -2.69 -22.82 7.63
C SER D 436 -2.75 -23.68 6.37
N PRO D 437 -3.94 -24.01 5.83
CA PRO D 437 -3.97 -24.85 4.63
C PRO D 437 -3.16 -24.28 3.48
N ALA D 438 -2.45 -25.17 2.78
CA ALA D 438 -1.62 -24.78 1.63
C ALA D 438 -2.47 -24.92 0.37
N VAL D 439 -3.22 -23.88 0.05
CA VAL D 439 -4.04 -23.82 -1.15
C VAL D 439 -3.59 -22.60 -1.95
N VAL D 440 -4.28 -22.29 -3.04
CA VAL D 440 -3.88 -21.19 -3.92
C VAL D 440 -5.11 -20.38 -4.28
N LEU D 441 -4.89 -19.08 -4.45
CA LEU D 441 -5.89 -18.12 -4.97
C LEU D 441 -7.22 -18.27 -4.23
N GLN D 442 -7.18 -17.86 -2.96
CA GLN D 442 -8.33 -18.05 -2.07
C GLN D 442 -9.62 -17.51 -2.69
N HIS D 443 -9.55 -16.33 -3.31
CA HIS D 443 -10.68 -15.77 -4.04
C HIS D 443 -11.93 -15.68 -3.18
N ILE D 444 -11.88 -14.84 -2.14
CA ILE D 444 -13.01 -14.64 -1.24
C ILE D 444 -13.88 -13.47 -1.71
N SER D 445 -13.52 -12.86 -2.84
CA SER D 445 -14.22 -11.66 -3.30
C SER D 445 -15.67 -11.95 -3.65
N VAL D 446 -16.55 -11.09 -3.18
CA VAL D 446 -17.97 -11.13 -3.53
C VAL D 446 -18.34 -9.76 -4.09
N LEU D 447 -17.50 -8.76 -3.82
CA LEU D 447 -17.73 -7.40 -4.27
C LEU D 447 -17.20 -7.23 -5.68
N GLN D 448 -18.06 -6.81 -6.60
CA GLN D 448 -17.65 -6.60 -7.98
C GLN D 448 -17.31 -5.14 -8.23
N THR D 449 -16.42 -4.92 -9.19
CA THR D 449 -15.84 -3.60 -9.45
C THR D 449 -16.44 -3.02 -10.72
N THR D 450 -17.26 -1.98 -10.55
CA THR D 450 -17.84 -1.31 -11.71
C THR D 450 -16.82 -0.34 -12.31
N HIS D 451 -17.16 0.18 -13.49
CA HIS D 451 -16.32 1.13 -14.20
C HIS D 451 -16.95 2.52 -14.14
N LEU D 452 -16.27 3.50 -14.74
CA LEU D 452 -16.76 4.86 -14.73
C LEU D 452 -17.88 5.07 -15.75
N PRO D 453 -17.68 4.76 -17.04
CA PRO D 453 -18.75 5.04 -18.01
C PRO D 453 -19.83 3.96 -18.08
N ASP D 454 -19.62 2.82 -17.43
CA ASP D 454 -20.56 1.70 -17.50
C ASP D 454 -21.80 2.05 -16.67
N GLY D 455 -22.72 2.77 -17.32
CA GLY D 455 -23.94 3.19 -16.66
C GLY D 455 -24.12 4.70 -16.66
N GLY D 456 -23.48 5.37 -17.61
CA GLY D 456 -23.55 6.81 -17.68
C GLY D 456 -24.29 7.33 -18.90
N ALA D 457 -24.79 6.41 -19.73
CA ALA D 457 -25.58 6.83 -20.88
C ALA D 457 -26.96 7.30 -20.46
N ARG D 458 -27.48 6.76 -19.35
CA ARG D 458 -28.74 7.21 -18.77
C ARG D 458 -28.54 8.20 -17.63
N LEU D 459 -27.31 8.39 -17.16
CA LEU D 459 -27.01 9.42 -16.18
C LEU D 459 -26.95 10.80 -16.78
N LEU D 460 -27.07 10.92 -18.11
CA LEU D 460 -27.08 12.21 -18.77
C LEU D 460 -28.40 12.95 -18.61
N GLU D 461 -29.42 12.32 -18.00
CA GLU D 461 -30.73 12.95 -17.94
C GLU D 461 -30.71 14.22 -17.13
N LYS D 462 -29.79 14.32 -16.17
CA LYS D 462 -29.62 15.54 -15.39
C LYS D 462 -28.47 16.37 -16.00
N SER D 463 -28.77 16.95 -17.16
CA SER D 463 -27.82 17.80 -17.86
C SER D 463 -27.77 19.15 -17.16
N GLY D 464 -26.85 19.31 -16.22
CA GLY D 464 -26.73 20.56 -15.49
C GLY D 464 -25.61 20.55 -14.47
N GLY D 465 -24.90 21.67 -14.37
CA GLY D 465 -23.79 21.77 -13.44
C GLY D 465 -22.47 22.03 -14.12
N LEU D 466 -21.57 21.05 -14.07
CA LEU D 466 -20.28 21.15 -14.72
C LEU D 466 -20.36 20.53 -16.11
N GLU D 467 -19.59 21.09 -17.04
CA GLU D 467 -19.63 20.63 -18.42
C GLU D 467 -18.28 20.89 -19.09
N ILE D 468 -17.94 20.03 -20.05
CA ILE D 468 -16.71 20.17 -20.80
C ILE D 468 -16.74 21.47 -21.58
N ILE D 469 -15.59 22.10 -21.72
CA ILE D 469 -15.53 23.42 -22.36
C ILE D 469 -14.58 23.42 -23.53
N PHE D 470 -13.37 22.88 -23.36
CA PHE D 470 -12.32 23.00 -24.36
C PHE D 470 -11.81 21.63 -24.80
N ASP D 471 -11.09 21.64 -25.91
CA ASP D 471 -10.33 20.50 -26.40
C ASP D 471 -8.88 20.91 -26.50
N VAL D 472 -7.99 20.14 -25.87
CA VAL D 472 -6.59 20.50 -25.74
C VAL D 472 -5.74 19.52 -26.53
N TYR D 473 -4.84 20.05 -27.35
CA TYR D 473 -3.87 19.26 -28.10
C TYR D 473 -2.47 19.62 -27.61
N GLN D 474 -1.58 18.64 -27.61
CA GLN D 474 -0.26 18.85 -27.06
C GLN D 474 0.53 19.84 -27.91
N ALA D 475 1.68 20.23 -27.40
CA ALA D 475 2.52 21.20 -28.11
C ALA D 475 3.25 20.57 -29.28
N ASP D 476 3.47 19.26 -29.26
CA ASP D 476 4.00 18.56 -30.42
C ASP D 476 3.15 18.83 -31.66
N ALA D 477 1.84 18.58 -31.53
CA ALA D 477 0.91 18.55 -32.65
C ALA D 477 0.68 19.91 -33.30
N VAL D 478 1.35 20.97 -32.84
CA VAL D 478 1.14 22.29 -33.43
C VAL D 478 1.63 22.32 -34.87
N ALA D 479 2.71 21.60 -35.17
CA ALA D 479 3.35 21.73 -36.48
C ALA D 479 2.49 21.16 -37.59
N THR D 480 1.86 20.00 -37.34
CA THR D 480 1.07 19.32 -38.36
C THR D 480 -0.38 19.24 -37.95
N PHE D 481 -0.95 20.35 -37.50
CA PHE D 481 -2.33 20.39 -37.05
C PHE D 481 -3.23 20.63 -38.25
N ARG D 482 -4.09 19.66 -38.55
CA ARG D 482 -5.10 19.79 -39.58
C ARG D 482 -6.35 20.39 -38.95
N LYS D 483 -6.70 21.60 -39.36
CA LYS D 483 -7.80 22.31 -38.74
C LYS D 483 -9.17 21.86 -39.24
N ASN D 484 -9.22 21.05 -40.30
CA ASN D 484 -10.48 20.48 -40.75
C ASN D 484 -10.63 19.01 -40.44
N ASN D 485 -9.55 18.32 -40.09
CA ASN D 485 -9.60 16.92 -39.68
C ASN D 485 -8.65 16.70 -38.50
N PRO D 486 -8.97 17.27 -37.34
CA PRO D 486 -7.96 17.38 -36.28
C PRO D 486 -7.60 16.08 -35.61
N GLY D 487 -8.51 15.11 -35.55
CA GLY D 487 -8.23 13.85 -34.88
C GLY D 487 -8.71 13.86 -33.43
N LYS D 488 -8.30 12.82 -32.73
CA LYS D 488 -8.66 12.64 -31.32
C LYS D 488 -7.75 13.49 -30.45
N PRO D 489 -8.31 14.33 -29.57
CA PRO D 489 -7.48 15.28 -28.83
C PRO D 489 -6.74 14.61 -27.68
N TYR D 490 -5.93 15.41 -26.98
CA TYR D 490 -5.13 14.90 -25.89
C TYR D 490 -5.93 14.81 -24.60
N ALA D 491 -6.75 15.82 -24.32
CA ALA D 491 -7.58 15.83 -23.11
C ALA D 491 -8.66 16.88 -23.26
N ARG D 492 -9.79 16.63 -22.60
CA ARG D 492 -10.90 17.57 -22.51
C ARG D 492 -10.91 18.22 -21.13
N MET D 493 -11.34 19.48 -21.08
CA MET D 493 -11.14 20.31 -19.91
C MET D 493 -12.44 20.91 -19.41
N CYS D 494 -12.70 20.74 -18.11
CA CYS D 494 -13.79 21.39 -17.39
C CYS D 494 -13.20 22.43 -16.43
N ILE D 495 -13.92 23.53 -16.24
CA ILE D 495 -13.38 24.69 -15.53
C ILE D 495 -14.34 25.07 -14.40
N SER D 496 -13.80 25.17 -13.18
CA SER D 496 -14.55 25.51 -11.99
C SER D 496 -13.80 26.60 -11.22
N GLY D 497 -14.31 26.94 -10.05
CA GLY D 497 -13.62 27.80 -9.12
C GLY D 497 -13.20 27.00 -7.91
N PHE D 498 -12.28 27.51 -7.10
CA PHE D 498 -11.77 26.71 -5.99
C PHE D 498 -12.78 26.56 -4.86
N ASP D 499 -13.83 27.39 -4.83
CA ASP D 499 -14.83 27.30 -3.78
C ASP D 499 -16.10 26.59 -4.21
N GLU D 500 -16.27 26.31 -5.50
CA GLU D 500 -17.38 25.50 -5.95
C GLU D 500 -17.18 24.06 -5.49
N PRO D 501 -18.27 23.30 -5.35
CA PRO D 501 -18.14 21.94 -4.80
C PRO D 501 -17.51 20.96 -5.78
N VAL D 502 -16.80 20.00 -5.19
CA VAL D 502 -16.17 18.92 -5.97
C VAL D 502 -17.25 18.12 -6.68
N PRO D 503 -17.04 17.69 -7.94
CA PRO D 503 -18.08 16.93 -8.62
C PRO D 503 -18.36 15.60 -7.94
N ASP D 504 -19.63 15.24 -7.87
CA ASP D 504 -20.04 13.98 -7.29
C ASP D 504 -19.75 12.84 -8.26
N LEU D 505 -20.11 11.62 -7.87
CA LEU D 505 -19.86 10.47 -8.74
C LEU D 505 -20.81 10.46 -9.93
N CYS D 506 -22.02 10.97 -9.78
CA CYS D 506 -22.93 11.07 -10.92
C CYS D 506 -22.39 12.02 -11.98
N SER D 507 -21.94 13.21 -11.57
CA SER D 507 -21.36 14.15 -12.51
C SER D 507 -20.08 13.61 -13.11
N LEU D 508 -19.29 12.87 -12.33
CA LEU D 508 -18.08 12.24 -12.87
C LEU D 508 -18.44 11.24 -13.96
N LYS D 509 -19.42 10.37 -13.71
CA LYS D 509 -19.82 9.39 -14.69
C LYS D 509 -20.38 10.04 -15.95
N ARG D 510 -21.14 11.13 -15.77
CA ARG D 510 -21.72 11.81 -16.93
C ARG D 510 -20.65 12.45 -17.79
N LEU D 511 -19.73 13.20 -17.18
CA LEU D 511 -18.66 13.82 -17.97
C LEU D 511 -17.73 12.79 -18.59
N SER D 512 -17.51 11.66 -17.90
CA SER D 512 -16.67 10.62 -18.47
C SER D 512 -17.34 9.95 -19.66
N TYR D 513 -18.65 9.69 -19.56
CA TYR D 513 -19.36 9.12 -20.70
C TYR D 513 -19.36 10.08 -21.88
N GLN D 514 -19.59 11.36 -21.62
CA GLN D 514 -19.56 12.36 -22.70
C GLN D 514 -18.21 12.40 -23.36
N SER D 515 -17.15 12.63 -22.57
CA SER D 515 -15.80 12.75 -23.12
C SER D 515 -15.40 11.53 -23.95
N GLY D 516 -15.87 10.35 -23.56
CA GLY D 516 -15.64 9.14 -24.35
C GLY D 516 -14.31 8.47 -23.99
N ASP D 517 -13.36 8.55 -24.90
CA ASP D 517 -12.06 7.87 -24.75
C ASP D 517 -10.94 8.82 -24.35
N VAL D 518 -11.19 10.13 -24.36
CA VAL D 518 -10.17 11.14 -24.06
C VAL D 518 -10.15 11.36 -22.56
N PRO D 519 -9.00 11.57 -21.94
CA PRO D 519 -8.98 11.84 -20.50
C PRO D 519 -9.51 13.24 -20.18
N LEU D 520 -10.08 13.36 -18.99
CA LEU D 520 -10.75 14.58 -18.55
C LEU D 520 -9.95 15.26 -17.44
N ILE D 521 -9.87 16.59 -17.51
CA ILE D 521 -9.06 17.38 -16.59
C ILE D 521 -9.92 18.49 -16.01
N PHE D 522 -9.68 18.83 -14.75
CA PHE D 522 -10.40 19.88 -14.03
C PHE D 522 -9.46 21.02 -13.71
N ALA D 523 -9.86 22.24 -14.08
CA ALA D 523 -9.04 23.44 -13.90
C ALA D 523 -9.68 24.33 -12.84
N LEU D 524 -9.07 24.36 -11.66
CA LEU D 524 -9.55 25.20 -10.57
C LEU D 524 -8.81 26.53 -10.56
N VAL D 525 -9.55 27.61 -10.31
CA VAL D 525 -9.03 28.97 -10.34
C VAL D 525 -9.27 29.57 -8.95
N ASP D 526 -8.22 29.67 -8.14
CA ASP D 526 -8.33 30.17 -6.77
C ASP D 526 -7.82 31.60 -6.73
N HIS D 527 -8.73 32.56 -6.91
CA HIS D 527 -8.40 33.98 -6.86
C HIS D 527 -7.22 34.33 -7.76
N GLY D 528 -7.12 33.64 -8.91
CA GLY D 528 -6.08 33.91 -9.88
C GLY D 528 -5.03 32.83 -10.00
N ASP D 529 -5.14 31.73 -9.25
CA ASP D 529 -4.18 30.64 -9.29
C ASP D 529 -4.83 29.42 -9.92
N ILE D 530 -4.17 28.85 -10.93
CA ILE D 530 -4.73 27.77 -11.71
C ILE D 530 -4.10 26.45 -11.30
N SER D 531 -4.93 25.45 -11.04
CA SER D 531 -4.51 24.15 -10.54
C SER D 531 -5.28 23.08 -11.28
N PHE D 532 -4.59 22.14 -11.90
CA PHE D 532 -5.21 21.12 -12.73
C PHE D 532 -5.17 19.78 -12.02
N TYR D 533 -6.32 19.14 -11.92
CA TYR D 533 -6.43 17.79 -11.41
C TYR D 533 -7.04 16.89 -12.47
N SER D 534 -7.03 15.58 -12.22
CA SER D 534 -7.52 14.65 -13.24
C SER D 534 -7.98 13.38 -12.53
N PHE D 535 -9.29 13.17 -12.48
CA PHE D 535 -9.83 11.94 -11.96
C PHE D 535 -9.78 10.87 -13.04
N ARG D 536 -9.18 9.73 -12.74
CA ARG D 536 -8.99 8.65 -13.68
C ARG D 536 -9.38 7.35 -13.03
N ASP D 537 -10.17 6.53 -13.73
CA ASP D 537 -10.59 5.26 -13.18
C ASP D 537 -9.39 4.32 -13.07
N PHE D 538 -9.47 3.39 -12.12
CA PHE D 538 -8.32 2.56 -11.80
C PHE D 538 -8.78 1.20 -11.30
N THR D 539 -8.18 0.16 -11.86
CA THR D 539 -8.37 -1.20 -11.35
C THR D 539 -7.05 -1.95 -11.55
N LEU D 540 -6.51 -2.50 -10.46
CA LEU D 540 -5.24 -3.20 -10.53
C LEU D 540 -5.48 -4.71 -10.47
N PRO D 541 -5.07 -5.48 -11.48
CA PRO D 541 -5.18 -6.95 -11.38
C PRO D 541 -4.34 -7.46 -10.21
N GLN D 542 -5.00 -8.16 -9.28
CA GLN D 542 -4.62 -8.17 -7.88
C GLN D 542 -3.12 -8.27 -7.64
N ASP D 543 -2.66 -9.50 -7.51
CA ASP D 543 -1.24 -9.64 -7.16
C ASP D 543 -0.69 -10.86 -7.89
N VAL D 544 0.46 -11.35 -7.50
CA VAL D 544 0.99 -12.49 -8.27
C VAL D 544 1.05 -13.69 -7.31
N GLY D 545 1.93 -14.64 -7.63
CA GLY D 545 2.06 -15.62 -6.55
C GLY D 545 3.28 -15.23 -5.69
N HIS D 546 3.09 -14.16 -4.92
CA HIS D 546 4.10 -13.63 -4.01
C HIS D 546 3.48 -12.61 -3.07
N MET E 78 -4.91 -5.64 31.77
CA MET E 78 -4.44 -4.32 32.17
C MET E 78 -5.43 -3.64 33.09
N GLY E 79 -6.61 -4.24 33.25
CA GLY E 79 -7.64 -3.68 34.09
C GLY E 79 -7.26 -3.57 35.55
N THR E 80 -6.33 -4.40 36.01
CA THR E 80 -5.87 -4.35 37.39
C THR E 80 -4.92 -3.20 37.66
N HIS E 81 -4.49 -2.48 36.63
CA HIS E 81 -3.53 -1.40 36.82
C HIS E 81 -4.13 -0.33 37.72
N PRO E 82 -3.37 0.19 38.70
CA PRO E 82 -3.93 1.19 39.61
C PRO E 82 -4.47 2.42 38.90
N LYS E 83 -3.70 2.97 37.95
CA LYS E 83 -4.12 4.20 37.29
C LYS E 83 -5.42 4.02 36.54
N TYR E 84 -5.68 2.83 36.01
CA TYR E 84 -6.98 2.58 35.38
C TYR E 84 -8.12 2.73 36.39
N LEU E 85 -7.91 2.22 37.60
CA LEU E 85 -8.89 2.41 38.66
C LEU E 85 -9.07 3.87 39.00
N GLU E 86 -7.97 4.63 39.03
CA GLU E 86 -8.06 6.07 39.23
C GLU E 86 -8.89 6.74 38.16
N MET E 87 -8.64 6.41 36.89
CA MET E 87 -9.40 7.01 35.79
C MET E 87 -10.89 6.70 35.93
N MET E 88 -11.24 5.43 36.10
CA MET E 88 -12.66 5.14 36.27
C MET E 88 -13.20 5.53 37.64
N GLU E 89 -12.36 6.12 38.51
CA GLU E 89 -12.84 6.66 39.77
C GLU E 89 -13.43 8.06 39.64
N LEU E 90 -13.08 8.80 38.58
CA LEU E 90 -13.61 10.15 38.41
C LEU E 90 -15.11 10.18 38.16
N ASP E 91 -15.76 9.04 37.97
CA ASP E 91 -17.21 8.95 37.80
C ASP E 91 -17.68 9.70 36.55
N ILE E 92 -16.92 9.55 35.46
CA ILE E 92 -17.24 10.26 34.22
C ILE E 92 -18.31 9.50 33.45
N GLY E 93 -18.00 8.29 33.02
CA GLY E 93 -19.00 7.45 32.39
C GLY E 93 -18.88 7.27 30.89
N ASP E 94 -17.65 7.26 30.37
CA ASP E 94 -17.38 7.00 28.96
C ASP E 94 -16.29 5.94 28.87
N ALA E 95 -16.69 4.67 28.81
CA ALA E 95 -15.73 3.57 28.82
C ALA E 95 -14.75 3.66 27.65
N THR E 96 -15.24 4.07 26.48
CA THR E 96 -14.33 4.25 25.34
C THR E 96 -13.29 5.31 25.63
N GLN E 97 -13.72 6.44 26.20
CA GLN E 97 -12.78 7.50 26.53
C GLN E 97 -11.83 7.12 27.64
N VAL E 98 -12.26 6.34 28.64
CA VAL E 98 -11.33 5.96 29.68
C VAL E 98 -10.34 4.92 29.17
N TYR E 99 -10.75 4.04 28.26
CA TYR E 99 -9.80 3.10 27.68
C TYR E 99 -8.80 3.83 26.78
N VAL E 100 -9.25 4.81 26.01
CA VAL E 100 -8.34 5.62 25.21
C VAL E 100 -7.36 6.37 26.11
N ALA E 101 -7.86 6.92 27.22
CA ALA E 101 -7.00 7.64 28.14
C ALA E 101 -5.99 6.71 28.79
N PHE E 102 -6.36 5.47 29.07
CA PHE E 102 -5.40 4.52 29.62
C PHE E 102 -4.35 4.12 28.59
N LEU E 103 -4.76 3.99 27.32
CA LEU E 103 -3.77 3.74 26.27
C LEU E 103 -2.77 4.88 26.17
N VAL E 104 -3.24 6.12 26.28
CA VAL E 104 -2.31 7.25 26.23
C VAL E 104 -1.43 7.28 27.48
N TYR E 105 -1.98 6.94 28.64
CA TYR E 105 -1.16 6.85 29.84
C TYR E 105 -0.05 5.83 29.66
N LEU E 106 -0.38 4.65 29.13
CA LEU E 106 0.63 3.62 28.87
C LEU E 106 1.70 4.16 27.91
N ASP E 107 1.27 4.72 26.77
CA ASP E 107 2.21 5.18 25.78
C ASP E 107 3.12 6.28 26.32
N LEU E 108 2.64 7.09 27.26
CA LEU E 108 3.48 8.15 27.81
C LEU E 108 4.41 7.63 28.89
N MET E 109 3.88 6.85 29.83
CA MET E 109 4.69 6.41 30.98
C MET E 109 5.74 5.40 30.56
N GLU E 110 5.34 4.38 29.81
CA GLU E 110 6.25 3.26 29.53
C GLU E 110 7.14 3.53 28.32
N SER E 111 6.55 3.77 27.16
CA SER E 111 7.34 3.91 25.93
C SER E 111 8.17 5.19 25.95
N LYS E 112 7.50 6.34 26.04
CA LYS E 112 8.22 7.60 26.00
C LYS E 112 8.91 7.94 27.31
N SER E 113 8.67 7.15 28.37
CA SER E 113 9.41 7.23 29.63
C SER E 113 9.31 8.62 30.26
N TRP E 114 8.09 8.96 30.65
CA TRP E 114 7.83 10.17 31.40
C TRP E 114 7.82 9.86 32.91
N HIS E 115 7.67 10.91 33.71
CA HIS E 115 7.60 10.79 35.16
C HIS E 115 6.45 11.63 35.68
N GLU E 116 5.82 11.16 36.76
CA GLU E 116 4.77 11.90 37.48
C GLU E 116 3.61 12.25 36.55
N VAL E 117 2.94 11.21 36.07
CA VAL E 117 1.79 11.34 35.18
C VAL E 117 0.55 11.00 35.99
N ASN E 118 -0.22 12.03 36.34
CA ASN E 118 -1.44 11.86 37.12
C ASN E 118 -2.67 12.03 36.24
N CYS E 119 -3.76 11.38 36.66
CA CYS E 119 -5.03 11.40 35.94
C CYS E 119 -6.02 12.27 36.69
N VAL E 120 -6.52 13.32 36.04
CA VAL E 120 -7.42 14.27 36.66
C VAL E 120 -8.56 14.59 35.69
N GLY E 121 -9.79 14.43 36.16
CA GLY E 121 -10.96 14.66 35.32
C GLY E 121 -11.39 16.12 35.26
N LEU E 122 -12.33 16.40 34.37
CA LEU E 122 -12.90 17.72 34.20
C LEU E 122 -14.40 17.58 34.00
N PRO E 123 -15.18 17.64 35.09
CA PRO E 123 -16.64 17.45 34.95
C PRO E 123 -17.35 18.64 34.34
N GLU E 124 -16.73 19.83 34.31
CA GLU E 124 -17.37 20.98 33.69
C GLU E 124 -17.39 20.88 32.17
N LEU E 125 -16.59 19.99 31.59
CA LEU E 125 -16.56 19.78 30.15
C LEU E 125 -16.85 18.33 29.77
N GLN E 126 -17.06 17.44 30.73
CA GLN E 126 -17.25 16.02 30.50
C GLN E 126 -16.06 15.42 29.75
N LEU E 127 -14.90 15.54 30.39
CA LEU E 127 -13.65 15.07 29.84
C LEU E 127 -12.83 14.37 30.91
N ILE E 128 -11.92 13.50 30.46
CA ILE E 128 -10.88 12.94 31.30
C ILE E 128 -9.54 13.38 30.73
N CYS E 129 -8.63 13.81 31.59
CA CYS E 129 -7.40 14.44 31.15
C CYS E 129 -6.25 14.00 32.04
N LEU E 130 -5.04 14.01 31.47
CA LEU E 130 -3.84 13.60 32.18
C LEU E 130 -2.93 14.80 32.41
N VAL E 131 -2.30 14.84 33.58
CA VAL E 131 -1.23 15.79 33.86
C VAL E 131 0.06 15.01 34.00
N GLY E 132 1.16 15.61 33.57
CA GLY E 132 2.42 14.88 33.58
C GLY E 132 3.60 15.82 33.61
N THR E 133 4.79 15.23 33.59
CA THR E 133 6.05 15.97 33.58
C THR E 133 7.02 15.21 32.68
N GLU E 134 7.40 15.82 31.57
CA GLU E 134 8.31 15.18 30.62
C GLU E 134 9.66 14.92 31.27
N ILE E 135 10.35 15.98 31.67
CA ILE E 135 11.62 15.87 32.39
C ILE E 135 11.40 16.37 33.81
N GLU E 136 11.82 15.56 34.79
CA GLU E 136 11.67 15.95 36.19
C GLU E 136 12.39 17.26 36.46
N GLY E 137 11.63 18.25 36.91
CA GLY E 137 12.14 19.59 37.12
C GLY E 137 11.61 20.64 36.17
N GLU E 138 10.67 20.27 35.29
CA GLU E 138 10.07 21.18 34.33
C GLU E 138 8.62 21.44 34.71
N GLY E 139 7.91 22.17 33.84
CA GLY E 139 6.51 22.45 34.09
C GLY E 139 5.60 21.31 33.70
N LEU E 140 4.41 21.31 34.28
CA LEU E 140 3.47 20.22 34.04
C LEU E 140 2.86 20.33 32.65
N GLN E 141 2.66 19.17 32.03
CA GLN E 141 2.00 19.09 30.73
C GLN E 141 0.56 18.61 30.90
N THR E 142 -0.32 19.13 30.06
CA THR E 142 -1.71 18.74 30.02
C THR E 142 -1.98 18.03 28.71
N VAL E 143 -2.40 16.77 28.78
CA VAL E 143 -2.67 15.94 27.61
C VAL E 143 -4.09 15.42 27.74
N VAL E 144 -4.94 15.75 26.76
CA VAL E 144 -6.33 15.33 26.75
C VAL E 144 -6.52 14.39 25.57
N PRO E 145 -6.84 13.11 25.80
CA PRO E 145 -7.03 12.18 24.69
C PRO E 145 -8.41 12.30 24.08
N THR E 146 -8.47 12.03 22.77
CA THR E 146 -9.73 12.04 22.04
C THR E 146 -9.66 10.92 21.00
N PRO E 147 -10.70 10.09 20.88
CA PRO E 147 -10.74 9.11 19.80
C PRO E 147 -10.83 9.76 18.43
N ILE E 148 -10.86 8.96 17.36
CA ILE E 148 -10.89 9.50 16.01
C ILE E 148 -12.29 9.86 15.54
N THR E 149 -13.32 9.41 16.24
CA THR E 149 -14.69 9.71 15.84
C THR E 149 -15.21 11.02 16.42
N ALA E 150 -14.64 11.50 17.52
CA ALA E 150 -15.06 12.75 18.10
C ALA E 150 -14.68 13.92 17.20
N SER E 151 -15.20 15.09 17.56
CA SER E 151 -14.92 16.30 16.79
C SER E 151 -15.04 17.50 17.71
N LEU E 152 -14.33 18.56 17.36
CA LEU E 152 -14.12 19.71 18.24
C LEU E 152 -14.49 20.99 17.52
N SER E 153 -15.57 21.63 17.94
CA SER E 153 -15.80 23.01 17.58
C SER E 153 -14.71 23.88 18.20
N HIS E 154 -14.47 25.04 17.60
CA HIS E 154 -13.48 25.94 18.16
C HIS E 154 -13.86 26.44 19.55
N ASN E 155 -15.16 26.45 19.86
CA ASN E 155 -15.57 26.83 21.21
C ASN E 155 -15.16 25.78 22.22
N ARG E 156 -15.21 24.50 21.86
CA ARG E 156 -14.71 23.47 22.77
C ARG E 156 -13.21 23.57 22.95
N ILE E 157 -12.48 23.90 21.89
CA ILE E 157 -11.05 24.11 22.00
C ILE E 157 -10.73 25.23 22.99
N ARG E 158 -11.43 26.36 22.87
CA ARG E 158 -11.20 27.46 23.80
C ARG E 158 -11.59 27.08 25.22
N GLU E 159 -12.67 26.32 25.39
CA GLU E 159 -13.07 25.85 26.70
C GLU E 159 -11.97 25.00 27.34
N ILE E 160 -11.40 24.06 26.57
CA ILE E 160 -10.35 23.21 27.11
C ILE E 160 -9.10 24.02 27.40
N LEU E 161 -8.81 25.03 26.58
CA LEU E 161 -7.67 25.91 26.85
C LEU E 161 -7.81 26.57 28.21
N LYS E 162 -8.97 27.19 28.47
CA LYS E 162 -9.16 27.86 29.76
C LYS E 162 -9.15 26.86 30.92
N ALA E 163 -9.79 25.70 30.72
CA ALA E 163 -9.84 24.70 31.78
C ALA E 163 -8.44 24.21 32.14
N SER E 164 -7.61 23.94 31.14
CA SER E 164 -6.25 23.48 31.41
C SER E 164 -5.42 24.58 32.08
N ARG E 165 -5.57 25.82 31.62
CA ARG E 165 -4.89 26.93 32.27
C ARG E 165 -5.19 26.96 33.76
N LYS E 166 -6.49 26.94 34.12
CA LYS E 166 -6.84 26.96 35.53
C LYS E 166 -6.49 25.66 36.25
N LEU E 167 -6.33 24.56 35.51
CA LEU E 167 -5.99 23.28 36.13
C LEU E 167 -4.54 23.24 36.57
N GLN E 168 -3.61 23.50 35.65
CA GLN E 168 -2.20 23.40 36.00
C GLN E 168 -1.74 24.53 36.93
N GLY E 169 -2.39 25.69 36.89
CA GLY E 169 -2.16 26.72 37.88
C GLY E 169 -1.50 27.99 37.39
N ASP E 170 -0.48 27.86 36.54
CA ASP E 170 0.34 29.02 36.18
C ASP E 170 -0.38 29.86 35.12
N PRO E 171 -0.63 31.14 35.38
CA PRO E 171 -1.18 32.02 34.35
C PRO E 171 -0.15 32.79 33.55
N ASP E 172 1.14 32.65 33.86
CA ASP E 172 2.17 33.34 33.08
C ASP E 172 2.32 32.73 31.70
N LEU E 173 2.58 31.42 31.64
CA LEU E 173 2.70 30.75 30.35
C LEU E 173 1.36 30.75 29.62
N PRO E 174 1.39 30.75 28.29
CA PRO E 174 0.12 30.77 27.54
C PRO E 174 -0.68 29.51 27.78
N MET E 175 -1.93 29.55 27.33
CA MET E 175 -2.82 28.41 27.47
C MET E 175 -2.51 27.41 26.37
N SER E 176 -2.33 26.15 26.75
CA SER E 176 -1.97 25.13 25.77
C SER E 176 -2.36 23.76 26.31
N PHE E 177 -2.46 22.81 25.40
CA PHE E 177 -2.70 21.42 25.76
C PHE E 177 -2.31 20.55 24.56
N THR E 178 -2.22 19.25 24.80
CA THR E 178 -1.80 18.29 23.79
C THR E 178 -2.98 17.40 23.43
N LEU E 179 -3.15 17.14 22.14
CA LEU E 179 -4.28 16.40 21.62
C LEU E 179 -3.79 15.05 21.10
N ALA E 180 -4.08 13.99 21.84
CA ALA E 180 -3.58 12.65 21.53
C ALA E 180 -4.70 11.86 20.85
N ILE E 181 -4.70 11.88 19.52
CA ILE E 181 -5.73 11.18 18.75
C ILE E 181 -5.37 9.71 18.65
N VAL E 182 -6.27 8.84 19.12
CA VAL E 182 -6.00 7.41 19.25
C VAL E 182 -6.97 6.66 18.36
N GLU E 183 -6.45 5.93 17.38
CA GLU E 183 -7.26 5.11 16.51
C GLU E 183 -7.58 3.77 17.17
N SER E 184 -8.31 2.93 16.45
CA SER E 184 -8.78 1.67 17.03
C SER E 184 -7.63 0.74 17.37
N ASP E 185 -6.66 0.60 16.47
CA ASP E 185 -5.52 -0.28 16.70
C ASP E 185 -4.47 0.34 17.62
N SER E 186 -4.81 1.40 18.34
CA SER E 186 -3.94 2.07 19.30
C SER E 186 -2.71 2.69 18.64
N THR E 187 -2.92 3.59 17.69
CA THR E 187 -1.86 4.42 17.14
C THR E 187 -2.18 5.87 17.48
N ILE E 188 -1.30 6.51 18.24
CA ILE E 188 -1.55 7.83 18.80
C ILE E 188 -0.76 8.87 18.03
N VAL E 189 -1.40 9.99 17.74
CA VAL E 189 -0.76 11.14 17.10
C VAL E 189 -0.95 12.34 18.02
N TYR E 190 0.16 13.00 18.37
CA TYR E 190 0.14 14.11 19.30
C TYR E 190 0.17 15.42 18.54
N TYR E 191 -0.69 16.36 18.92
CA TYR E 191 -0.69 17.70 18.33
C TYR E 191 -0.84 18.71 19.44
N LYS E 192 -0.01 19.75 19.41
CA LYS E 192 0.07 20.72 20.49
C LYS E 192 -0.70 21.98 20.11
N LEU E 193 -1.85 22.16 20.75
CA LEU E 193 -2.71 23.34 20.54
C LEU E 193 -2.43 24.34 21.64
N THR E 194 -1.79 25.46 21.29
CA THR E 194 -1.63 26.56 22.21
C THR E 194 -2.62 27.65 21.85
N ASP E 195 -2.49 28.81 22.48
CA ASP E 195 -3.38 29.94 22.26
C ASP E 195 -2.57 31.12 21.74
N GLY E 196 -2.73 31.46 20.47
CA GLY E 196 -2.11 32.62 19.89
C GLY E 196 -1.22 32.26 18.70
N PHE E 197 -0.18 33.07 18.52
CA PHE E 197 0.72 32.95 17.38
C PHE E 197 2.04 32.33 17.84
N MET E 198 2.38 31.18 17.29
CA MET E 198 3.64 30.51 17.57
C MET E 198 4.44 30.36 16.27
N LEU E 199 5.69 30.78 16.29
CA LEU E 199 6.56 30.59 15.14
C LEU E 199 6.87 29.10 14.99
N PRO E 200 6.85 28.59 13.76
CA PRO E 200 6.75 27.13 13.59
C PRO E 200 7.89 26.29 14.13
N ASP E 201 9.05 26.28 13.46
CA ASP E 201 10.19 25.51 13.98
C ASP E 201 11.14 26.35 14.83
N PRO E 202 11.62 27.52 14.35
CA PRO E 202 12.69 28.20 15.10
C PRO E 202 12.24 28.80 16.42
N GLN E 203 11.27 29.71 16.40
CA GLN E 203 10.83 30.36 17.63
C GLN E 203 9.51 29.78 18.11
N PRO F 31 32.41 -73.71 -11.93
CA PRO F 31 33.39 -73.83 -10.86
C PRO F 31 32.65 -73.95 -9.53
N THR F 32 33.01 -74.97 -8.76
CA THR F 32 32.37 -75.28 -7.48
C THR F 32 33.37 -75.08 -6.36
N THR F 33 32.99 -74.29 -5.35
CA THR F 33 33.80 -74.06 -4.16
C THR F 33 32.99 -74.44 -2.93
N LYS F 34 33.59 -75.27 -2.06
CA LYS F 34 33.00 -75.66 -0.78
C LYS F 34 33.60 -74.80 0.34
N PHE F 35 32.74 -74.33 1.24
CA PHE F 35 33.13 -73.57 2.42
C PHE F 35 32.67 -74.30 3.67
N GLU F 36 33.57 -74.44 4.63
CA GLU F 36 33.27 -74.89 5.98
C GLU F 36 33.15 -73.65 6.87
N LEU F 37 31.97 -73.43 7.44
CA LEU F 37 31.70 -72.32 8.34
C LEU F 37 31.72 -72.81 9.78
N GLU F 38 32.58 -72.19 10.58
CA GLU F 38 32.58 -72.37 12.03
C GLU F 38 31.35 -71.70 12.65
N ARG F 39 31.07 -72.01 13.93
CA ARG F 39 30.01 -71.31 14.68
C ARG F 39 30.17 -69.79 14.58
N GLU F 40 29.06 -69.08 14.48
CA GLU F 40 29.00 -67.61 14.53
C GLU F 40 29.84 -66.94 13.44
N THR F 41 29.96 -67.58 12.28
CA THR F 41 30.63 -67.02 11.10
C THR F 41 29.66 -66.87 9.93
N GLU F 42 30.03 -66.05 8.96
CA GLU F 42 29.28 -65.90 7.72
C GLU F 42 30.15 -66.01 6.48
N LEU F 43 29.62 -66.66 5.45
CA LEU F 43 30.11 -66.56 4.09
C LEU F 43 29.47 -65.35 3.43
N ARG F 44 30.29 -64.40 2.97
CA ARG F 44 29.87 -63.27 2.16
C ARG F 44 30.27 -63.51 0.72
N PHE F 45 29.35 -63.30 -0.22
CA PHE F 45 29.67 -63.35 -1.63
C PHE F 45 28.86 -62.36 -2.46
N GLU F 46 29.45 -61.98 -3.59
CA GLU F 46 28.85 -61.11 -4.59
C GLU F 46 28.84 -61.82 -5.95
N VAL F 47 27.70 -61.78 -6.63
CA VAL F 47 27.54 -62.39 -7.95
C VAL F 47 28.05 -61.43 -9.00
N GLU F 48 29.00 -61.90 -9.81
CA GLU F 48 29.59 -61.15 -10.92
C GLU F 48 28.50 -60.70 -11.91
N ALA F 49 28.73 -59.57 -12.60
CA ALA F 49 27.83 -59.08 -13.62
C ALA F 49 27.56 -60.15 -14.70
N SER F 50 26.30 -60.28 -15.12
CA SER F 50 25.84 -61.25 -16.12
C SER F 50 26.05 -62.73 -15.75
N GLN F 51 26.39 -63.05 -14.49
CA GLN F 51 26.52 -64.43 -14.01
C GLN F 51 25.36 -64.82 -13.07
N SER F 52 25.24 -66.12 -12.82
CA SER F 52 24.40 -66.65 -11.75
C SER F 52 25.19 -67.64 -10.90
N VAL F 53 24.98 -67.58 -9.58
CA VAL F 53 25.64 -68.44 -8.60
C VAL F 53 24.58 -69.26 -7.87
N GLN F 54 24.82 -70.56 -7.76
CA GLN F 54 24.00 -71.45 -6.94
C GLN F 54 24.65 -71.68 -5.59
N LEU F 55 23.87 -71.51 -4.53
CA LEU F 55 24.22 -71.85 -3.15
C LEU F 55 23.48 -73.11 -2.72
N GLU F 56 24.17 -74.03 -2.08
CA GLU F 56 23.59 -75.24 -1.48
C GLU F 56 24.12 -75.46 -0.06
N LEU F 57 23.22 -75.66 0.90
CA LEU F 57 23.58 -76.07 2.25
C LEU F 57 23.75 -77.59 2.28
N LEU F 58 24.98 -78.07 2.52
CA LEU F 58 25.30 -79.50 2.53
C LEU F 58 25.10 -80.12 3.92
N THR F 59 25.60 -79.47 4.97
CA THR F 59 25.51 -79.95 6.36
C THR F 59 25.29 -78.81 7.34
N GLY F 60 24.82 -79.11 8.55
CA GLY F 60 24.59 -78.12 9.61
C GLY F 60 23.36 -77.24 9.39
N MET F 61 23.38 -76.06 10.00
CA MET F 61 22.30 -75.07 9.92
C MET F 61 22.86 -73.72 9.48
N ALA F 62 22.17 -73.03 8.58
CA ALA F 62 22.56 -71.71 8.11
C ALA F 62 21.32 -70.89 7.75
N GLU F 63 21.47 -69.57 7.71
CA GLU F 63 20.42 -68.63 7.35
C GLU F 63 20.94 -67.50 6.48
N ILE F 64 20.05 -66.93 5.67
CA ILE F 64 20.27 -65.69 4.94
C ILE F 64 19.29 -64.66 5.48
N PHE F 65 19.84 -63.64 6.15
CA PHE F 65 19.05 -62.53 6.74
C PHE F 65 17.85 -63.03 7.57
N GLY F 66 18.07 -64.08 8.37
CA GLY F 66 17.07 -64.70 9.24
C GLY F 66 16.15 -65.75 8.60
N THR F 67 16.23 -65.97 7.28
CA THR F 67 15.56 -67.09 6.60
C THR F 67 16.44 -68.33 6.68
N GLU F 68 15.95 -69.41 7.31
CA GLU F 68 16.67 -70.69 7.40
C GLU F 68 16.83 -71.35 6.02
N LEU F 69 18.03 -71.85 5.74
CA LEU F 69 18.32 -72.59 4.52
C LEU F 69 17.91 -74.06 4.64
N THR F 70 17.22 -74.56 3.62
CA THR F 70 16.89 -75.99 3.52
C THR F 70 18.12 -76.76 3.01
N ARG F 71 18.49 -77.84 3.70
CA ARG F 71 19.60 -78.71 3.30
C ARG F 71 19.35 -79.34 1.93
N ASN F 72 20.38 -79.43 1.11
CA ASN F 72 20.37 -79.99 -0.26
C ASN F 72 19.37 -79.32 -1.21
N LYS F 73 18.89 -78.12 -0.88
CA LYS F 73 18.15 -77.25 -1.80
C LYS F 73 19.15 -76.28 -2.42
N LYS F 74 19.12 -76.17 -3.75
CA LYS F 74 19.88 -75.17 -4.49
C LYS F 74 19.10 -73.87 -4.57
N PHE F 75 19.75 -72.77 -4.20
CA PHE F 75 19.22 -71.40 -4.32
C PHE F 75 20.04 -70.67 -5.36
N THR F 76 19.40 -70.00 -6.32
CA THR F 76 20.10 -69.30 -7.41
C THR F 76 20.06 -67.80 -7.17
N PHE F 77 21.23 -67.17 -7.23
CA PHE F 77 21.40 -65.74 -7.11
C PHE F 77 21.87 -65.17 -8.45
N ASP F 78 21.14 -64.17 -8.93
CA ASP F 78 21.38 -63.51 -10.20
C ASP F 78 22.42 -62.39 -10.07
N ALA F 79 22.85 -61.84 -11.20
CA ALA F 79 23.90 -60.84 -11.28
C ALA F 79 23.65 -59.65 -10.33
N GLY F 80 24.70 -59.21 -9.63
CA GLY F 80 24.64 -58.10 -8.69
C GLY F 80 24.06 -58.45 -7.31
N ALA F 81 23.64 -59.69 -7.08
CA ALA F 81 23.23 -60.15 -5.76
C ALA F 81 24.40 -60.08 -4.77
N LYS F 82 24.11 -59.61 -3.56
CA LYS F 82 25.06 -59.47 -2.44
C LYS F 82 24.50 -60.21 -1.24
N VAL F 83 25.18 -61.29 -0.84
CA VAL F 83 24.59 -62.29 0.05
C VAL F 83 25.52 -62.56 1.23
N ALA F 84 24.93 -62.70 2.42
CA ALA F 84 25.62 -63.17 3.61
C ALA F 84 24.89 -64.40 4.16
N VAL F 85 25.57 -65.54 4.15
CA VAL F 85 25.10 -66.82 4.70
C VAL F 85 25.72 -66.98 6.08
N PHE F 86 24.91 -66.85 7.12
CA PHE F 86 25.36 -66.91 8.50
C PHE F 86 25.01 -68.25 9.14
N THR F 87 25.84 -68.72 10.08
CA THR F 87 25.53 -69.90 10.90
C THR F 87 25.77 -69.67 12.39
N TRP F 88 24.79 -70.05 13.22
CA TRP F 88 24.93 -70.04 14.68
C TRP F 88 25.72 -71.25 15.21
N HIS F 89 25.74 -72.36 14.47
CA HIS F 89 26.19 -73.67 14.99
C HIS F 89 27.32 -74.31 14.18
N GLY F 90 27.62 -73.76 13.00
CA GLY F 90 28.51 -74.35 12.02
C GLY F 90 27.75 -75.08 10.91
N CYS F 91 28.30 -75.04 9.70
CA CYS F 91 27.72 -75.69 8.52
C CYS F 91 28.75 -75.86 7.40
N SER F 92 28.40 -76.69 6.41
CA SER F 92 29.13 -76.73 5.13
C SER F 92 28.21 -76.21 4.03
N VAL F 93 28.69 -75.25 3.25
CA VAL F 93 27.95 -74.69 2.10
C VAL F 93 28.77 -74.81 0.82
N GLN F 94 28.09 -74.93 -0.31
CA GLN F 94 28.71 -75.03 -1.63
C GLN F 94 28.21 -73.90 -2.52
N LEU F 95 29.14 -73.19 -3.16
CA LEU F 95 28.86 -72.25 -4.22
C LEU F 95 29.23 -72.87 -5.56
N SER F 96 28.33 -72.75 -6.56
CA SER F 96 28.57 -73.20 -7.94
C SER F 96 28.28 -72.05 -8.91
N GLY F 97 29.30 -71.58 -9.62
CA GLY F 97 29.23 -70.39 -10.47
C GLY F 97 30.34 -69.39 -10.17
N ARG F 98 30.41 -68.31 -10.94
CA ARG F 98 31.43 -67.27 -10.78
C ARG F 98 30.96 -66.16 -9.85
N THR F 99 31.73 -65.92 -8.79
CA THR F 99 31.55 -64.82 -7.85
C THR F 99 32.63 -63.77 -8.08
N GLU F 100 32.29 -62.49 -7.96
CA GLU F 100 33.29 -61.40 -7.95
C GLU F 100 34.17 -61.49 -6.70
N VAL F 101 33.54 -61.79 -5.56
CA VAL F 101 34.22 -62.02 -4.29
C VAL F 101 33.44 -63.05 -3.48
N ALA F 102 34.16 -63.92 -2.76
CA ALA F 102 33.59 -64.86 -1.80
C ALA F 102 34.58 -65.11 -0.65
N TYR F 103 34.18 -64.84 0.58
CA TYR F 103 35.05 -64.97 1.76
C TYR F 103 34.26 -65.24 3.04
N VAL F 104 34.91 -65.91 3.99
CA VAL F 104 34.35 -66.17 5.33
C VAL F 104 34.77 -65.06 6.29
N SER F 105 33.82 -64.51 7.04
CA SER F 105 34.07 -63.50 8.06
C SER F 105 33.59 -63.98 9.43
N LYS F 106 34.40 -63.72 10.46
CA LYS F 106 34.02 -63.85 11.88
C LYS F 106 33.50 -62.53 12.46
N ASP F 107 33.86 -61.41 11.85
CA ASP F 107 33.43 -60.09 12.29
C ASP F 107 32.05 -59.78 11.72
N THR F 108 31.02 -59.99 12.54
CA THR F 108 29.62 -59.79 12.17
C THR F 108 28.79 -59.29 13.35
N PRO F 109 27.86 -58.33 13.14
CA PRO F 109 27.01 -57.77 14.20
C PRO F 109 25.79 -58.66 14.54
N MET F 110 25.75 -59.90 14.06
CA MET F 110 24.59 -60.79 14.20
C MET F 110 24.15 -61.01 15.65
N LEU F 111 25.08 -61.07 16.61
CA LEU F 111 24.74 -61.17 18.03
C LEU F 111 23.96 -59.93 18.52
N LEU F 112 24.34 -58.73 18.07
CA LEU F 112 23.63 -57.50 18.42
C LEU F 112 22.25 -57.44 17.77
N TYR F 113 22.14 -57.92 16.53
CA TYR F 113 20.85 -58.01 15.81
C TYR F 113 19.92 -59.02 16.47
N LEU F 114 20.45 -60.17 16.91
CA LEU F 114 19.71 -61.17 17.68
C LEU F 114 19.25 -60.59 19.03
N ASN F 115 20.14 -59.95 19.80
CA ASN F 115 19.79 -59.33 21.08
C ASN F 115 18.70 -58.27 20.93
N THR F 116 18.78 -57.46 19.86
CA THR F 116 17.73 -56.49 19.51
C THR F 116 16.40 -57.20 19.27
N HIS F 117 16.40 -58.28 18.48
CA HIS F 117 15.19 -59.06 18.24
C HIS F 117 14.63 -59.67 19.54
N THR F 118 15.47 -60.24 20.39
CA THR F 118 15.07 -60.82 21.68
C THR F 118 14.41 -59.79 22.59
N ALA F 119 14.94 -58.57 22.66
CA ALA F 119 14.33 -57.48 23.41
C ALA F 119 12.95 -57.09 22.84
N LEU F 120 12.83 -57.02 21.51
CA LEU F 120 11.53 -56.77 20.86
C LEU F 120 10.53 -57.90 21.12
N GLU F 121 10.97 -59.15 21.14
CA GLU F 121 10.11 -60.29 21.47
C GLU F 121 9.64 -60.25 22.93
N GLN F 122 10.47 -59.80 23.88
CA GLN F 122 10.03 -59.55 25.25
C GLN F 122 8.93 -58.47 25.30
N MET F 123 9.07 -57.37 24.53
CA MET F 123 8.01 -56.37 24.42
C MET F 123 6.72 -56.95 23.85
N ARG F 124 6.78 -57.83 22.85
CA ARG F 124 5.59 -58.51 22.29
C ARG F 124 4.90 -59.41 23.32
N ARG F 125 5.65 -60.20 24.08
CA ARG F 125 5.11 -61.07 25.15
C ARG F 125 4.44 -60.26 26.24
N GLN F 126 5.06 -59.14 26.61
CA GLN F 126 4.51 -58.22 27.60
C GLN F 126 3.21 -57.59 27.11
N ALA F 127 3.20 -57.06 25.87
CA ALA F 127 2.00 -56.52 25.23
C ALA F 127 0.88 -57.56 25.08
N GLU F 128 1.22 -58.81 24.80
CA GLU F 128 0.26 -59.92 24.74
C GLU F 128 -0.40 -60.17 26.09
N LYS F 129 0.40 -60.17 27.17
CA LYS F 129 -0.05 -60.39 28.56
C LYS F 129 -0.88 -59.23 29.11
N GLU F 130 -0.52 -57.99 28.79
CA GLU F 130 -1.19 -56.77 29.29
C GLU F 130 -2.30 -56.26 28.36
N GLU F 131 -2.62 -57.01 27.31
CA GLU F 131 -3.62 -56.60 26.31
C GLU F 131 -3.30 -55.30 25.56
N GLU F 132 -2.01 -54.92 25.50
CA GLU F 132 -1.52 -53.70 24.82
C GLU F 132 -1.03 -53.97 23.38
N ARG F 133 -0.62 -52.89 22.67
CA ARG F 133 0.02 -53.00 21.35
C ARG F 133 1.48 -53.42 21.46
N GLY F 134 1.97 -54.11 20.43
CA GLY F 134 3.36 -54.51 20.29
C GLY F 134 4.31 -53.37 19.91
N PRO F 135 5.62 -53.66 19.85
CA PRO F 135 6.64 -52.67 19.57
C PRO F 135 6.58 -52.14 18.14
N ARG F 136 6.61 -50.83 17.99
CA ARG F 136 6.78 -50.13 16.72
C ARG F 136 8.24 -49.70 16.57
N VAL F 137 8.95 -50.34 15.66
CA VAL F 137 10.41 -50.23 15.53
C VAL F 137 10.75 -49.49 14.26
N MET F 138 11.48 -48.38 14.36
CA MET F 138 11.96 -47.63 13.21
C MET F 138 13.46 -47.83 13.01
N VAL F 139 13.86 -48.25 11.81
CA VAL F 139 15.27 -48.45 11.44
C VAL F 139 15.74 -47.26 10.60
N VAL F 140 16.76 -46.55 11.09
CA VAL F 140 17.27 -45.31 10.51
C VAL F 140 18.79 -45.33 10.35
N GLY F 141 19.30 -44.49 9.47
CA GLY F 141 20.72 -44.44 9.13
C GLY F 141 20.92 -44.02 7.67
N PRO F 142 22.16 -43.65 7.30
CA PRO F 142 22.46 -43.14 5.97
C PRO F 142 22.29 -44.23 4.89
N THR F 143 22.57 -43.87 3.65
CA THR F 143 22.65 -44.85 2.57
C THR F 143 23.71 -45.92 2.87
N ASP F 144 23.44 -47.17 2.45
CA ASP F 144 24.42 -48.26 2.46
C ASP F 144 24.99 -48.58 3.86
N VAL F 145 24.07 -48.75 4.83
CA VAL F 145 24.37 -49.26 6.19
C VAL F 145 23.60 -50.52 6.56
N GLY F 146 22.82 -51.08 5.62
CA GLY F 146 22.08 -52.34 5.84
C GLY F 146 20.69 -52.21 6.45
N LYS F 147 20.03 -51.04 6.39
CA LYS F 147 18.67 -50.83 6.96
C LYS F 147 17.65 -51.88 6.52
N SER F 148 17.43 -52.03 5.22
CA SER F 148 16.47 -53.00 4.67
C SER F 148 16.83 -54.44 5.05
N THR F 149 18.13 -54.76 5.14
CA THR F 149 18.61 -56.07 5.60
C THR F 149 18.29 -56.33 7.06
N VAL F 150 18.51 -55.35 7.94
CA VAL F 150 18.14 -55.44 9.36
C VAL F 150 16.62 -55.55 9.50
N CYS F 151 15.84 -54.78 8.73
CA CYS F 151 14.38 -54.94 8.70
C CYS F 151 13.97 -56.36 8.33
N ARG F 152 14.53 -56.90 7.24
CA ARG F 152 14.28 -58.29 6.80
C ARG F 152 14.59 -59.31 7.89
N LEU F 153 15.75 -59.17 8.54
CA LEU F 153 16.17 -60.05 9.64
C LEU F 153 15.21 -60.00 10.83
N LEU F 154 14.86 -58.80 11.31
CA LEU F 154 13.96 -58.63 12.45
C LEU F 154 12.56 -59.19 12.17
N LEU F 155 12.06 -58.99 10.95
CA LEU F 155 10.77 -59.53 10.50
C LEU F 155 10.81 -61.06 10.40
N ASN F 156 11.86 -61.62 9.79
CA ASN F 156 12.06 -63.06 9.66
C ASN F 156 12.10 -63.77 11.01
N TYR F 157 12.87 -63.25 11.96
CA TYR F 157 12.90 -63.81 13.31
C TYR F 157 11.54 -63.71 14.01
N ALA F 158 10.80 -62.60 13.84
CA ALA F 158 9.48 -62.44 14.44
C ALA F 158 8.48 -63.48 13.92
N VAL F 159 8.43 -63.71 12.60
CA VAL F 159 7.50 -64.69 12.02
C VAL F 159 7.90 -66.14 12.32
N ARG F 160 9.20 -66.44 12.49
CA ARG F 160 9.69 -67.73 13.00
C ARG F 160 9.18 -68.04 14.40
N LEU F 161 9.02 -67.00 15.24
CA LEU F 161 8.40 -67.10 16.57
C LEU F 161 6.86 -66.99 16.55
N GLY F 162 6.23 -67.10 15.39
CA GLY F 162 4.76 -67.09 15.26
C GLY F 162 4.11 -65.71 15.28
N ARG F 163 4.90 -64.63 15.33
CA ARG F 163 4.40 -63.25 15.22
C ARG F 163 3.98 -62.92 13.79
N ARG F 164 3.29 -61.79 13.62
CA ARG F 164 2.79 -61.28 12.32
C ARG F 164 2.96 -59.76 12.23
N PRO F 165 4.22 -59.27 12.24
CA PRO F 165 4.47 -57.84 12.20
C PRO F 165 4.09 -57.24 10.84
N THR F 166 3.77 -55.96 10.84
CA THR F 166 3.65 -55.18 9.60
C THR F 166 5.02 -54.60 9.22
N TYR F 167 5.47 -54.87 8.00
CA TYR F 167 6.61 -54.17 7.41
C TYR F 167 6.12 -52.86 6.80
N VAL F 168 6.65 -51.73 7.25
CA VAL F 168 6.35 -50.40 6.70
C VAL F 168 7.57 -49.94 5.90
N GLU F 169 7.35 -49.54 4.67
CA GLU F 169 8.38 -49.10 3.74
C GLU F 169 8.17 -47.62 3.41
N LEU F 170 9.05 -46.77 3.97
CA LEU F 170 9.10 -45.34 3.69
C LEU F 170 10.24 -44.98 2.72
N ASP F 171 11.06 -45.95 2.28
CA ASP F 171 12.07 -45.70 1.25
C ASP F 171 11.46 -45.65 -0.16
N VAL F 172 11.22 -44.44 -0.65
CA VAL F 172 10.66 -44.20 -2.00
C VAL F 172 11.65 -44.49 -3.13
N GLY F 173 12.95 -44.64 -2.84
CA GLY F 173 13.98 -44.83 -3.84
C GLY F 173 14.39 -46.29 -4.06
N GLN F 174 14.40 -47.10 -3.00
CA GLN F 174 14.90 -48.49 -3.01
C GLN F 174 14.06 -49.44 -2.13
N GLY F 175 12.78 -49.12 -1.91
CA GLY F 175 11.87 -49.98 -1.15
C GLY F 175 11.57 -51.32 -1.83
N SER F 176 11.11 -52.30 -1.06
CA SER F 176 10.81 -53.66 -1.56
C SER F 176 9.33 -54.07 -1.47
N VAL F 177 8.47 -53.22 -0.91
CA VAL F 177 7.01 -53.51 -0.80
C VAL F 177 6.29 -53.29 -2.13
N SER F 178 6.80 -52.40 -2.97
CA SER F 178 6.24 -52.06 -4.28
C SER F 178 7.32 -51.44 -5.17
N ILE F 179 6.92 -50.84 -6.29
CA ILE F 179 7.84 -50.18 -7.21
C ILE F 179 8.42 -48.87 -6.61
N PRO F 180 9.58 -48.40 -7.08
CA PRO F 180 10.12 -47.09 -6.69
C PRO F 180 9.10 -45.96 -6.93
N GLY F 181 9.19 -44.89 -6.13
CA GLY F 181 8.23 -43.80 -6.16
C GLY F 181 6.97 -44.04 -5.33
N THR F 182 6.98 -45.04 -4.47
CA THR F 182 5.83 -45.39 -3.63
C THR F 182 6.24 -45.58 -2.18
N MET F 183 5.26 -45.51 -1.30
CA MET F 183 5.40 -45.82 0.12
C MET F 183 4.30 -46.82 0.48
N GLY F 184 4.58 -47.75 1.38
CA GLY F 184 3.61 -48.81 1.63
C GLY F 184 3.82 -49.60 2.90
N ALA F 185 2.92 -50.56 3.10
CA ALA F 185 2.97 -51.51 4.19
C ALA F 185 2.59 -52.91 3.71
N LEU F 186 3.27 -53.92 4.26
CA LEU F 186 3.05 -55.33 3.96
C LEU F 186 2.92 -56.13 5.26
N TYR F 187 1.87 -56.94 5.38
CA TYR F 187 1.70 -57.82 6.54
C TYR F 187 2.50 -59.10 6.36
N ILE F 188 3.44 -59.36 7.27
CA ILE F 188 4.39 -60.46 7.10
C ILE F 188 3.86 -61.70 7.81
N GLU F 189 3.52 -62.72 7.03
CA GLU F 189 2.93 -63.97 7.54
C GLU F 189 3.89 -65.15 7.64
N ARG F 190 4.94 -65.11 6.82
CA ARG F 190 5.94 -66.15 6.66
C ARG F 190 7.31 -65.52 6.44
N PRO F 191 8.40 -66.24 6.73
CA PRO F 191 9.74 -65.79 6.38
C PRO F 191 9.84 -65.42 4.90
N ALA F 192 10.68 -64.45 4.59
CA ALA F 192 11.06 -64.12 3.23
C ALA F 192 11.64 -65.35 2.54
N ASP F 193 11.26 -65.59 1.29
CA ASP F 193 11.97 -66.52 0.41
C ASP F 193 13.41 -66.05 0.21
N VAL F 194 14.33 -67.00 0.09
CA VAL F 194 15.77 -66.72 -0.03
C VAL F 194 16.08 -65.93 -1.31
N GLU F 195 15.44 -66.28 -2.42
CA GLU F 195 15.66 -65.69 -3.74
C GLU F 195 14.74 -64.48 -3.98
N GLU F 196 13.43 -64.63 -3.72
CA GLU F 196 12.42 -63.62 -4.07
C GLU F 196 12.22 -62.54 -2.97
N GLY F 197 12.42 -62.90 -1.70
CA GLY F 197 12.13 -62.01 -0.58
C GLY F 197 10.74 -62.24 0.03
N PHE F 198 10.13 -61.20 0.61
CA PHE F 198 8.81 -61.34 1.22
C PHE F 198 7.73 -61.54 0.17
N SER F 199 6.82 -62.49 0.43
CA SER F 199 5.63 -62.68 -0.40
C SER F 199 4.76 -61.43 -0.37
N ILE F 200 4.64 -60.73 -1.51
CA ILE F 200 3.85 -59.51 -1.65
C ILE F 200 2.37 -59.88 -1.90
N GLN F 201 1.62 -60.06 -0.81
CA GLN F 201 0.17 -60.31 -0.87
C GLN F 201 -0.60 -59.08 -0.38
N ALA F 202 -1.38 -58.48 -1.29
CA ALA F 202 -2.23 -57.31 -1.01
C ALA F 202 -1.53 -56.20 -0.18
N PRO F 203 -0.39 -55.65 -0.66
CA PRO F 203 0.28 -54.56 0.03
C PRO F 203 -0.61 -53.32 0.05
N LEU F 204 -0.55 -52.53 1.12
CA LEU F 204 -1.08 -51.18 1.13
C LEU F 204 -0.03 -50.26 0.51
N VAL F 205 -0.36 -49.59 -0.60
CA VAL F 205 0.60 -48.75 -1.33
C VAL F 205 -0.01 -47.39 -1.64
N TYR F 206 0.78 -46.34 -1.46
CA TYR F 206 0.45 -44.96 -1.80
C TYR F 206 1.41 -44.41 -2.84
N HIS F 207 0.87 -43.56 -3.70
CA HIS F 207 1.64 -42.85 -4.71
C HIS F 207 2.42 -41.70 -4.07
N PHE F 208 3.75 -41.69 -4.24
CA PHE F 208 4.58 -40.51 -3.99
C PHE F 208 5.11 -39.89 -5.29
N GLY F 209 5.40 -40.72 -6.30
CA GLY F 209 5.72 -40.31 -7.67
C GLY F 209 7.19 -40.03 -7.97
N SER F 210 8.09 -40.08 -7.00
CA SER F 210 9.52 -39.74 -7.17
C SER F 210 10.44 -40.62 -6.34
N THR F 211 11.69 -40.81 -6.76
CA THR F 211 12.67 -41.66 -6.06
C THR F 211 13.37 -40.96 -4.89
N THR F 212 12.97 -39.73 -4.54
CA THR F 212 13.55 -38.99 -3.40
C THR F 212 12.49 -38.16 -2.67
N PRO F 213 12.42 -38.21 -1.33
CA PRO F 213 11.47 -37.38 -0.57
C PRO F 213 11.63 -35.88 -0.81
N GLY F 214 12.83 -35.45 -1.22
CA GLY F 214 13.16 -34.04 -1.44
C GLY F 214 12.35 -33.37 -2.55
N THR F 215 11.71 -34.12 -3.47
CA THR F 215 10.84 -33.52 -4.49
C THR F 215 9.55 -32.94 -3.89
N ASN F 216 9.02 -33.55 -2.82
CA ASN F 216 7.78 -33.10 -2.19
C ASN F 216 7.68 -33.58 -0.73
N ILE F 217 8.38 -32.90 0.17
CA ILE F 217 8.47 -33.34 1.57
C ILE F 217 7.12 -33.31 2.31
N LYS F 218 6.23 -32.40 1.93
CA LYS F 218 4.88 -32.33 2.51
C LYS F 218 4.04 -33.55 2.12
N LEU F 219 4.07 -33.94 0.85
CA LEU F 219 3.42 -35.17 0.41
C LEU F 219 4.00 -36.40 1.10
N TYR F 220 5.32 -36.49 1.19
CA TYR F 220 6.00 -37.60 1.88
C TYR F 220 5.53 -37.74 3.34
N ASN F 221 5.50 -36.63 4.10
CA ASN F 221 5.03 -36.62 5.48
C ASN F 221 3.53 -36.94 5.58
N LYS F 222 2.73 -36.44 4.64
CA LYS F 222 1.29 -36.69 4.58
C LYS F 222 0.98 -38.19 4.36
N ILE F 223 1.68 -38.83 3.43
CA ILE F 223 1.58 -40.28 3.19
C ILE F 223 2.08 -41.08 4.39
N THR F 224 3.16 -40.63 5.04
CA THR F 224 3.68 -41.25 6.27
C THR F 224 2.62 -41.28 7.37
N SER F 225 1.95 -40.16 7.62
CA SER F 225 0.83 -40.08 8.58
C SER F 225 -0.33 -40.98 8.17
N ARG F 226 -0.69 -40.98 6.89
CA ARG F 226 -1.77 -41.84 6.38
C ARG F 226 -1.47 -43.33 6.57
N LEU F 227 -0.23 -43.77 6.33
CA LEU F 227 0.21 -45.15 6.59
C LEU F 227 0.11 -45.50 8.07
N ALA F 228 0.47 -44.58 8.97
CA ALA F 228 0.34 -44.78 10.41
C ALA F 228 -1.13 -44.91 10.84
N ASP F 229 -2.02 -44.06 10.32
CA ASP F 229 -3.45 -44.10 10.61
C ASP F 229 -4.06 -45.43 10.17
N VAL F 230 -3.78 -45.89 8.95
CA VAL F 230 -4.33 -47.16 8.44
C VAL F 230 -3.72 -48.36 9.18
N PHE F 231 -2.45 -48.28 9.58
CA PHE F 231 -1.83 -49.29 10.44
C PHE F 231 -2.54 -49.37 11.81
N ASN F 232 -2.86 -48.22 12.43
CA ASN F 232 -3.60 -48.17 13.68
C ASN F 232 -4.99 -48.79 13.55
N GLN F 233 -5.73 -48.46 12.50
CA GLN F 233 -7.04 -49.07 12.20
C GLN F 233 -6.93 -50.59 12.06
N ARG F 234 -5.87 -51.09 11.40
CA ARG F 234 -5.61 -52.53 11.32
C ARG F 234 -5.34 -53.13 12.70
N CYS F 235 -4.59 -52.46 13.57
CA CYS F 235 -4.31 -52.93 14.92
C CYS F 235 -5.56 -53.01 15.79
N GLU F 236 -6.54 -52.12 15.61
CA GLU F 236 -7.82 -52.14 16.33
C GLU F 236 -8.65 -53.40 16.02
N VAL F 237 -8.66 -53.84 14.76
CA VAL F 237 -9.45 -55.01 14.32
C VAL F 237 -8.68 -56.32 14.30
N ASN F 238 -7.35 -56.27 14.31
CA ASN F 238 -6.48 -57.45 14.24
C ASN F 238 -5.49 -57.46 15.41
N ARG F 239 -5.91 -58.13 16.49
CA ARG F 239 -5.10 -58.30 17.72
C ARG F 239 -3.72 -58.88 17.43
N ARG F 240 -3.62 -59.86 16.51
CA ARG F 240 -2.34 -60.50 16.18
C ARG F 240 -1.37 -59.51 15.51
N ALA F 241 -1.87 -58.66 14.61
CA ALA F 241 -1.07 -57.58 14.03
C ALA F 241 -0.67 -56.54 15.09
N SER F 242 -1.61 -56.15 15.96
CA SER F 242 -1.37 -55.21 17.07
C SER F 242 -0.24 -55.66 17.98
N VAL F 243 -0.32 -56.86 18.56
CA VAL F 243 0.70 -57.44 19.46
C VAL F 243 2.04 -57.66 18.76
N SER F 244 2.02 -57.92 17.45
CA SER F 244 3.25 -58.14 16.70
C SER F 244 4.02 -56.85 16.41
N GLY F 245 3.31 -55.73 16.35
CA GLY F 245 3.87 -54.42 16.06
C GLY F 245 4.28 -54.24 14.61
N CYS F 246 5.20 -53.30 14.36
CA CYS F 246 5.71 -53.03 13.01
C CYS F 246 7.22 -52.79 12.99
N VAL F 247 7.81 -52.99 11.81
CA VAL F 247 9.19 -52.63 11.50
C VAL F 247 9.16 -51.64 10.34
N ILE F 248 9.72 -50.46 10.54
CA ILE F 248 9.64 -49.33 9.61
C ILE F 248 11.03 -49.12 8.99
N ASN F 249 11.17 -49.40 7.70
CA ASN F 249 12.34 -49.01 6.91
C ASN F 249 12.19 -47.56 6.44
N THR F 250 13.31 -46.82 6.42
CA THR F 250 13.34 -45.40 6.12
C THR F 250 14.30 -45.06 5.00
N CYS F 251 14.10 -43.90 4.36
CA CYS F 251 15.06 -43.35 3.41
C CYS F 251 16.45 -43.13 4.04
N GLY F 252 17.50 -43.25 3.24
CA GLY F 252 18.88 -42.90 3.66
C GLY F 252 19.17 -41.40 3.81
N TRP F 253 18.16 -40.53 3.72
CA TRP F 253 18.32 -39.09 3.83
C TRP F 253 18.13 -38.63 5.27
N VAL F 254 19.26 -38.44 5.97
CA VAL F 254 19.32 -38.27 7.43
C VAL F 254 19.68 -36.85 7.88
N LYS F 255 19.73 -35.88 6.97
CA LYS F 255 20.13 -34.49 7.24
C LYS F 255 19.06 -33.52 6.78
N GLY F 256 18.98 -32.35 7.41
CA GLY F 256 18.05 -31.28 7.02
C GLY F 256 16.61 -31.76 7.02
N SER F 257 15.87 -31.54 5.92
CA SER F 257 14.49 -32.00 5.78
C SER F 257 14.34 -33.52 5.88
N GLY F 258 15.38 -34.30 5.51
CA GLY F 258 15.38 -35.74 5.70
C GLY F 258 15.36 -36.14 7.18
N TYR F 259 16.13 -35.43 8.03
CA TYR F 259 16.07 -35.62 9.48
C TYR F 259 14.69 -35.29 10.04
N GLN F 260 14.10 -34.17 9.61
CA GLN F 260 12.76 -33.77 10.03
C GLN F 260 11.68 -34.80 9.63
N ALA F 261 11.84 -35.44 8.47
CA ALA F 261 10.96 -36.53 8.04
C ALA F 261 11.09 -37.79 8.93
N LEU F 262 12.29 -38.08 9.46
CA LEU F 262 12.46 -39.17 10.43
C LEU F 262 11.77 -38.86 11.76
N VAL F 263 11.87 -37.63 12.24
CA VAL F 263 11.16 -37.17 13.45
C VAL F 263 9.64 -37.22 13.25
N HIS F 264 9.16 -36.78 12.08
CA HIS F 264 7.75 -36.88 11.71
C HIS F 264 7.28 -38.34 11.68
N ALA F 265 8.04 -39.25 11.06
CA ALA F 265 7.70 -40.68 11.02
C ALA F 265 7.68 -41.30 12.43
N ALA F 266 8.66 -40.97 13.28
CA ALA F 266 8.70 -41.41 14.67
C ALA F 266 7.45 -41.00 15.45
N SER F 267 7.03 -39.75 15.28
CA SER F 267 5.82 -39.21 15.92
C SER F 267 4.55 -39.84 15.34
N ALA F 268 4.42 -39.90 14.02
CA ALA F 268 3.22 -40.38 13.34
C ALA F 268 2.94 -41.86 13.67
N PHE F 269 3.98 -42.68 13.67
CA PHE F 269 3.87 -44.09 14.06
C PHE F 269 3.93 -44.30 15.58
N GLU F 270 4.15 -43.27 16.40
CA GLU F 270 4.34 -43.40 17.85
C GLU F 270 5.35 -44.51 18.20
N VAL F 271 6.55 -44.41 17.63
CA VAL F 271 7.57 -45.48 17.70
C VAL F 271 8.05 -45.70 19.13
N ASP F 272 8.23 -46.96 19.51
CA ASP F 272 8.73 -47.33 20.84
C ASP F 272 10.26 -47.50 20.84
N VAL F 273 10.80 -47.92 19.68
CA VAL F 273 12.22 -48.21 19.50
C VAL F 273 12.72 -47.62 18.20
N VAL F 274 13.85 -46.92 18.25
CA VAL F 274 14.57 -46.43 17.07
C VAL F 274 15.94 -47.10 17.02
N VAL F 275 16.19 -47.84 15.95
CA VAL F 275 17.45 -48.52 15.66
C VAL F 275 18.24 -47.65 14.68
N VAL F 276 19.30 -47.03 15.16
CA VAL F 276 20.21 -46.20 14.37
C VAL F 276 21.38 -47.06 13.91
N LEU F 277 21.61 -47.14 12.60
CA LEU F 277 22.71 -47.90 12.01
C LEU F 277 23.89 -46.99 11.67
N ASP F 278 25.06 -47.30 12.23
CA ASP F 278 26.39 -46.79 11.83
C ASP F 278 26.51 -45.25 11.79
N GLN F 279 25.76 -44.52 12.62
CA GLN F 279 25.80 -43.06 12.62
C GLN F 279 25.55 -42.44 14.00
N GLU F 280 26.63 -42.20 14.74
CA GLU F 280 26.58 -41.63 16.10
C GLU F 280 25.93 -40.25 16.17
N ARG F 281 26.20 -39.39 15.19
CA ARG F 281 25.60 -38.05 15.15
C ARG F 281 24.06 -38.14 15.11
N LEU F 282 23.54 -38.98 14.21
CA LEU F 282 22.10 -39.20 14.08
C LEU F 282 21.52 -39.81 15.36
N TYR F 283 22.24 -40.74 15.98
CA TYR F 283 21.86 -41.32 17.27
C TYR F 283 21.68 -40.25 18.35
N ASN F 284 22.66 -39.34 18.49
CA ASN F 284 22.59 -38.30 19.50
C ASN F 284 21.51 -37.25 19.18
N GLU F 285 21.31 -36.90 17.91
CA GLU F 285 20.23 -35.99 17.48
C GLU F 285 18.85 -36.60 17.80
N LEU F 286 18.59 -37.84 17.42
CA LEU F 286 17.31 -38.51 17.68
C LEU F 286 17.05 -38.75 19.17
N LYS F 287 18.08 -39.15 19.93
CA LYS F 287 17.96 -39.34 21.38
C LYS F 287 17.62 -38.04 22.12
N ARG F 288 18.08 -36.89 21.60
CA ARG F 288 17.79 -35.57 22.16
C ARG F 288 16.39 -35.09 21.78
N ASP F 289 15.99 -35.29 20.53
CA ASP F 289 14.79 -34.66 19.97
C ASP F 289 13.53 -35.53 20.07
N LEU F 290 13.66 -36.85 20.27
CA LEU F 290 12.53 -37.76 20.50
C LEU F 290 12.13 -37.81 21.99
N PRO F 291 10.87 -38.15 22.30
CA PRO F 291 10.42 -38.31 23.68
C PRO F 291 11.24 -39.35 24.47
N HIS F 292 11.43 -39.12 25.76
CA HIS F 292 12.25 -39.95 26.65
C HIS F 292 11.82 -41.43 26.72
N PHE F 293 10.56 -41.74 26.43
CA PHE F 293 10.07 -43.12 26.42
C PHE F 293 10.55 -43.91 25.18
N VAL F 294 10.98 -43.21 24.11
CA VAL F 294 11.45 -43.84 22.88
C VAL F 294 12.86 -44.37 23.08
N ARG F 295 13.02 -45.69 23.01
CA ARG F 295 14.32 -46.36 23.18
C ARG F 295 15.15 -46.21 21.91
N THR F 296 16.17 -45.36 21.95
CA THR F 296 17.12 -45.20 20.85
C THR F 296 18.32 -46.10 21.04
N VAL F 297 18.60 -46.98 20.08
CA VAL F 297 19.71 -47.96 20.08
C VAL F 297 20.62 -47.69 18.90
N LEU F 298 21.93 -47.64 19.14
CA LEU F 298 22.95 -47.57 18.09
C LEU F 298 23.47 -48.97 17.82
N LEU F 299 23.42 -49.40 16.55
CA LEU F 299 24.00 -50.66 16.10
C LEU F 299 25.06 -50.41 15.01
N PRO F 300 26.14 -51.20 14.97
CA PRO F 300 27.07 -51.17 13.86
C PRO F 300 26.43 -51.72 12.59
N LYS F 301 26.91 -51.26 11.43
CA LYS F 301 26.61 -51.94 10.16
C LYS F 301 27.43 -53.24 10.05
N SER F 302 26.96 -54.19 9.24
CA SER F 302 27.78 -55.35 8.89
C SER F 302 28.98 -54.93 8.04
N GLY F 303 30.15 -55.52 8.29
CA GLY F 303 31.33 -55.36 7.43
C GLY F 303 31.12 -55.91 6.01
N GLY F 304 30.03 -56.64 5.76
CA GLY F 304 29.62 -57.10 4.43
C GLY F 304 28.69 -56.15 3.69
N VAL F 305 28.42 -54.96 4.24
CA VAL F 305 27.64 -53.94 3.54
C VAL F 305 28.46 -53.35 2.40
N VAL F 306 27.84 -53.31 1.22
CA VAL F 306 28.49 -52.82 0.00
C VAL F 306 27.92 -51.47 -0.38
N GLU F 307 28.81 -50.53 -0.69
CA GLU F 307 28.43 -49.23 -1.23
C GLU F 307 27.89 -49.39 -2.65
N ARG F 308 26.74 -48.78 -2.92
CA ARG F 308 26.05 -48.93 -4.20
C ARG F 308 26.19 -47.67 -5.02
N SER F 309 26.76 -47.80 -6.22
CA SER F 309 26.86 -46.72 -7.19
C SER F 309 25.47 -46.19 -7.59
N LYS F 310 25.43 -44.98 -8.15
CA LYS F 310 24.18 -44.39 -8.67
C LYS F 310 23.57 -45.24 -9.79
N ASP F 311 24.41 -45.83 -10.63
CA ASP F 311 24.00 -46.68 -11.75
C ASP F 311 23.44 -48.01 -11.25
N PHE F 312 24.11 -48.69 -10.32
CA PHE F 312 23.59 -49.91 -9.68
C PHE F 312 22.21 -49.65 -9.06
N ARG F 313 22.06 -48.52 -8.35
CA ARG F 313 20.76 -48.12 -7.79
C ARG F 313 19.70 -47.90 -8.88
N ARG F 314 20.07 -47.35 -10.04
CA ARG F 314 19.16 -47.16 -11.16
C ARG F 314 18.73 -48.51 -11.74
N GLU F 315 19.69 -49.41 -11.96
CA GLU F 315 19.42 -50.77 -12.44
C GLU F 315 18.49 -51.55 -11.50
N CYS F 316 18.72 -51.50 -10.18
CA CYS F 316 17.82 -52.13 -9.21
C CYS F 316 16.39 -51.58 -9.27
N ARG F 317 16.22 -50.28 -9.52
CA ARG F 317 14.89 -49.67 -9.68
C ARG F 317 14.22 -50.18 -10.96
N ASP F 318 14.95 -50.20 -12.06
CA ASP F 318 14.45 -50.69 -13.34
C ASP F 318 14.08 -52.18 -13.25
N GLU F 319 14.88 -52.99 -12.54
CA GLU F 319 14.59 -54.41 -12.29
C GLU F 319 13.37 -54.60 -11.40
N ARG F 320 13.21 -53.80 -10.33
CA ARG F 320 12.01 -53.86 -9.48
C ARG F 320 10.73 -53.52 -10.25
N ILE F 321 10.80 -52.54 -11.16
CA ILE F 321 9.66 -52.20 -12.03
C ILE F 321 9.39 -53.33 -13.02
N ARG F 322 10.43 -53.93 -13.61
CA ARG F 322 10.29 -55.08 -14.50
C ARG F 322 9.66 -56.27 -13.79
N GLU F 323 10.14 -56.63 -12.61
CA GLU F 323 9.59 -57.71 -11.78
C GLU F 323 8.11 -57.48 -11.46
N TYR F 324 7.66 -56.23 -11.31
CA TYR F 324 6.24 -55.93 -11.13
C TYR F 324 5.37 -56.34 -12.34
N PHE F 325 5.84 -56.12 -13.57
CA PHE F 325 5.09 -56.45 -14.79
C PHE F 325 5.29 -57.91 -15.24
N TYR F 326 6.50 -58.43 -15.07
CA TYR F 326 6.94 -59.71 -15.62
C TYR F 326 7.08 -60.81 -14.56
N GLY F 327 6.92 -60.47 -13.28
CA GLY F 327 7.09 -61.41 -12.17
C GLY F 327 8.55 -61.80 -11.92
N PHE F 328 8.76 -62.53 -10.84
CA PHE F 328 10.07 -63.08 -10.50
C PHE F 328 10.52 -64.05 -11.61
N ARG F 329 11.63 -63.71 -12.28
CA ARG F 329 12.18 -64.46 -13.44
C ARG F 329 11.20 -64.63 -14.62
N GLY F 330 10.32 -63.66 -14.86
CA GLY F 330 9.49 -63.68 -16.09
C GLY F 330 8.29 -64.62 -16.04
N CYS F 331 7.77 -64.94 -14.84
CA CYS F 331 6.63 -65.84 -14.68
C CYS F 331 5.26 -65.22 -15.02
N PHE F 332 5.19 -63.89 -15.21
CA PHE F 332 3.97 -63.17 -15.62
C PHE F 332 4.05 -62.72 -17.08
N TYR F 333 2.87 -62.59 -17.69
CA TYR F 333 2.69 -62.13 -19.06
C TYR F 333 1.84 -60.86 -19.04
N PRO F 334 2.45 -59.66 -19.01
CA PRO F 334 1.70 -58.42 -18.97
C PRO F 334 0.93 -58.19 -20.28
N HIS F 335 -0.10 -57.35 -20.21
CA HIS F 335 -1.02 -57.07 -21.29
C HIS F 335 -0.75 -55.69 -21.89
N ALA F 336 -0.72 -55.62 -23.21
CA ALA F 336 -0.71 -54.37 -23.95
C ALA F 336 -2.10 -54.06 -24.52
N PHE F 337 -2.63 -52.87 -24.22
CA PHE F 337 -3.92 -52.42 -24.77
C PHE F 337 -4.05 -50.90 -24.79
N ASN F 338 -4.99 -50.40 -25.61
CA ASN F 338 -5.28 -48.98 -25.72
C ASN F 338 -6.27 -48.53 -24.66
N VAL F 339 -6.02 -47.35 -24.10
CA VAL F 339 -6.89 -46.63 -23.17
C VAL F 339 -7.25 -45.29 -23.81
N LYS F 340 -8.53 -44.95 -23.87
CA LYS F 340 -8.98 -43.67 -24.43
C LYS F 340 -8.73 -42.55 -23.43
N PHE F 341 -8.40 -41.37 -23.94
CA PHE F 341 -8.21 -40.18 -23.10
C PHE F 341 -9.48 -39.84 -22.30
N SER F 342 -10.66 -40.09 -22.88
CA SER F 342 -11.96 -39.88 -22.24
C SER F 342 -12.26 -40.80 -21.05
N ASP F 343 -11.62 -41.97 -20.99
CA ASP F 343 -11.97 -43.03 -20.05
C ASP F 343 -11.25 -42.84 -18.70
N VAL F 344 -10.28 -41.92 -18.63
CA VAL F 344 -9.42 -41.72 -17.46
C VAL F 344 -9.23 -40.24 -17.14
N LYS F 345 -8.89 -39.96 -15.89
CA LYS F 345 -8.45 -38.65 -15.42
C LYS F 345 -7.05 -38.77 -14.84
N ILE F 346 -6.12 -38.02 -15.39
CA ILE F 346 -4.70 -38.09 -15.03
C ILE F 346 -4.33 -36.84 -14.23
N TYR F 347 -3.65 -37.05 -13.12
CA TYR F 347 -3.19 -35.96 -12.25
C TYR F 347 -1.72 -36.14 -11.88
N LYS F 348 -1.06 -35.03 -11.60
CA LYS F 348 0.23 -34.96 -10.91
C LYS F 348 0.03 -34.32 -9.55
N VAL F 349 0.66 -34.88 -8.51
CA VAL F 349 0.61 -34.30 -7.16
C VAL F 349 1.73 -33.27 -7.01
N LEU F 372 -3.51 -31.15 -6.58
CA LEU F 372 -3.68 -32.01 -7.73
C LEU F 372 -3.72 -31.17 -9.01
N VAL F 373 -2.79 -31.42 -9.92
CA VAL F 373 -2.71 -30.75 -11.22
C VAL F 373 -3.20 -31.73 -12.29
N PRO F 374 -4.30 -31.43 -13.00
CA PRO F 374 -4.73 -32.24 -14.14
C PRO F 374 -3.64 -32.27 -15.22
N VAL F 375 -3.38 -33.45 -15.77
CA VAL F 375 -2.41 -33.66 -16.83
C VAL F 375 -3.16 -34.03 -18.10
N THR F 376 -3.02 -33.20 -19.14
CA THR F 376 -3.56 -33.53 -20.46
C THR F 376 -2.71 -34.63 -21.09
N PRO F 377 -3.31 -35.74 -21.57
CA PRO F 377 -2.55 -36.79 -22.24
C PRO F 377 -1.79 -36.27 -23.45
N GLY F 378 -0.49 -36.57 -23.50
CA GLY F 378 0.44 -36.06 -24.50
C GLY F 378 1.61 -37.00 -24.75
N ARG F 379 2.38 -36.76 -25.82
CA ARG F 379 3.56 -37.59 -26.20
C ARG F 379 4.66 -37.60 -25.13
N ASP F 380 4.68 -36.59 -24.27
CA ASP F 380 5.58 -36.49 -23.12
C ASP F 380 5.31 -37.56 -22.06
N MET F 381 4.11 -38.14 -22.01
CA MET F 381 3.77 -39.23 -21.09
C MET F 381 4.41 -40.57 -21.44
N VAL F 382 4.92 -40.73 -22.67
CA VAL F 382 5.54 -41.99 -23.10
C VAL F 382 6.63 -42.41 -22.11
N HIS F 383 6.60 -43.69 -21.76
CA HIS F 383 7.43 -44.38 -20.78
C HIS F 383 7.20 -43.99 -19.31
N HIS F 384 6.30 -43.06 -18.98
CA HIS F 384 5.99 -42.78 -17.58
C HIS F 384 5.13 -43.88 -16.96
N LEU F 385 5.44 -44.18 -15.69
CA LEU F 385 4.58 -45.00 -14.84
C LEU F 385 3.39 -44.17 -14.34
N LEU F 386 2.22 -44.79 -14.32
CA LEU F 386 1.00 -44.25 -13.74
C LEU F 386 0.53 -45.17 -12.61
N SER F 387 0.23 -44.60 -11.44
CA SER F 387 -0.48 -45.29 -10.37
C SER F 387 -1.98 -45.29 -10.67
N VAL F 388 -2.61 -46.45 -10.60
CA VAL F 388 -4.06 -46.62 -10.69
C VAL F 388 -4.66 -46.44 -9.30
N SER F 389 -5.24 -45.27 -9.01
CA SER F 389 -5.81 -44.96 -7.69
C SER F 389 -7.10 -45.74 -7.44
N THR F 390 -7.33 -46.18 -6.20
CA THR F 390 -8.57 -46.86 -5.81
C THR F 390 -9.78 -45.93 -5.66
N SER F 402 -5.22 -45.16 -1.65
CA SER F 402 -4.30 -46.25 -2.00
C SER F 402 -4.30 -46.55 -3.51
N VAL F 403 -3.28 -47.27 -3.94
CA VAL F 403 -3.07 -47.64 -5.34
C VAL F 403 -3.46 -49.10 -5.56
N ALA F 404 -4.27 -49.37 -6.57
CA ALA F 404 -4.66 -50.71 -7.00
C ALA F 404 -3.55 -51.42 -7.78
N GLY F 405 -2.70 -50.66 -8.47
CA GLY F 405 -1.60 -51.16 -9.26
C GLY F 405 -0.97 -50.07 -10.12
N PHE F 406 -0.09 -50.47 -11.02
CA PHE F 406 0.67 -49.56 -11.87
C PHE F 406 0.59 -50.00 -13.34
N ILE F 407 0.67 -49.02 -14.22
CA ILE F 407 0.75 -49.21 -15.66
C ILE F 407 1.85 -48.32 -16.20
N VAL F 408 2.44 -48.67 -17.34
CA VAL F 408 3.38 -47.79 -18.05
C VAL F 408 2.81 -47.45 -19.42
N VAL F 409 2.88 -46.18 -19.80
CA VAL F 409 2.49 -45.72 -21.13
C VAL F 409 3.58 -46.09 -22.12
N THR F 410 3.28 -46.88 -23.14
CA THR F 410 4.28 -47.31 -24.14
C THR F 410 4.22 -46.49 -25.42
N SER F 411 3.05 -45.97 -25.78
CA SER F 411 2.86 -45.09 -26.93
C SER F 411 1.63 -44.19 -26.74
N VAL F 412 1.56 -43.09 -27.50
CA VAL F 412 0.45 -42.14 -27.47
C VAL F 412 0.04 -41.79 -28.91
N ASP F 413 -1.22 -42.00 -29.23
CA ASP F 413 -1.86 -41.64 -30.50
C ASP F 413 -2.80 -40.46 -30.26
N LEU F 414 -2.40 -39.29 -30.74
CA LEU F 414 -3.16 -38.05 -30.59
C LEU F 414 -4.33 -37.95 -31.58
N GLU F 415 -4.26 -38.64 -32.72
CA GLU F 415 -5.30 -38.62 -33.75
C GLU F 415 -6.52 -39.41 -33.25
N HIS F 416 -6.29 -40.59 -32.71
CA HIS F 416 -7.34 -41.43 -32.14
C HIS F 416 -7.64 -41.13 -30.67
N GLN F 417 -6.90 -40.20 -30.03
CA GLN F 417 -7.01 -39.87 -28.61
C GLN F 417 -6.93 -41.09 -27.68
N VAL F 418 -5.94 -41.95 -27.93
CA VAL F 418 -5.65 -43.14 -27.12
C VAL F 418 -4.18 -43.19 -26.74
N PHE F 419 -3.87 -43.82 -25.63
CA PHE F 419 -2.51 -44.22 -25.30
C PHE F 419 -2.47 -45.74 -25.08
N THR F 420 -1.39 -46.38 -25.53
CA THR F 420 -1.15 -47.80 -25.28
C THR F 420 -0.45 -47.94 -23.94
N VAL F 421 -0.90 -48.89 -23.13
CA VAL F 421 -0.31 -49.21 -21.83
C VAL F 421 0.21 -50.63 -21.80
N LEU F 422 1.25 -50.86 -21.01
CA LEU F 422 1.57 -52.18 -20.47
C LEU F 422 0.97 -52.27 -19.06
N SER F 423 0.24 -53.35 -18.78
CA SER F 423 -0.50 -53.56 -17.54
C SER F 423 -0.34 -55.00 -17.06
N PRO F 424 -0.18 -55.26 -15.75
CA PRO F 424 -0.14 -56.62 -15.22
C PRO F 424 -1.50 -57.35 -15.32
N ALA F 425 -2.59 -56.60 -15.52
CA ALA F 425 -3.95 -57.13 -15.69
C ALA F 425 -4.53 -56.75 -17.06
N PRO F 426 -5.42 -57.57 -17.65
CA PRO F 426 -6.04 -57.25 -18.93
C PRO F 426 -6.99 -56.05 -18.81
N ARG F 427 -7.39 -55.51 -19.96
CA ARG F 427 -8.44 -54.47 -20.04
C ARG F 427 -9.78 -54.97 -19.47
N PRO F 428 -10.65 -54.06 -18.96
CA PRO F 428 -10.42 -52.63 -18.76
C PRO F 428 -9.54 -52.35 -17.53
N LEU F 429 -9.02 -51.12 -17.40
CA LEU F 429 -8.43 -50.70 -16.14
C LEU F 429 -9.47 -50.79 -15.01
N PRO F 430 -9.08 -51.22 -13.79
CA PRO F 430 -10.04 -51.40 -12.70
C PRO F 430 -10.61 -50.08 -12.16
N LYS F 431 -9.91 -48.96 -12.39
CA LYS F 431 -10.26 -47.60 -11.94
C LYS F 431 -9.83 -46.58 -12.99
N ASN F 432 -10.43 -45.39 -12.95
CA ASN F 432 -10.25 -44.32 -13.94
C ASN F 432 -9.39 -43.15 -13.47
N PHE F 433 -8.98 -43.11 -12.19
CA PHE F 433 -8.09 -42.08 -11.65
C PHE F 433 -6.64 -42.54 -11.71
N LEU F 434 -5.80 -41.80 -12.43
CA LEU F 434 -4.39 -42.10 -12.64
C LEU F 434 -3.51 -40.98 -12.08
N LEU F 435 -2.42 -41.36 -11.40
CA LEU F 435 -1.40 -40.43 -10.91
C LEU F 435 -0.08 -40.66 -11.66
N ILE F 436 0.41 -39.64 -12.36
CA ILE F 436 1.66 -39.74 -13.12
C ILE F 436 2.88 -39.64 -12.19
N MET F 437 3.82 -40.56 -12.35
CA MET F 437 5.12 -40.53 -11.67
C MET F 437 6.15 -39.77 -12.50
N ASP F 438 7.17 -39.20 -11.86
CA ASP F 438 8.39 -38.70 -12.50
C ASP F 438 9.37 -39.83 -12.88
N ILE F 439 8.91 -41.08 -12.73
CA ILE F 439 9.68 -42.29 -12.98
C ILE F 439 9.27 -42.86 -14.34
N ARG F 440 10.28 -43.18 -15.15
CA ARG F 440 10.10 -43.79 -16.46
C ARG F 440 10.60 -45.21 -16.47
N PHE F 441 9.93 -46.04 -17.25
CA PHE F 441 10.31 -47.42 -17.52
C PHE F 441 10.24 -47.68 -19.02
N MET F 442 11.36 -48.11 -19.58
CA MET F 442 11.42 -48.59 -20.96
C MET F 442 11.60 -50.09 -20.93
#